data_8X77
#
_entry.id   8X77
#
_cell.length_a   148.954
_cell.length_b   57.479
_cell.length_c   198.622
_cell.angle_alpha   90.000
_cell.angle_beta   110.880
_cell.angle_gamma   90.000
#
_symmetry.space_group_name_H-M   'P 1 21 1'
#
loop_
_entity.id
_entity.type
_entity.pdbx_description
1 polymer 'Actin-histidine N-methyltransferase'
2 polymer '2A protein'
3 non-polymer S-ADENOSYL-L-HOMOCYSTEINE
4 non-polymer 'ZINC ION'
5 water water
#
loop_
_entity_poly.entity_id
_entity_poly.type
_entity_poly.pdbx_seq_one_letter_code
_entity_poly.pdbx_strand_id
1 'polypeptide(L)'
;MGKKSRVKTQKSGTGATATVSPKEILNLTSELLQKCSSPAPGPGKEWEEYVQIRTLVEKIRKKQKGLSVTFDGKREDYFP
DLMKWASENGASVEGFEMVNFKEEGFGLRATRDIKAEELFLWVPRKLLMTVESAKNSVLGPLYSQDRILQAMGNIALAFH
LLCERASPNSFWQPYIQTLPSEYDTPLYFEEDEVRYLQSTQAIHDVFSQYKNTARQYAYFYKVIQTHPHANKLPLKDSFT
YEDYRWAVSSVMTRQNQIPTEDGSRVTLALIPLWDMCNHTNGLITTGYNLEDDRCECVALQDFRAGEQIYIFYGTRSNAE
FVIHSGFFFDNNSHDRVKIKLGVSKSDRLYAMKAEVLARAGIPTSSVFALHFTEPPISAQLLAFLRVFCMTEEELKEHLL
GDSAIDRIFTLGNSEFPVSWDNEVKLWTFLEDRASLLLKTYKTTIEEDKSVLKNHDLSVRAKMAIKLRLGEKEILEKAVK
SAAVNREYYRQQMEEKAPLPKYEESNLGLLESSVGDSRLPLVLRNLEEEAGVQDALNIREAISKAKATENGLVNGENSIP
NGTRSENESLNQESKRAVEDAKGSSSDSTAGVKE
;
B,D,G,A
2 'polypeptide(L)'
;GKFGQQSGAIYVGNFRVVNRHLATHNDWANLVWEDSSRDLLVSSTTAQGCDTIARCNCQTGVYYCNSRRKHYPVSFSKPS
LIYVEASEYYPARYQSHLMLAQGHSEPGDAGGILRCQHGVVGIVSTGGNGLVGFADVRDLLWLDEEAMEQ
;
F,E,H,C
#
loop_
_chem_comp.id
_chem_comp.type
_chem_comp.name
_chem_comp.formula
SAH non-polymer S-ADENOSYL-L-HOMOCYSTEINE 'C14 H20 N6 O5 S'
ZN non-polymer 'ZINC ION' 'Zn 2'
#
# COMPACT_ATOMS: atom_id res chain seq x y z
N SER A 21 -18.52 22.57 26.54
CA SER A 21 -17.42 23.19 27.31
C SER A 21 -16.54 22.07 27.89
N PRO A 22 -15.25 21.96 27.52
CA PRO A 22 -14.25 22.93 27.89
C PRO A 22 -14.04 24.07 26.88
N LYS A 23 -13.28 25.05 27.32
CA LYS A 23 -12.96 26.19 26.46
C LYS A 23 -11.46 26.22 26.24
N GLU A 24 -10.77 25.14 26.59
CA GLU A 24 -9.32 25.06 26.25
C GLU A 24 -9.33 25.10 24.75
N ILE A 25 -10.26 24.37 24.14
CA ILE A 25 -10.35 24.32 22.67
C ILE A 25 -10.62 25.74 22.21
N LEU A 26 -11.45 26.47 22.93
CA LEU A 26 -11.80 27.83 22.48
C LEU A 26 -10.51 28.64 22.50
N ASN A 27 -9.65 28.42 23.48
CA ASN A 27 -8.36 29.16 23.54
C ASN A 27 -7.42 28.66 22.46
N LEU A 28 -7.42 27.35 22.23
CA LEU A 28 -6.57 26.76 21.17
C LEU A 28 -7.03 27.26 19.80
N THR A 29 -8.34 27.35 19.57
CA THR A 29 -8.91 27.91 18.33
C THR A 29 -8.66 29.41 18.24
N SER A 30 -8.83 30.17 19.32
CA SER A 30 -8.52 31.62 19.32
C SER A 30 -7.17 31.92 18.63
N GLU A 31 -6.12 31.17 18.95
CA GLU A 31 -4.77 31.32 18.33
C GLU A 31 -4.81 30.94 16.86
N LEU A 32 -5.55 29.88 16.51
CA LEU A 32 -5.57 29.42 15.11
C LEU A 32 -6.13 30.53 14.25
N LEU A 33 -7.16 31.21 14.73
CA LEU A 33 -7.74 32.23 13.84
C LEU A 33 -6.64 33.24 13.59
N GLN A 34 -5.99 33.71 14.65
CA GLN A 34 -5.01 34.80 14.48
C GLN A 34 -3.83 34.36 13.64
N LYS A 35 -3.32 33.16 13.88
CA LYS A 35 -2.10 32.76 13.17
C LYS A 35 -2.50 32.54 11.72
N CYS A 36 -3.60 31.82 11.55
CA CYS A 36 -4.04 31.61 10.17
C CYS A 36 -4.53 32.89 9.50
N SER A 37 -4.80 33.93 10.29
CA SER A 37 -5.17 35.24 9.77
C SER A 37 -3.99 36.04 9.25
N SER A 38 -2.78 35.49 9.30
CA SER A 38 -1.59 36.18 8.84
C SER A 38 -1.41 36.02 7.34
N PRO A 39 -0.77 36.99 6.70
CA PRO A 39 -0.48 36.88 5.27
C PRO A 39 0.64 35.88 5.02
N ALA A 40 0.97 35.57 3.77
CA ALA A 40 1.93 34.46 3.47
C ALA A 40 3.32 34.68 4.05
N PRO A 41 4.19 33.95 4.88
CA PRO A 41 5.51 34.43 5.33
C PRO A 41 6.48 34.62 4.18
N GLY A 42 6.23 33.94 3.06
CA GLY A 42 7.06 34.08 1.86
C GLY A 42 7.12 32.76 1.13
N PRO A 43 8.08 32.53 0.23
CA PRO A 43 8.23 31.22 -0.36
C PRO A 43 9.39 30.55 0.39
N GLY A 44 9.35 29.23 0.57
CA GLY A 44 10.36 28.54 1.39
C GLY A 44 9.97 28.72 2.82
N LYS A 45 9.42 29.84 3.24
CA LYS A 45 9.03 29.89 4.67
C LYS A 45 7.60 29.36 4.92
N GLU A 46 6.84 29.02 3.88
CA GLU A 46 5.44 28.60 4.07
C GLU A 46 5.37 27.26 4.80
N TRP A 47 6.31 26.35 4.54
CA TRP A 47 6.28 25.02 5.15
C TRP A 47 6.35 25.20 6.66
N GLU A 48 7.19 26.12 7.09
CA GLU A 48 7.34 26.40 8.53
C GLU A 48 6.01 26.94 9.03
N GLU A 49 5.33 27.80 8.26
CA GLU A 49 4.03 28.27 8.74
C GLU A 49 2.99 27.16 8.69
N TYR A 50 3.09 26.26 7.71
CA TYR A 50 2.18 25.13 7.62
C TYR A 50 2.25 24.28 8.88
N VAL A 51 3.45 23.79 9.21
CA VAL A 51 3.62 22.92 10.36
C VAL A 51 3.28 23.64 11.66
N GLN A 52 3.46 24.97 11.70
CA GLN A 52 2.98 25.74 12.84
C GLN A 52 1.49 25.54 13.05
N ILE A 53 0.71 25.62 11.97
CA ILE A 53 -0.74 25.51 12.10
C ILE A 53 -1.16 24.07 12.37
N ARG A 54 -0.55 23.10 11.70
CA ARG A 54 -0.93 21.68 11.89
C ARG A 54 -0.71 21.28 13.34
N THR A 55 0.43 21.68 13.92
CA THR A 55 0.75 21.24 15.29
C THR A 55 -0.39 21.67 16.19
N LEU A 56 -0.83 22.92 16.05
CA LEU A 56 -1.88 23.46 16.94
C LEU A 56 -3.15 22.68 16.69
N VAL A 57 -3.44 22.36 15.43
CA VAL A 57 -4.65 21.59 15.05
C VAL A 57 -4.53 20.20 15.63
N GLU A 58 -3.36 19.61 15.52
CA GLU A 58 -3.15 18.24 16.00
C GLU A 58 -3.33 18.23 17.52
N LYS A 59 -2.89 19.29 18.19
CA LYS A 59 -3.13 19.38 19.65
C LYS A 59 -4.63 19.37 19.89
N ILE A 60 -5.36 20.13 19.10
CA ILE A 60 -6.82 20.22 19.34
C ILE A 60 -7.39 18.87 18.97
N ARG A 61 -7.00 18.34 17.82
CA ARG A 61 -7.60 17.09 17.39
C ARG A 61 -7.35 15.97 18.38
N LYS A 62 -6.12 15.85 18.89
CA LYS A 62 -5.82 14.84 19.90
C LYS A 62 -6.46 15.15 21.25
N LYS A 63 -7.04 16.33 21.42
CA LYS A 63 -7.77 16.67 22.64
C LYS A 63 -9.28 16.58 22.45
N GLN A 64 -9.73 16.06 21.31
CA GLN A 64 -11.15 15.97 21.00
C GLN A 64 -11.48 14.53 20.60
N LYS A 65 -12.76 14.18 20.71
CA LYS A 65 -13.22 12.81 20.55
C LYS A 65 -13.40 12.39 19.09
N GLY A 66 -12.81 13.11 18.13
CA GLY A 66 -12.95 12.76 16.74
C GLY A 66 -14.30 13.13 16.17
N LEU A 67 -14.91 12.23 15.40
CA LEU A 67 -16.21 12.50 14.82
C LEU A 67 -17.28 12.51 15.92
N SER A 68 -18.00 13.64 16.03
CA SER A 68 -18.99 13.79 17.09
C SER A 68 -20.04 12.69 17.03
N VAL A 69 -20.54 12.42 15.82
CA VAL A 69 -21.56 11.39 15.61
C VAL A 69 -20.94 10.29 14.78
N THR A 70 -20.96 9.07 15.31
CA THR A 70 -20.43 7.91 14.61
C THR A 70 -21.55 6.89 14.41
N PHE A 71 -21.57 6.26 13.24
CA PHE A 71 -22.54 5.24 12.93
C PHE A 71 -22.11 3.90 13.52
N ASP A 72 -23.08 3.16 14.05
CA ASP A 72 -22.79 1.91 14.74
C ASP A 72 -22.20 0.86 13.78
N GLY A 73 -22.86 0.65 12.65
CA GLY A 73 -22.39 -0.33 11.68
C GLY A 73 -21.29 0.21 10.78
N LYS A 74 -21.05 -0.52 9.70
CA LYS A 74 -20.12 -0.14 8.65
C LYS A 74 -20.86 0.55 7.51
N ARG A 75 -20.08 1.18 6.62
CA ARG A 75 -20.63 2.04 5.57
C ARG A 75 -21.64 1.31 4.68
N GLU A 76 -21.22 0.21 4.05
CA GLU A 76 -22.07 -0.44 3.06
C GLU A 76 -23.37 -0.94 3.64
N ASP A 77 -23.43 -1.21 4.95
CA ASP A 77 -24.65 -1.71 5.56
C ASP A 77 -25.81 -0.72 5.47
N TYR A 78 -25.54 0.53 5.08
CA TYR A 78 -26.56 1.56 5.00
C TYR A 78 -26.94 1.90 3.56
N PHE A 79 -26.46 1.14 2.58
CA PHE A 79 -26.82 1.40 1.20
C PHE A 79 -28.25 0.96 0.87
N PRO A 80 -28.71 -0.22 1.31
CA PRO A 80 -30.12 -0.55 1.07
C PRO A 80 -31.10 0.46 1.65
N ASP A 81 -30.80 1.00 2.85
CA ASP A 81 -31.66 2.03 3.44
C ASP A 81 -31.72 3.26 2.56
N LEU A 82 -30.62 3.58 1.87
CA LEU A 82 -30.60 4.73 0.97
C LEU A 82 -31.59 4.55 -0.18
N MET A 83 -31.61 3.36 -0.77
CA MET A 83 -32.43 3.13 -1.95
C MET A 83 -33.91 3.22 -1.63
N LYS A 84 -34.33 2.68 -0.48
CA LYS A 84 -35.73 2.74 -0.08
C LYS A 84 -36.18 4.18 0.14
N TRP A 85 -35.45 4.91 0.98
CA TRP A 85 -35.76 6.31 1.21
C TRP A 85 -35.80 7.09 -0.09
N ALA A 86 -34.83 6.83 -0.99
CA ALA A 86 -34.86 7.46 -2.30
C ALA A 86 -36.06 6.99 -3.12
N SER A 87 -36.32 5.67 -3.14
CA SER A 87 -37.46 5.15 -3.87
C SER A 87 -38.78 5.66 -3.31
N GLU A 88 -38.83 5.98 -2.02
CA GLU A 88 -40.04 6.56 -1.45
C GLU A 88 -40.33 7.94 -2.03
N ASN A 89 -39.32 8.58 -2.62
CA ASN A 89 -39.48 9.93 -3.15
C ASN A 89 -39.22 10.01 -4.65
N GLY A 90 -38.97 8.89 -5.32
CA GLY A 90 -38.96 8.87 -6.77
C GLY A 90 -37.60 8.91 -7.43
N ALA A 91 -36.60 8.26 -6.85
CA ALA A 91 -35.27 8.20 -7.42
C ALA A 91 -35.06 6.88 -8.15
N SER A 92 -34.38 6.95 -9.29
CA SER A 92 -33.97 5.74 -10.00
C SER A 92 -33.08 4.88 -9.12
N VAL A 93 -33.53 3.66 -8.82
CA VAL A 93 -32.77 2.73 -8.00
C VAL A 93 -32.52 1.40 -8.70
N GLU A 94 -32.81 1.31 -9.99
CA GLU A 94 -32.61 0.08 -10.75
C GLU A 94 -31.67 0.34 -11.93
N GLY A 95 -30.86 -0.67 -12.26
CA GLY A 95 -29.89 -0.57 -13.32
C GLY A 95 -28.45 -0.48 -12.83
N PHE A 96 -28.24 -0.52 -11.52
CA PHE A 96 -26.91 -0.34 -10.94
C PHE A 96 -26.92 -0.93 -9.53
N GLU A 97 -25.72 -1.06 -8.95
CA GLU A 97 -25.59 -1.54 -7.58
C GLU A 97 -24.36 -0.95 -6.91
N MET A 98 -24.30 -1.12 -5.60
CA MET A 98 -23.22 -0.60 -4.77
C MET A 98 -22.12 -1.65 -4.65
N VAL A 99 -20.94 -1.38 -5.22
CA VAL A 99 -19.81 -2.30 -5.18
C VAL A 99 -18.57 -1.53 -4.74
N ASN A 100 -17.75 -2.16 -3.89
CA ASN A 100 -16.50 -1.55 -3.41
C ASN A 100 -15.41 -1.87 -4.42
N PHE A 101 -15.13 -0.91 -5.31
CA PHE A 101 -14.08 -1.09 -6.30
C PHE A 101 -12.72 -0.81 -5.68
N LYS A 102 -11.71 -1.54 -6.15
CA LYS A 102 -10.37 -1.38 -5.61
C LYS A 102 -9.79 -0.01 -5.97
N GLU A 103 -9.87 0.36 -7.24
CA GLU A 103 -9.15 1.53 -7.74
C GLU A 103 -9.83 2.84 -7.35
N GLU A 104 -11.15 2.86 -7.21
CA GLU A 104 -11.87 4.09 -6.94
C GLU A 104 -12.73 4.05 -5.69
N GLY A 105 -12.76 2.94 -4.96
CA GLY A 105 -13.59 2.83 -3.77
C GLY A 105 -15.01 2.41 -4.12
N PHE A 106 -15.98 2.75 -3.29
CA PHE A 106 -17.36 2.43 -3.61
C PHE A 106 -17.83 3.22 -4.85
N GLY A 107 -18.61 2.55 -5.69
CA GLY A 107 -19.14 3.15 -6.88
C GLY A 107 -20.39 2.42 -7.33
N LEU A 108 -20.87 2.76 -8.53
CA LEU A 108 -22.04 2.09 -9.08
C LEU A 108 -21.62 1.11 -10.16
N ARG A 109 -22.22 -0.07 -10.12
CA ARG A 109 -21.95 -1.14 -11.06
C ARG A 109 -23.24 -1.48 -11.78
N ALA A 110 -23.19 -1.48 -13.11
CA ALA A 110 -24.37 -1.75 -13.92
C ALA A 110 -24.89 -3.15 -13.67
N THR A 111 -26.16 -3.25 -13.29
CA THR A 111 -26.84 -4.54 -13.17
C THR A 111 -27.51 -4.96 -14.47
N ARG A 112 -27.44 -4.12 -15.49
CA ARG A 112 -27.92 -4.46 -16.84
C ARG A 112 -27.06 -3.70 -17.85
N ASP A 113 -27.39 -3.85 -19.12
CA ASP A 113 -26.70 -3.15 -20.20
C ASP A 113 -27.24 -1.72 -20.32
N ILE A 114 -26.35 -0.73 -20.25
CA ILE A 114 -26.72 0.67 -20.40
C ILE A 114 -26.03 1.20 -21.66
N LYS A 115 -26.84 1.63 -22.63
CA LYS A 115 -26.35 2.22 -23.87
C LYS A 115 -25.93 3.69 -23.66
N ALA A 116 -25.13 4.18 -24.60
CA ALA A 116 -24.79 5.60 -24.63
C ALA A 116 -26.03 6.48 -24.65
N GLU A 117 -25.96 7.62 -23.93
CA GLU A 117 -27.00 8.63 -23.87
C GLU A 117 -28.23 8.14 -23.09
N GLU A 118 -28.24 6.86 -22.72
CA GLU A 118 -29.35 6.31 -21.95
C GLU A 118 -29.43 6.94 -20.57
N LEU A 119 -30.53 7.63 -20.29
CA LEU A 119 -30.75 8.22 -18.98
C LEU A 119 -31.01 7.10 -17.98
N PHE A 120 -30.19 7.04 -16.91
CA PHE A 120 -30.29 5.97 -15.94
C PHE A 120 -30.39 6.49 -14.50
N LEU A 121 -30.32 7.80 -14.29
CA LEU A 121 -30.42 8.38 -12.96
C LEU A 121 -31.34 9.60 -13.01
N TRP A 122 -32.26 9.67 -12.05
CA TRP A 122 -33.08 10.85 -11.85
C TRP A 122 -33.31 11.00 -10.35
N VAL A 123 -33.09 12.20 -9.84
CA VAL A 123 -33.14 12.47 -8.40
C VAL A 123 -33.91 13.77 -8.19
N PRO A 124 -35.07 13.73 -7.54
CA PRO A 124 -35.80 14.98 -7.28
C PRO A 124 -35.02 15.88 -6.33
N ARG A 125 -35.27 17.18 -6.45
CA ARG A 125 -34.58 18.16 -5.61
C ARG A 125 -34.89 17.97 -4.13
N LYS A 126 -36.04 17.37 -3.79
CA LYS A 126 -36.41 17.20 -2.39
C LYS A 126 -35.40 16.36 -1.63
N LEU A 127 -34.65 15.50 -2.31
CA LEU A 127 -33.64 14.67 -1.67
C LEU A 127 -32.30 15.36 -1.55
N LEU A 128 -32.09 16.37 -2.39
CA LEU A 128 -30.76 17.02 -2.44
C LEU A 128 -30.60 17.95 -1.27
N MET A 129 -29.38 18.06 -0.78
CA MET A 129 -29.10 19.02 0.29
C MET A 129 -28.57 20.26 -0.41
N THR A 130 -29.28 21.38 -0.31
CA THR A 130 -28.95 22.59 -1.06
C THR A 130 -28.79 23.72 -0.05
N VAL A 131 -28.16 24.81 -0.41
CA VAL A 131 -28.09 25.96 0.53
C VAL A 131 -29.51 26.47 0.79
N GLU A 132 -30.37 26.53 -0.23
CA GLU A 132 -31.78 26.91 0.05
C GLU A 132 -32.34 26.00 1.15
N SER A 133 -31.97 24.72 1.19
CA SER A 133 -32.39 23.86 2.29
C SER A 133 -31.71 24.29 3.59
N ALA A 134 -30.46 24.75 3.51
CA ALA A 134 -29.76 25.22 4.70
C ALA A 134 -30.46 26.43 5.31
N LYS A 135 -30.80 27.42 4.46
CA LYS A 135 -31.48 28.62 4.95
C LYS A 135 -32.84 28.31 5.57
N ASN A 136 -33.45 27.18 5.21
CA ASN A 136 -34.73 26.79 5.78
C ASN A 136 -34.60 25.84 6.97
N SER A 137 -33.40 25.33 7.26
CA SER A 137 -33.22 24.39 8.36
C SER A 137 -32.86 25.13 9.64
N VAL A 138 -32.31 24.42 10.63
CA VAL A 138 -31.89 25.04 11.87
C VAL A 138 -30.68 25.94 11.65
N LEU A 139 -29.91 25.70 10.60
CA LEU A 139 -28.78 26.59 10.31
C LEU A 139 -29.25 27.94 9.77
N GLY A 140 -30.51 28.00 9.38
CA GLY A 140 -31.05 29.24 8.80
C GLY A 140 -30.99 30.43 9.74
N PRO A 141 -31.42 30.32 11.01
CA PRO A 141 -31.26 31.44 11.89
C PRO A 141 -29.80 31.88 11.98
N LEU A 142 -28.84 30.96 12.09
CA LEU A 142 -27.38 31.31 12.11
C LEU A 142 -26.94 31.89 10.77
N TYR A 143 -27.42 31.34 9.66
CA TYR A 143 -27.08 31.85 8.31
C TYR A 143 -27.58 33.27 8.26
N SER A 144 -28.72 33.55 8.88
CA SER A 144 -29.35 34.89 8.79
C SER A 144 -28.38 35.95 9.29
N GLN A 145 -27.58 35.62 10.30
CA GLN A 145 -26.72 36.67 10.87
C GLN A 145 -25.27 36.54 10.42
N ASP A 146 -24.79 35.33 10.11
CA ASP A 146 -23.37 35.20 9.79
C ASP A 146 -23.15 35.47 8.31
N ARG A 147 -22.19 36.34 8.00
CA ARG A 147 -21.90 36.69 6.61
C ARG A 147 -21.03 35.64 5.92
N ILE A 148 -20.17 34.93 6.67
CA ILE A 148 -19.33 33.91 6.05
C ILE A 148 -20.18 32.73 5.59
N LEU A 149 -21.10 32.27 6.44
CA LEU A 149 -22.04 31.23 6.00
C LEU A 149 -22.88 31.74 4.83
N GLN A 150 -23.32 33.00 4.88
CA GLN A 150 -24.08 33.59 3.79
C GLN A 150 -23.30 33.61 2.49
N ALA A 151 -21.98 33.79 2.57
CA ALA A 151 -21.14 33.99 1.40
C ALA A 151 -20.68 32.68 0.77
N MET A 152 -20.15 31.76 1.57
CA MET A 152 -19.51 30.56 1.07
C MET A 152 -20.44 29.37 1.30
N GLY A 153 -21.07 28.91 0.22
CA GLY A 153 -21.99 27.79 0.32
C GLY A 153 -21.29 26.47 0.62
N ASN A 154 -20.07 26.30 0.09
CA ASN A 154 -19.34 25.05 0.34
C ASN A 154 -19.20 24.81 1.83
N ILE A 155 -18.98 25.87 2.61
CA ILE A 155 -19.02 25.76 4.06
C ILE A 155 -20.45 25.64 4.56
N ALA A 156 -21.34 26.51 4.08
CA ALA A 156 -22.73 26.50 4.54
C ALA A 156 -23.37 25.14 4.29
N LEU A 157 -23.01 24.50 3.18
CA LEU A 157 -23.51 23.15 2.92
C LEU A 157 -22.89 22.14 3.87
N ALA A 158 -21.61 22.32 4.19
CA ALA A 158 -20.95 21.43 5.14
C ALA A 158 -21.64 21.44 6.50
N PHE A 159 -22.04 22.62 6.98
CA PHE A 159 -22.72 22.69 8.27
C PHE A 159 -24.10 22.07 8.19
N HIS A 160 -24.80 22.28 7.06
CA HIS A 160 -26.07 21.59 6.84
C HIS A 160 -25.90 20.08 6.92
N LEU A 161 -24.78 19.57 6.38
CA LEU A 161 -24.48 18.15 6.48
C LEU A 161 -24.26 17.72 7.92
N LEU A 162 -23.54 18.54 8.69
CA LEU A 162 -23.24 18.19 10.07
C LEU A 162 -24.46 18.36 10.96
N CYS A 163 -25.23 19.44 10.75
CA CYS A 163 -26.45 19.66 11.51
C CYS A 163 -27.40 18.47 11.42
N GLU A 164 -27.62 17.95 10.21
CA GLU A 164 -28.49 16.80 10.02
C GLU A 164 -27.81 15.47 10.34
N ARG A 165 -26.47 15.45 10.39
CA ARG A 165 -25.78 14.24 10.83
C ARG A 165 -26.05 13.99 12.32
N ALA A 166 -26.07 15.05 13.12
CA ALA A 166 -26.36 14.96 14.54
C ALA A 166 -27.84 15.03 14.86
N SER A 167 -28.70 14.89 13.86
CA SER A 167 -30.15 14.87 14.07
C SER A 167 -30.69 13.49 13.72
N PRO A 168 -31.08 12.69 14.71
CA PRO A 168 -31.60 11.34 14.40
C PRO A 168 -32.89 11.35 13.61
N ASN A 169 -33.71 12.37 13.82
CA ASN A 169 -34.99 12.48 13.08
C ASN A 169 -34.75 13.37 11.87
N SER A 170 -33.90 12.92 10.94
CA SER A 170 -33.53 13.74 9.76
C SER A 170 -33.94 13.03 8.49
N PHE A 171 -34.48 13.78 7.54
CA PHE A 171 -34.95 13.19 6.28
C PHE A 171 -33.73 12.63 5.57
N TRP A 172 -32.62 13.33 5.64
CA TRP A 172 -31.46 12.95 4.81
C TRP A 172 -30.53 11.97 5.50
N GLN A 173 -30.95 11.43 6.64
CA GLN A 173 -30.07 10.52 7.41
C GLN A 173 -29.65 9.38 6.49
N PRO A 174 -30.53 8.67 5.76
CA PRO A 174 -30.01 7.58 4.91
C PRO A 174 -28.88 8.02 3.99
N TYR A 175 -28.86 9.28 3.56
CA TYR A 175 -27.76 9.73 2.72
C TYR A 175 -26.46 9.89 3.53
N ILE A 176 -26.54 10.58 4.67
CA ILE A 176 -25.34 10.82 5.48
C ILE A 176 -24.71 9.51 5.93
N GLN A 177 -25.55 8.52 6.26
CA GLN A 177 -25.04 7.23 6.74
C GLN A 177 -24.26 6.48 5.67
N THR A 178 -24.46 6.79 4.39
CA THR A 178 -23.68 6.21 3.32
C THR A 178 -22.37 6.95 3.07
N LEU A 179 -22.22 8.16 3.61
CA LEU A 179 -21.06 8.97 3.34
C LEU A 179 -19.83 8.38 4.03
N PRO A 180 -18.64 8.57 3.48
CA PRO A 180 -17.44 7.97 4.06
C PRO A 180 -17.13 8.56 5.43
N SER A 181 -16.15 7.93 6.08
CA SER A 181 -15.65 8.39 7.37
C SER A 181 -14.41 9.25 7.22
N GLU A 182 -13.55 8.93 6.26
CA GLU A 182 -12.36 9.70 5.96
C GLU A 182 -12.28 9.91 4.45
N TYR A 183 -11.46 10.88 4.05
CA TYR A 183 -11.24 11.18 2.64
C TYR A 183 -9.74 11.29 2.39
N ASP A 184 -9.37 11.33 1.10
CA ASP A 184 -7.97 11.48 0.70
C ASP A 184 -7.62 12.93 0.37
N THR A 185 -8.34 13.89 0.95
CA THR A 185 -7.99 15.29 0.76
C THR A 185 -6.73 15.63 1.55
N PRO A 186 -5.92 16.58 1.08
CA PRO A 186 -4.71 16.97 1.80
C PRO A 186 -4.97 17.36 3.26
N LEU A 187 -6.25 17.58 3.60
CA LEU A 187 -6.63 17.80 4.99
C LEU A 187 -6.40 16.54 5.83
N TYR A 188 -6.33 15.39 5.19
CA TYR A 188 -6.18 14.11 5.94
C TYR A 188 -4.74 13.62 5.81
N PHE A 189 -3.91 14.30 5.04
CA PHE A 189 -2.52 13.87 4.79
C PHE A 189 -1.63 14.09 6.01
N GLU A 190 -0.52 13.32 6.08
CA GLU A 190 0.45 13.44 7.20
C GLU A 190 1.62 14.31 6.73
N GLU A 191 2.45 14.73 7.66
CA GLU A 191 3.53 15.66 7.27
C GLU A 191 4.47 14.99 6.27
N ASP A 192 4.76 13.71 6.44
CA ASP A 192 5.58 13.02 5.42
C ASP A 192 4.83 13.03 4.10
N GLU A 193 3.52 12.81 4.13
CA GLU A 193 2.69 12.80 2.90
C GLU A 193 2.77 14.18 2.24
N VAL A 194 2.67 15.27 3.00
CA VAL A 194 2.83 16.55 2.32
C VAL A 194 4.30 16.86 2.05
N ARG A 195 5.21 16.15 2.73
CA ARG A 195 6.64 16.38 2.53
C ARG A 195 7.08 16.06 1.10
N TYR A 196 6.34 15.22 0.39
CA TYR A 196 6.71 14.86 -0.98
C TYR A 196 6.36 15.95 -1.98
N LEU A 197 5.47 16.88 -1.63
CA LEU A 197 4.99 17.87 -2.59
C LEU A 197 5.77 19.18 -2.53
N GLN A 198 6.89 19.23 -1.82
CA GLN A 198 7.67 20.45 -1.73
C GLN A 198 8.31 20.82 -3.06
N SER A 199 8.47 22.13 -3.26
CA SER A 199 9.05 22.78 -4.43
C SER A 199 8.11 22.74 -5.63
N THR A 200 6.91 22.19 -5.46
CA THR A 200 5.90 22.14 -6.51
C THR A 200 4.96 23.33 -6.40
N GLN A 201 4.11 23.48 -7.42
CA GLN A 201 3.11 24.55 -7.41
C GLN A 201 1.87 24.15 -6.61
N ALA A 202 1.45 22.89 -6.75
CA ALA A 202 0.29 22.39 -6.02
C ALA A 202 0.40 22.60 -4.51
N ILE A 203 1.58 22.37 -3.93
CA ILE A 203 1.72 22.52 -2.49
C ILE A 203 1.39 23.94 -2.04
N HIS A 204 1.65 24.95 -2.89
CA HIS A 204 1.25 26.30 -2.57
C HIS A 204 -0.25 26.44 -2.50
N ASP A 205 -0.99 25.55 -3.17
CA ASP A 205 -2.43 25.50 -3.09
C ASP A 205 -2.92 24.53 -2.03
N VAL A 206 -2.14 23.48 -1.77
CA VAL A 206 -2.46 22.58 -0.67
C VAL A 206 -2.44 23.32 0.66
N PHE A 207 -1.49 24.24 0.82
CA PHE A 207 -1.43 25.07 2.02
C PHE A 207 -2.68 25.93 2.16
N SER A 208 -3.08 26.61 1.07
CA SER A 208 -4.28 27.44 1.10
C SER A 208 -5.51 26.65 1.54
N GLN A 209 -5.59 25.38 1.14
CA GLN A 209 -6.69 24.53 1.60
C GLN A 209 -6.65 24.38 3.11
N TYR A 210 -5.51 23.92 3.64
CA TYR A 210 -5.38 23.70 5.08
C TYR A 210 -5.57 25.00 5.86
N LYS A 211 -4.96 26.10 5.40
CA LYS A 211 -5.00 27.35 6.14
C LYS A 211 -6.43 27.90 6.23
N ASN A 212 -7.10 28.02 5.07
CA ASN A 212 -8.47 28.53 5.06
C ASN A 212 -9.41 27.62 5.86
N THR A 213 -9.29 26.30 5.66
CA THR A 213 -10.11 25.35 6.41
C THR A 213 -9.92 25.52 7.92
N ALA A 214 -8.67 25.45 8.38
CA ALA A 214 -8.35 25.69 9.78
C ALA A 214 -8.94 27.01 10.27
N ARG A 215 -8.69 28.11 9.55
CA ARG A 215 -9.20 29.42 9.96
C ARG A 215 -10.72 29.39 10.14
N GLN A 216 -11.43 28.78 9.19
CA GLN A 216 -12.88 28.70 9.26
C GLN A 216 -13.32 27.93 10.49
N TYR A 217 -12.65 26.82 10.80
CA TYR A 217 -12.96 26.05 12.00
C TYR A 217 -12.82 26.91 13.25
N ALA A 218 -11.76 27.71 13.32
CA ALA A 218 -11.56 28.57 14.49
C ALA A 218 -12.65 29.62 14.61
N TYR A 219 -12.99 30.28 13.48
CA TYR A 219 -14.06 31.27 13.49
C TYR A 219 -15.39 30.65 13.94
N PHE A 220 -15.72 29.49 13.39
CA PHE A 220 -17.04 28.91 13.59
C PHE A 220 -17.21 28.26 14.94
N TYR A 221 -16.16 27.64 15.49
CA TYR A 221 -16.26 27.09 16.84
C TYR A 221 -16.57 28.19 17.85
N LYS A 222 -16.05 29.40 17.62
CA LYS A 222 -16.40 30.51 18.51
C LYS A 222 -17.86 30.89 18.35
N VAL A 223 -18.31 31.10 17.11
CA VAL A 223 -19.64 31.67 16.88
C VAL A 223 -20.73 30.76 17.44
N ILE A 224 -20.56 29.45 17.32
CA ILE A 224 -21.56 28.54 17.90
C ILE A 224 -21.64 28.73 19.40
N GLN A 225 -20.50 28.97 20.06
CA GLN A 225 -20.48 29.18 21.50
C GLN A 225 -21.06 30.54 21.90
N THR A 226 -20.96 31.54 21.03
CA THR A 226 -21.38 32.90 21.37
C THR A 226 -22.71 33.30 20.76
N HIS A 227 -23.10 32.76 19.61
CA HIS A 227 -24.30 33.23 18.95
C HIS A 227 -25.54 32.64 19.62
N PRO A 228 -26.55 33.47 19.95
CA PRO A 228 -27.78 32.91 20.54
C PRO A 228 -28.53 31.99 19.58
N HIS A 229 -28.60 32.37 18.30
CA HIS A 229 -29.27 31.54 17.29
C HIS A 229 -28.63 30.17 17.11
N ALA A 230 -27.43 29.97 17.64
CA ALA A 230 -26.78 28.66 17.64
C ALA A 230 -27.06 27.85 18.91
N ASN A 231 -27.82 28.41 19.85
CA ASN A 231 -28.09 27.70 21.10
C ASN A 231 -28.88 26.42 20.86
N LYS A 232 -29.75 26.40 19.86
CA LYS A 232 -30.58 25.24 19.57
C LYS A 232 -29.87 24.22 18.69
N LEU A 233 -28.72 24.59 18.13
CA LEU A 233 -27.98 23.66 17.28
C LEU A 233 -27.35 22.55 18.10
N PRO A 234 -27.29 21.32 17.56
CA PRO A 234 -26.63 20.23 18.29
C PRO A 234 -25.12 20.29 18.23
N LEU A 235 -24.56 21.23 17.46
CA LEU A 235 -23.11 21.38 17.37
C LEU A 235 -22.52 22.05 18.61
N LYS A 236 -23.33 22.81 19.35
CA LYS A 236 -22.87 23.41 20.59
C LYS A 236 -22.45 22.37 21.62
N ASP A 237 -22.94 21.13 21.50
CA ASP A 237 -22.50 20.07 22.38
C ASP A 237 -21.19 19.44 21.91
N SER A 238 -20.95 19.42 20.60
CA SER A 238 -19.72 18.84 20.07
C SER A 238 -19.50 19.36 18.66
N PHE A 239 -18.35 20.00 18.42
CA PHE A 239 -17.98 20.52 17.10
C PHE A 239 -16.46 20.39 16.98
N THR A 240 -16.01 19.17 16.71
CA THR A 240 -14.58 18.88 16.62
C THR A 240 -14.04 19.25 15.24
N TYR A 241 -12.70 19.23 15.14
CA TYR A 241 -12.07 19.44 13.84
C TYR A 241 -12.37 18.30 12.88
N GLU A 242 -12.28 17.06 13.36
CA GLU A 242 -12.59 15.91 12.51
C GLU A 242 -14.01 15.98 11.97
N ASP A 243 -14.93 16.58 12.74
CA ASP A 243 -16.25 16.92 12.21
C ASP A 243 -16.12 17.83 11.01
N TYR A 244 -15.56 19.03 11.24
CA TYR A 244 -15.48 20.03 10.18
C TYR A 244 -14.60 19.56 9.03
N ARG A 245 -13.50 18.88 9.34
CA ARG A 245 -12.62 18.39 8.28
C ARG A 245 -13.36 17.41 7.38
N TRP A 246 -14.13 16.51 7.98
CA TRP A 246 -14.96 15.59 7.19
C TRP A 246 -16.02 16.35 6.39
N ALA A 247 -16.65 17.35 7.03
CA ALA A 247 -17.76 18.10 6.44
C ALA A 247 -17.38 18.76 5.12
N VAL A 248 -16.47 19.73 5.17
CA VAL A 248 -16.07 20.45 3.96
C VAL A 248 -15.44 19.49 2.95
N SER A 249 -14.70 18.48 3.43
CA SER A 249 -14.15 17.47 2.52
C SER A 249 -15.26 16.71 1.81
N SER A 250 -16.34 16.38 2.53
CA SER A 250 -17.52 15.82 1.89
C SER A 250 -18.06 16.74 0.81
N VAL A 251 -18.15 18.04 1.10
CA VAL A 251 -18.74 18.96 0.14
C VAL A 251 -17.83 19.12 -1.08
N MET A 252 -16.55 19.46 -0.86
CA MET A 252 -15.68 19.80 -1.99
C MET A 252 -15.48 18.62 -2.94
N THR A 253 -15.73 17.39 -2.47
CA THR A 253 -15.46 16.21 -3.27
C THR A 253 -16.67 15.69 -4.03
N ARG A 254 -17.88 16.04 -3.60
CA ARG A 254 -19.08 15.48 -4.27
C ARG A 254 -20.17 16.55 -4.42
N GLN A 255 -19.78 17.82 -4.50
CA GLN A 255 -20.74 18.89 -4.73
C GLN A 255 -20.99 19.10 -6.22
N ASN A 256 -22.24 19.44 -6.54
CA ASN A 256 -22.62 19.81 -7.89
C ASN A 256 -23.52 21.04 -7.80
N GLN A 257 -23.30 22.00 -8.68
CA GLN A 257 -24.13 23.19 -8.71
C GLN A 257 -25.45 22.90 -9.42
N ILE A 258 -26.54 23.34 -8.80
CA ILE A 258 -27.88 23.26 -9.38
C ILE A 258 -28.58 24.59 -9.19
N PRO A 259 -29.56 24.89 -10.02
CA PRO A 259 -30.37 26.10 -9.78
C PRO A 259 -31.23 25.95 -8.54
N THR A 260 -31.62 27.09 -7.98
CA THR A 260 -32.54 27.15 -6.86
C THR A 260 -33.97 26.91 -7.35
N GLU A 261 -34.89 26.77 -6.39
CA GLU A 261 -36.30 26.59 -6.75
C GLU A 261 -36.80 27.73 -7.62
N ASP A 262 -36.41 28.97 -7.29
CA ASP A 262 -36.78 30.12 -8.10
C ASP A 262 -36.04 30.14 -9.43
N GLY A 263 -34.95 29.37 -9.57
CA GLY A 263 -34.15 29.39 -10.77
C GLY A 263 -33.41 30.68 -11.03
N SER A 264 -33.53 31.67 -10.14
CA SER A 264 -32.92 32.97 -10.37
C SER A 264 -31.39 32.89 -10.27
N ARG A 265 -30.93 31.91 -9.51
CA ARG A 265 -29.48 31.78 -9.35
C ARG A 265 -29.17 30.32 -9.12
N VAL A 266 -27.89 30.00 -8.92
CA VAL A 266 -27.50 28.62 -8.71
C VAL A 266 -27.17 28.44 -7.24
N THR A 267 -27.00 27.19 -6.84
CA THR A 267 -26.69 26.85 -5.47
C THR A 267 -25.95 25.53 -5.46
N LEU A 268 -25.09 25.36 -4.46
CA LEU A 268 -24.38 24.10 -4.34
C LEU A 268 -25.34 23.03 -3.86
N ALA A 269 -24.99 21.77 -4.13
CA ALA A 269 -25.92 20.70 -3.80
C ALA A 269 -25.16 19.40 -3.65
N LEU A 270 -25.61 18.60 -2.69
CA LEU A 270 -25.06 17.25 -2.52
C LEU A 270 -26.13 16.37 -3.11
N ILE A 271 -25.91 15.88 -4.32
CA ILE A 271 -26.93 15.07 -5.04
C ILE A 271 -26.75 13.62 -4.62
N PRO A 272 -27.67 13.03 -3.83
CA PRO A 272 -27.49 11.68 -3.36
C PRO A 272 -27.47 10.68 -4.50
N LEU A 273 -26.85 9.52 -4.29
CA LEU A 273 -26.85 8.44 -5.29
C LEU A 273 -25.99 8.83 -6.49
N TRP A 274 -26.24 9.97 -7.09
CA TRP A 274 -25.45 10.40 -8.25
C TRP A 274 -23.98 10.55 -7.88
N ASP A 275 -23.68 10.95 -6.65
CA ASP A 275 -22.32 11.19 -6.19
C ASP A 275 -21.54 9.91 -5.91
N MET A 276 -22.03 8.87 -5.86
CA MET A 276 -21.19 7.71 -5.64
C MET A 276 -20.46 7.27 -6.92
N CYS A 277 -20.92 7.74 -8.08
CA CYS A 277 -20.29 7.40 -9.35
C CYS A 277 -18.90 8.00 -9.43
N ASN A 278 -17.91 7.16 -9.76
CA ASN A 278 -16.54 7.61 -9.87
C ASN A 278 -16.26 8.15 -11.28
N HIS A 279 -15.01 8.52 -11.53
CA HIS A 279 -14.64 9.38 -12.65
C HIS A 279 -13.88 8.61 -13.73
N THR A 280 -14.19 8.91 -14.99
CA THR A 280 -13.34 8.56 -16.13
C THR A 280 -13.44 9.69 -17.15
N ASN A 281 -12.39 9.83 -17.97
CA ASN A 281 -12.34 10.91 -18.94
C ASN A 281 -13.55 10.89 -19.86
N GLY A 282 -13.81 12.03 -20.49
CA GLY A 282 -14.99 12.21 -21.32
C GLY A 282 -15.62 13.58 -21.19
N LEU A 283 -16.92 13.65 -21.39
CA LEU A 283 -17.65 14.92 -21.37
C LEU A 283 -18.69 14.89 -20.25
N ILE A 284 -19.06 16.09 -19.79
CA ILE A 284 -20.03 16.20 -18.70
C ILE A 284 -21.41 15.83 -19.23
N THR A 285 -22.04 14.84 -18.60
CA THR A 285 -23.35 14.35 -19.02
C THR A 285 -24.43 14.57 -17.97
N THR A 286 -24.11 15.12 -16.81
CA THR A 286 -25.05 15.25 -15.71
C THR A 286 -25.74 16.61 -15.80
N GLY A 287 -27.06 16.60 -15.96
CA GLY A 287 -27.83 17.82 -16.03
C GLY A 287 -28.98 17.82 -15.04
N TYR A 288 -29.47 19.01 -14.75
CA TYR A 288 -30.62 19.22 -13.89
C TYR A 288 -31.78 19.73 -14.74
N ASN A 289 -32.95 19.12 -14.57
CA ASN A 289 -34.15 19.48 -15.34
C ASN A 289 -35.10 20.20 -14.39
N LEU A 290 -35.07 21.53 -14.45
CA LEU A 290 -35.91 22.34 -13.56
C LEU A 290 -37.38 22.08 -13.82
N GLU A 291 -37.76 21.88 -15.08
CA GLU A 291 -39.15 21.56 -15.41
C GLU A 291 -39.65 20.36 -14.61
N ASP A 292 -38.88 19.28 -14.60
CA ASP A 292 -39.18 18.14 -13.74
C ASP A 292 -38.69 18.31 -12.31
N ASP A 293 -37.90 19.36 -12.06
CA ASP A 293 -37.34 19.65 -10.73
C ASP A 293 -36.54 18.45 -10.21
N ARG A 294 -35.59 18.01 -11.03
CA ARG A 294 -34.81 16.80 -10.67
C ARG A 294 -33.52 16.69 -11.44
N CYS A 295 -32.55 15.94 -10.89
CA CYS A 295 -31.25 15.77 -11.58
C CYS A 295 -31.25 14.55 -12.47
N GLU A 296 -30.68 14.69 -13.66
CA GLU A 296 -30.70 13.58 -14.63
C GLU A 296 -29.28 13.30 -15.15
N CYS A 297 -28.80 12.07 -15.07
CA CYS A 297 -27.49 11.75 -15.67
C CYS A 297 -27.68 10.79 -16.82
N VAL A 298 -27.19 11.13 -18.01
CA VAL A 298 -27.22 10.17 -19.10
C VAL A 298 -25.88 9.45 -19.14
N ALA A 299 -25.89 8.24 -19.69
CA ALA A 299 -24.67 7.43 -19.72
C ALA A 299 -23.63 8.09 -20.62
N LEU A 300 -22.38 8.10 -20.14
CA LEU A 300 -21.29 8.66 -20.93
C LEU A 300 -20.96 7.75 -22.10
N GLN A 301 -20.93 6.44 -21.87
CA GLN A 301 -20.64 5.45 -22.89
C GLN A 301 -21.43 4.20 -22.56
N ASP A 302 -21.15 3.11 -23.27
CA ASP A 302 -21.90 1.86 -23.10
C ASP A 302 -21.37 1.11 -21.89
N PHE A 303 -22.25 0.88 -20.91
CA PHE A 303 -21.92 0.20 -19.67
C PHE A 303 -22.53 -1.20 -19.72
N ARG A 304 -21.70 -2.20 -20.00
CA ARG A 304 -22.15 -3.58 -19.99
C ARG A 304 -22.57 -4.00 -18.58
N ALA A 305 -23.24 -5.14 -18.50
CA ALA A 305 -23.63 -5.71 -17.21
C ALA A 305 -22.39 -6.09 -16.42
N GLY A 306 -22.26 -5.50 -15.24
CA GLY A 306 -21.11 -5.73 -14.38
C GLY A 306 -20.01 -4.69 -14.50
N GLU A 307 -20.08 -3.81 -15.48
CA GLU A 307 -19.13 -2.72 -15.60
C GLU A 307 -19.52 -1.57 -14.69
N GLN A 308 -18.52 -0.88 -14.16
CA GLN A 308 -18.77 0.24 -13.26
C GLN A 308 -19.36 1.41 -14.03
N ILE A 309 -20.39 2.03 -13.46
CA ILE A 309 -20.97 3.23 -14.04
C ILE A 309 -20.08 4.40 -13.64
N TYR A 310 -19.42 5.01 -14.62
CA TYR A 310 -18.64 6.21 -14.38
C TYR A 310 -19.46 7.45 -14.76
N ILE A 311 -18.97 8.60 -14.32
CA ILE A 311 -19.45 9.90 -14.78
C ILE A 311 -18.21 10.78 -14.97
N PHE A 312 -18.41 11.94 -15.59
CA PHE A 312 -17.32 12.88 -15.79
C PHE A 312 -17.46 14.00 -14.76
N TYR A 313 -16.45 14.15 -13.90
CA TYR A 313 -16.51 15.12 -12.81
C TYR A 313 -16.22 16.54 -13.28
N GLY A 314 -15.51 16.70 -14.40
CA GLY A 314 -15.22 18.01 -14.92
C GLY A 314 -13.82 18.14 -15.50
N THR A 315 -13.56 19.26 -16.16
CA THR A 315 -12.26 19.53 -16.79
C THR A 315 -11.32 20.21 -15.79
N ARG A 316 -11.03 19.49 -14.72
CA ARG A 316 -10.19 20.00 -13.63
C ARG A 316 -8.79 19.41 -13.71
N SER A 317 -7.82 20.16 -13.19
CA SER A 317 -6.43 19.74 -13.18
C SER A 317 -6.19 18.73 -12.07
N ASN A 318 -5.17 17.89 -12.25
CA ASN A 318 -4.82 16.92 -11.22
C ASN A 318 -4.45 17.60 -9.90
N ALA A 319 -4.03 18.87 -9.94
CA ALA A 319 -3.90 19.63 -8.71
C ALA A 319 -5.27 19.79 -8.03
N GLU A 320 -6.25 20.31 -8.78
CA GLU A 320 -7.60 20.42 -8.25
C GLU A 320 -8.18 19.08 -7.88
N PHE A 321 -7.78 18.01 -8.58
CA PHE A 321 -8.25 16.67 -8.25
C PHE A 321 -7.76 16.22 -6.89
N VAL A 322 -6.47 16.40 -6.62
CA VAL A 322 -5.94 16.06 -5.29
C VAL A 322 -6.55 16.97 -4.23
N ILE A 323 -6.61 18.27 -4.51
CA ILE A 323 -6.99 19.23 -3.48
C ILE A 323 -8.50 19.25 -3.26
N HIS A 324 -9.28 19.28 -4.33
CA HIS A 324 -10.74 19.38 -4.20
C HIS A 324 -11.48 18.05 -4.36
N SER A 325 -10.91 17.09 -5.09
CA SER A 325 -11.59 15.81 -5.31
C SER A 325 -10.98 14.65 -4.54
N GLY A 326 -9.67 14.66 -4.32
CA GLY A 326 -9.04 13.66 -3.48
C GLY A 326 -8.60 12.39 -4.19
N PHE A 327 -8.06 12.52 -5.39
CA PHE A 327 -7.46 11.39 -6.11
C PHE A 327 -6.66 11.96 -7.28
N PHE A 328 -5.85 11.09 -7.88
CA PHE A 328 -5.09 11.42 -9.07
C PHE A 328 -5.59 10.54 -10.19
N PHE A 329 -6.04 11.15 -11.29
CA PHE A 329 -6.56 10.43 -12.44
C PHE A 329 -5.45 10.26 -13.48
N ASP A 330 -5.14 9.00 -13.80
CA ASP A 330 -4.20 8.69 -14.87
C ASP A 330 -4.80 9.05 -16.24
N ASN A 331 -3.93 9.50 -17.14
CA ASN A 331 -4.30 9.82 -18.52
C ASN A 331 -5.31 10.98 -18.59
N ASN A 332 -5.27 11.87 -17.60
CA ASN A 332 -6.10 13.07 -17.68
C ASN A 332 -5.62 13.93 -18.84
N SER A 333 -6.54 14.25 -19.75
CA SER A 333 -6.22 15.10 -20.89
C SER A 333 -6.35 16.58 -20.56
N HIS A 334 -6.75 16.92 -19.34
CA HIS A 334 -6.96 18.30 -18.92
C HIS A 334 -5.99 18.67 -17.80
N ASP A 335 -4.92 17.90 -17.62
CA ASP A 335 -3.90 18.25 -16.65
C ASP A 335 -3.13 19.48 -17.12
N ARG A 336 -2.81 20.37 -16.17
CA ARG A 336 -2.10 21.59 -16.51
C ARG A 336 -1.50 22.17 -15.24
N VAL A 337 -0.40 22.90 -15.42
CA VAL A 337 0.29 23.60 -14.34
C VAL A 337 0.25 25.09 -14.60
N LYS A 338 0.13 25.87 -13.54
CA LYS A 338 0.15 27.32 -13.68
C LYS A 338 1.57 27.80 -13.98
N ILE A 339 1.66 29.02 -14.52
CA ILE A 339 2.98 29.66 -14.82
C ILE A 339 2.77 31.16 -14.66
N LYS A 340 3.59 31.84 -13.86
CA LYS A 340 3.33 33.29 -13.65
C LYS A 340 4.19 34.06 -14.61
N LEU A 341 3.55 34.79 -15.51
CA LEU A 341 4.31 35.62 -16.46
C LEU A 341 3.77 37.05 -16.39
N GLY A 342 4.64 38.05 -16.57
CA GLY A 342 4.26 39.44 -16.46
C GLY A 342 5.24 40.32 -17.18
N VAL A 343 4.78 41.54 -17.47
CA VAL A 343 5.61 42.55 -18.12
C VAL A 343 6.40 43.25 -17.03
N SER A 344 7.72 43.07 -17.04
CA SER A 344 8.57 43.72 -16.05
C SER A 344 8.56 45.24 -16.27
N LYS A 345 8.40 45.97 -15.17
CA LYS A 345 8.33 47.45 -15.22
C LYS A 345 9.67 48.01 -15.66
N SER A 346 10.65 47.15 -15.95
CA SER A 346 11.99 47.56 -16.41
C SER A 346 12.01 47.54 -17.93
N ASP A 347 10.85 47.66 -18.57
CA ASP A 347 10.74 47.53 -20.04
C ASP A 347 10.62 48.90 -20.68
N ARG A 348 11.42 49.20 -21.70
CA ARG A 348 11.30 50.50 -22.43
C ARG A 348 10.01 50.50 -23.22
N LEU A 349 9.42 49.33 -23.46
CA LEU A 349 8.25 49.26 -24.37
C LEU A 349 6.92 49.13 -23.61
N TYR A 350 6.92 49.40 -22.31
CA TYR A 350 5.70 49.25 -21.48
C TYR A 350 4.54 50.06 -22.00
N ALA A 351 4.71 51.38 -22.22
CA ALA A 351 3.54 52.19 -22.55
C ALA A 351 2.90 51.76 -23.85
N MET A 352 3.71 51.37 -24.84
CA MET A 352 3.16 50.90 -26.11
C MET A 352 2.50 49.53 -25.93
N LYS A 353 3.04 48.71 -25.02
CA LYS A 353 2.42 47.44 -24.69
C LYS A 353 1.31 47.58 -23.64
N ALA A 354 1.28 48.69 -22.91
CA ALA A 354 0.21 48.95 -21.96
C ALA A 354 -1.13 49.20 -22.64
N GLU A 355 -1.14 49.50 -23.93
CA GLU A 355 -2.39 49.68 -24.66
C GLU A 355 -3.08 48.35 -24.93
N VAL A 356 -2.31 47.38 -25.42
CA VAL A 356 -2.87 46.10 -25.84
C VAL A 356 -3.60 45.40 -24.69
N LEU A 357 -3.06 45.50 -23.48
CA LEU A 357 -3.56 44.71 -22.37
C LEU A 357 -5.03 45.01 -22.06
N ALA A 358 -5.44 46.28 -22.15
CA ALA A 358 -6.84 46.60 -21.93
C ALA A 358 -7.74 46.22 -23.10
N ARG A 359 -7.23 46.33 -24.33
CA ARG A 359 -7.99 45.93 -25.50
C ARG A 359 -7.85 44.46 -25.86
N ALA A 360 -6.80 43.78 -25.41
CA ALA A 360 -6.66 42.34 -25.61
C ALA A 360 -7.07 41.54 -24.38
N GLY A 361 -7.71 42.17 -23.40
CA GLY A 361 -8.22 41.48 -22.24
C GLY A 361 -7.18 40.80 -21.38
N ILE A 362 -5.91 41.15 -21.59
CA ILE A 362 -4.79 40.52 -20.89
C ILE A 362 -4.40 41.39 -19.70
N PRO A 363 -4.28 40.83 -18.50
CA PRO A 363 -3.80 41.61 -17.35
C PRO A 363 -2.30 41.91 -17.50
N THR A 364 -1.83 42.86 -16.68
CA THR A 364 -0.41 43.16 -16.68
C THR A 364 0.43 41.95 -16.31
N SER A 365 -0.13 41.07 -15.47
CA SER A 365 0.50 39.81 -15.08
C SER A 365 -0.59 38.95 -14.48
N SER A 366 -0.44 37.63 -14.64
CA SER A 366 -1.41 36.68 -14.10
C SER A 366 -0.88 35.27 -14.26
N VAL A 367 -1.67 34.31 -13.78
CA VAL A 367 -1.29 32.91 -13.85
C VAL A 367 -1.87 32.31 -15.13
N PHE A 368 -0.96 31.77 -15.95
CA PHE A 368 -1.34 31.07 -17.17
C PHE A 368 -0.97 29.60 -17.00
N ALA A 369 -1.43 28.77 -17.92
CA ALA A 369 -1.31 27.34 -17.72
C ALA A 369 -0.61 26.68 -18.90
N LEU A 370 0.24 25.71 -18.60
CA LEU A 370 0.84 24.85 -19.61
C LEU A 370 0.05 23.55 -19.61
N HIS A 371 -0.50 23.18 -20.76
CA HIS A 371 -1.44 22.08 -20.85
C HIS A 371 -0.74 20.81 -21.30
N PHE A 372 -1.20 19.67 -20.76
CA PHE A 372 -0.63 18.38 -21.13
C PHE A 372 -0.81 18.10 -22.61
N THR A 373 -2.05 18.13 -23.10
CA THR A 373 -2.35 17.69 -24.44
C THR A 373 -1.98 18.76 -25.47
N GLU A 374 -1.79 18.30 -26.70
CA GLU A 374 -1.38 19.19 -27.79
C GLU A 374 -2.46 20.23 -28.04
N PRO A 375 -2.11 21.53 -28.13
CA PRO A 375 -0.78 22.14 -27.93
C PRO A 375 -0.51 22.50 -26.47
N PRO A 376 0.75 22.40 -26.03
CA PRO A 376 1.06 22.76 -24.64
C PRO A 376 0.73 24.20 -24.31
N ILE A 377 0.95 25.13 -25.24
CA ILE A 377 0.59 26.53 -25.02
C ILE A 377 -0.88 26.73 -25.32
N SER A 378 -1.44 27.79 -24.75
CA SER A 378 -2.81 28.22 -25.04
C SER A 378 -2.79 29.33 -26.08
N ALA A 379 -3.97 29.58 -26.67
CA ALA A 379 -4.09 30.71 -27.56
C ALA A 379 -4.06 32.03 -26.81
N GLN A 380 -4.29 32.01 -25.49
CA GLN A 380 -4.22 33.20 -24.67
C GLN A 380 -2.83 33.42 -24.07
N LEU A 381 -2.09 32.35 -23.77
CA LEU A 381 -0.71 32.51 -23.36
C LEU A 381 0.16 32.91 -24.54
N LEU A 382 -0.13 32.36 -25.72
CA LEU A 382 0.52 32.84 -26.94
C LEU A 382 0.15 34.29 -27.22
N ALA A 383 -1.09 34.69 -26.90
CA ALA A 383 -1.47 36.09 -27.01
C ALA A 383 -0.76 36.98 -26.00
N PHE A 384 -0.15 36.40 -24.97
CA PHE A 384 0.70 37.13 -24.05
C PHE A 384 2.17 37.04 -24.43
N LEU A 385 2.62 35.86 -24.82
CA LEU A 385 4.05 35.62 -25.08
C LEU A 385 4.47 36.25 -26.41
N ARG A 386 3.59 36.32 -27.40
CA ARG A 386 3.91 36.94 -28.72
C ARG A 386 4.30 38.39 -28.49
N VAL A 387 3.44 39.17 -27.85
CA VAL A 387 3.68 40.57 -27.49
C VAL A 387 4.86 40.77 -26.56
N PHE A 388 5.37 39.68 -25.99
CA PHE A 388 6.47 39.74 -25.00
C PHE A 388 7.82 39.67 -25.68
N CYS A 389 7.85 39.72 -27.01
CA CYS A 389 9.14 39.75 -27.76
C CYS A 389 9.00 40.56 -29.05
N MET A 390 7.98 41.43 -29.17
CA MET A 390 7.81 42.27 -30.35
C MET A 390 8.73 43.49 -30.32
N THR A 391 9.04 44.01 -31.51
CA THR A 391 9.80 45.24 -31.65
C THR A 391 8.85 46.43 -31.60
N GLU A 392 9.36 47.62 -31.89
CA GLU A 392 8.51 48.80 -31.90
C GLU A 392 7.67 48.89 -33.16
N GLU A 393 8.18 48.40 -34.28
CA GLU A 393 7.45 48.47 -35.54
C GLU A 393 6.19 47.60 -35.52
N GLU A 394 6.31 46.38 -35.00
CA GLU A 394 5.18 45.46 -34.96
C GLU A 394 4.14 45.83 -33.91
N LEU A 395 4.46 46.79 -33.04
CA LEU A 395 3.49 47.25 -32.05
C LEU A 395 2.53 48.28 -32.62
N LYS A 396 2.93 48.98 -33.68
CA LYS A 396 2.06 49.90 -34.41
C LYS A 396 1.35 49.23 -35.57
N GLU A 397 1.70 47.99 -35.88
CA GLU A 397 1.03 47.24 -36.94
C GLU A 397 -0.33 46.75 -36.48
N HIS A 398 -0.51 46.57 -35.17
CA HIS A 398 -1.78 46.17 -34.59
C HIS A 398 -2.63 47.36 -34.18
N LEU A 399 -2.04 48.54 -34.08
CA LEU A 399 -2.71 49.73 -33.54
C LEU A 399 -3.16 50.71 -34.61
N LEU A 400 -2.48 50.80 -35.75
CA LEU A 400 -2.80 51.81 -36.75
C LEU A 400 -3.05 51.16 -38.10
N GLY A 401 -4.02 51.12 -38.97
CA GLY A 401 -4.18 50.45 -40.25
C GLY A 401 -5.49 49.71 -40.42
N ASP A 402 -5.81 49.37 -41.67
CA ASP A 402 -7.04 48.66 -41.99
C ASP A 402 -6.98 47.18 -41.61
N SER A 403 -5.81 46.70 -41.20
CA SER A 403 -5.65 45.34 -40.69
C SER A 403 -5.46 45.31 -39.19
N ALA A 404 -5.61 46.46 -38.51
CA ALA A 404 -5.38 46.48 -37.07
C ALA A 404 -6.53 45.82 -36.31
N ILE A 405 -7.73 45.81 -36.88
CA ILE A 405 -8.85 45.14 -36.23
C ILE A 405 -8.79 43.64 -36.48
N ASP A 406 -8.37 43.24 -37.69
CA ASP A 406 -8.26 41.83 -38.02
C ASP A 406 -7.02 41.17 -37.39
N ARG A 407 -5.97 41.94 -37.09
CA ARG A 407 -4.74 41.33 -36.60
C ARG A 407 -4.78 41.07 -35.10
N ILE A 408 -5.38 41.99 -34.33
CA ILE A 408 -5.51 41.76 -32.90
C ILE A 408 -6.45 40.58 -32.65
N PHE A 409 -7.41 40.37 -33.53
CA PHE A 409 -8.28 39.21 -33.44
C PHE A 409 -7.51 37.91 -33.65
N THR A 410 -6.61 37.90 -34.66
CA THR A 410 -5.75 36.74 -35.02
C THR A 410 -4.45 36.75 -34.24
N LEU A 411 -4.50 37.18 -32.98
CA LEU A 411 -3.32 37.19 -32.10
C LEU A 411 -3.18 35.80 -31.48
N GLY A 412 -4.25 35.02 -31.33
CA GLY A 412 -4.06 33.67 -30.84
C GLY A 412 -3.96 32.57 -31.88
N ASN A 413 -4.06 32.90 -33.17
CA ASN A 413 -4.01 31.89 -34.22
C ASN A 413 -2.56 31.54 -34.56
N SER A 414 -2.21 30.27 -34.39
CA SER A 414 -0.85 29.83 -34.69
C SER A 414 -0.54 29.88 -36.18
N GLU A 415 -1.56 29.74 -37.04
CA GLU A 415 -1.33 29.81 -38.48
C GLU A 415 -1.22 31.25 -38.96
N PHE A 416 -1.57 32.22 -38.12
CA PHE A 416 -1.22 33.61 -38.37
C PHE A 416 -0.08 33.99 -37.45
N PRO A 417 1.17 33.75 -37.83
CA PRO A 417 2.29 34.24 -37.02
C PRO A 417 2.43 35.74 -37.18
N VAL A 418 2.54 36.45 -36.06
CA VAL A 418 2.71 37.89 -36.13
C VAL A 418 4.04 38.24 -36.78
N SER A 419 5.08 37.47 -36.48
CA SER A 419 6.35 37.62 -37.17
C SER A 419 7.17 36.35 -36.99
N TRP A 420 7.90 35.99 -38.05
CA TRP A 420 8.65 34.74 -38.06
C TRP A 420 9.74 34.72 -37.00
N ASP A 421 10.45 35.84 -36.82
CA ASP A 421 11.57 35.88 -35.87
C ASP A 421 11.08 35.83 -34.43
N ASN A 422 9.96 36.48 -34.13
CA ASN A 422 9.39 36.46 -32.79
C ASN A 422 9.11 35.04 -32.32
N GLU A 423 8.73 34.15 -33.25
CA GLU A 423 8.40 32.78 -32.89
C GLU A 423 9.56 32.11 -32.16
N VAL A 424 10.76 32.13 -32.76
CA VAL A 424 11.92 31.49 -32.14
C VAL A 424 12.22 32.11 -30.78
N LYS A 425 12.03 33.43 -30.64
CA LYS A 425 12.22 34.08 -29.35
C LYS A 425 11.28 33.50 -28.30
N LEU A 426 10.00 33.33 -28.65
CA LEU A 426 9.02 32.87 -27.68
C LEU A 426 9.30 31.45 -27.23
N TRP A 427 9.77 30.61 -28.16
CA TRP A 427 10.10 29.24 -27.80
C TRP A 427 11.44 29.19 -27.06
N THR A 428 12.35 30.12 -27.38
CA THR A 428 13.58 30.25 -26.60
C THR A 428 13.29 30.66 -25.16
N PHE A 429 12.45 31.69 -24.99
CA PHE A 429 12.07 32.13 -23.64
C PHE A 429 11.53 30.96 -22.83
N LEU A 430 10.60 30.21 -23.42
CA LEU A 430 10.01 29.06 -22.72
C LEU A 430 11.05 27.97 -22.51
N GLU A 431 11.92 27.74 -23.51
CA GLU A 431 13.04 26.82 -23.33
C GLU A 431 13.87 27.18 -22.10
N ASP A 432 14.09 28.47 -21.87
CA ASP A 432 14.84 28.89 -20.69
C ASP A 432 13.99 28.75 -19.43
N ARG A 433 12.75 29.24 -19.48
CA ARG A 433 11.89 29.20 -18.30
C ARG A 433 11.53 27.78 -17.91
N ALA A 434 11.12 26.96 -18.88
CA ALA A 434 10.69 25.60 -18.55
C ALA A 434 11.84 24.78 -18.00
N SER A 435 13.03 24.89 -18.60
CA SER A 435 14.19 24.18 -18.07
C SER A 435 14.52 24.64 -16.66
N LEU A 436 14.39 25.95 -16.41
CA LEU A 436 14.52 26.47 -15.05
C LEU A 436 13.51 25.82 -14.11
N LEU A 437 12.24 25.73 -14.54
CA LEU A 437 11.20 25.17 -13.68
C LEU A 437 11.47 23.71 -13.33
N LEU A 438 12.08 22.95 -14.25
CA LEU A 438 12.48 21.59 -13.89
C LEU A 438 13.54 21.61 -12.78
N LYS A 439 14.49 22.54 -12.85
CA LYS A 439 15.50 22.65 -11.81
C LYS A 439 14.88 22.95 -10.44
N THR A 440 13.81 23.76 -10.43
CA THR A 440 13.22 24.18 -9.17
C THR A 440 12.70 23.01 -8.34
N TYR A 441 12.33 21.91 -8.99
CA TYR A 441 11.79 20.78 -8.27
C TYR A 441 12.89 20.02 -7.53
N LYS A 442 12.54 19.50 -6.34
CA LYS A 442 13.53 18.85 -5.50
C LYS A 442 14.05 17.55 -6.08
N THR A 443 13.29 16.90 -6.95
CA THR A 443 13.66 15.62 -7.56
C THR A 443 13.62 15.75 -9.07
N THR A 444 13.87 14.65 -9.76
CA THR A 444 13.84 14.62 -11.22
C THR A 444 12.69 13.72 -11.70
N ILE A 445 12.37 13.85 -12.98
CA ILE A 445 11.32 13.04 -13.58
C ILE A 445 11.70 11.56 -13.56
N GLU A 446 12.99 11.26 -13.77
CA GLU A 446 13.44 9.87 -13.79
C GLU A 446 13.33 9.23 -12.41
N GLU A 447 13.69 9.96 -11.35
CA GLU A 447 13.59 9.41 -10.01
C GLU A 447 12.14 9.15 -9.61
N ASP A 448 11.21 9.98 -10.08
CA ASP A 448 9.82 9.84 -9.65
C ASP A 448 9.16 8.60 -10.24
N LYS A 449 9.50 8.24 -11.49
CA LYS A 449 8.94 7.05 -12.09
C LYS A 449 9.32 5.79 -11.30
N SER A 450 10.58 5.71 -10.87
CA SER A 450 11.03 4.52 -10.16
C SER A 450 10.35 4.37 -8.81
N VAL A 451 10.11 5.49 -8.11
CA VAL A 451 9.52 5.43 -6.77
C VAL A 451 8.10 4.85 -6.76
N LEU A 452 7.34 5.06 -7.84
CA LEU A 452 6.00 4.47 -7.85
C LEU A 452 6.03 2.98 -8.14
N LYS A 453 6.94 2.54 -9.00
CA LYS A 453 7.02 1.12 -9.32
C LYS A 453 7.66 0.31 -8.20
N ASN A 454 8.58 0.92 -7.45
CA ASN A 454 9.45 0.18 -6.54
C ASN A 454 9.17 0.39 -5.05
N HIS A 455 8.47 1.45 -4.67
CA HIS A 455 8.16 1.71 -3.26
C HIS A 455 6.71 1.39 -2.93
N ASP A 456 6.46 1.20 -1.62
CA ASP A 456 5.12 1.01 -1.06
C ASP A 456 4.68 2.27 -0.34
N LEU A 457 3.92 3.08 -1.06
CA LEU A 457 3.50 4.40 -0.63
C LEU A 457 2.10 4.30 -0.07
N SER A 458 1.75 5.25 0.79
CA SER A 458 0.37 5.32 1.24
C SER A 458 -0.53 5.67 0.05
N VAL A 459 -1.83 5.42 0.21
CA VAL A 459 -2.78 5.77 -0.84
C VAL A 459 -2.67 7.25 -1.17
N ARG A 460 -2.50 8.06 -0.12
CA ARG A 460 -2.38 9.52 -0.26
C ARG A 460 -1.01 9.93 -0.78
N ALA A 461 0.04 9.25 -0.32
CA ALA A 461 1.38 9.55 -0.82
C ALA A 461 1.46 9.28 -2.32
N LYS A 462 0.87 8.17 -2.79
CA LYS A 462 0.87 7.88 -4.22
C LYS A 462 0.20 9.00 -5.00
N MET A 463 -0.85 9.59 -4.45
CA MET A 463 -1.53 10.71 -5.13
C MET A 463 -0.60 11.90 -5.29
N ALA A 464 0.04 12.32 -4.20
CA ALA A 464 0.85 13.54 -4.21
C ALA A 464 2.08 13.40 -5.10
N ILE A 465 2.75 12.24 -5.04
CA ILE A 465 3.97 12.05 -5.81
C ILE A 465 3.66 11.97 -7.30
N LYS A 466 2.61 11.24 -7.69
CA LYS A 466 2.23 11.18 -9.10
C LYS A 466 1.93 12.58 -9.64
N LEU A 467 1.39 13.46 -8.80
CA LEU A 467 1.17 14.85 -9.20
C LEU A 467 2.50 15.55 -9.44
N ARG A 468 3.42 15.46 -8.47
CA ARG A 468 4.74 16.05 -8.64
C ARG A 468 5.44 15.48 -9.87
N LEU A 469 5.21 14.21 -10.17
CA LEU A 469 5.63 13.64 -11.45
C LEU A 469 4.87 14.29 -12.61
N GLY A 470 3.53 14.29 -12.51
CA GLY A 470 2.71 14.91 -13.55
C GLY A 470 3.12 16.31 -13.90
N GLU A 471 3.29 17.17 -12.89
CA GLU A 471 3.73 18.54 -13.13
C GLU A 471 4.98 18.59 -14.01
N LYS A 472 5.99 17.81 -13.66
CA LYS A 472 7.19 17.72 -14.48
C LYS A 472 6.89 17.06 -15.82
N GLU A 473 5.95 16.09 -15.84
CA GLU A 473 5.58 15.44 -17.08
C GLU A 473 4.90 16.42 -18.04
N ILE A 474 4.16 17.38 -17.50
CA ILE A 474 3.56 18.42 -18.34
C ILE A 474 4.63 19.25 -19.01
N LEU A 475 5.62 19.70 -18.24
CA LEU A 475 6.66 20.57 -18.76
C LEU A 475 7.48 19.86 -19.85
N GLU A 476 7.81 18.59 -19.62
CA GLU A 476 8.60 17.83 -20.59
C GLU A 476 7.94 17.79 -21.95
N LYS A 477 6.60 17.81 -21.99
CA LYS A 477 5.91 17.91 -23.27
C LYS A 477 5.89 19.36 -23.77
N ALA A 478 5.92 20.32 -22.85
CA ALA A 478 6.05 21.73 -23.24
C ALA A 478 7.45 22.07 -23.71
N VAL A 479 8.48 21.44 -23.14
CA VAL A 479 9.86 21.75 -23.53
C VAL A 479 10.14 21.24 -24.94
N LYS A 480 9.86 19.96 -25.19
CA LYS A 480 10.15 19.40 -26.52
C LYS A 480 9.29 20.04 -27.59
N SER A 481 8.03 20.36 -27.28
CA SER A 481 7.19 21.06 -28.24
C SER A 481 7.77 22.45 -28.54
N ALA A 482 8.14 23.19 -27.49
CA ALA A 482 8.86 24.44 -27.71
C ALA A 482 10.12 24.19 -28.53
N ALA A 483 10.84 23.13 -28.21
CA ALA A 483 12.02 22.75 -28.99
C ALA A 483 11.63 22.41 -30.42
N VAL A 484 10.57 21.63 -30.60
CA VAL A 484 10.13 21.25 -31.95
C VAL A 484 9.64 22.47 -32.71
N ASN A 485 8.89 23.35 -32.03
CA ASN A 485 8.41 24.57 -32.69
C ASN A 485 9.55 25.56 -32.94
N ARG A 486 10.54 25.64 -32.03
CA ARG A 486 11.66 26.54 -32.26
C ARG A 486 12.48 26.13 -33.48
N GLU A 487 12.89 24.86 -33.55
CA GLU A 487 13.62 24.37 -34.72
C GLU A 487 12.81 24.57 -35.99
N TYR A 488 11.49 24.43 -35.92
CA TYR A 488 10.64 24.60 -37.10
C TYR A 488 10.75 26.01 -37.65
N TYR A 489 10.48 27.02 -36.81
CA TYR A 489 10.52 28.40 -37.27
C TYR A 489 11.95 28.82 -37.64
N ARG A 490 12.95 28.17 -37.05
CA ARG A 490 14.34 28.43 -37.42
C ARG A 490 14.62 27.96 -38.84
N GLN A 491 13.98 26.87 -39.27
CA GLN A 491 14.09 26.37 -40.64
C GLN A 491 13.46 27.31 -41.66
N GLN A 492 12.56 28.18 -41.21
CA GLN A 492 11.81 29.06 -42.11
C GLN A 492 12.66 30.19 -42.69
N MET A 493 13.79 30.53 -42.08
CA MET A 493 14.58 31.66 -42.56
C MET A 493 15.20 31.36 -43.92
N GLU A 494 15.44 30.09 -44.24
CA GLU A 494 16.12 29.74 -45.48
C GLU A 494 15.25 29.98 -46.71
N GLU A 495 14.00 29.50 -46.69
CA GLU A 495 13.16 29.60 -47.89
C GLU A 495 12.75 31.02 -48.21
N LYS A 496 12.67 31.89 -47.20
CA LYS A 496 12.28 33.29 -47.37
C LYS A 496 10.91 33.40 -48.05
N ALA A 497 9.96 32.61 -47.56
CA ALA A 497 8.61 32.59 -48.10
C ALA A 497 7.83 33.84 -47.69
N PRO A 498 6.78 34.19 -48.44
CA PRO A 498 5.94 35.31 -48.03
C PRO A 498 4.88 34.89 -47.01
N GLN B 6 -37.17 30.00 -18.53
CA GLN B 6 -36.06 30.26 -19.43
C GLN B 6 -36.52 31.10 -20.62
N SER B 7 -36.36 32.40 -20.52
CA SER B 7 -36.78 33.32 -21.58
C SER B 7 -35.70 33.52 -22.64
N GLY B 8 -34.46 33.14 -22.36
CA GLY B 8 -33.36 33.44 -23.25
C GLY B 8 -32.79 34.83 -23.10
N ALA B 9 -33.10 35.51 -22.00
CA ALA B 9 -32.67 36.88 -21.80
C ALA B 9 -32.66 37.19 -20.31
N ILE B 10 -31.86 38.19 -19.94
CA ILE B 10 -31.74 38.62 -18.55
C ILE B 10 -32.69 39.79 -18.34
N TYR B 11 -33.60 39.64 -17.39
CA TYR B 11 -34.61 40.66 -17.08
C TYR B 11 -34.29 41.17 -15.67
N VAL B 12 -33.69 42.36 -15.60
CA VAL B 12 -33.42 43.01 -14.34
C VAL B 12 -33.89 44.46 -14.43
N GLY B 13 -34.55 44.95 -13.39
CA GLY B 13 -35.05 46.31 -13.38
C GLY B 13 -35.83 46.64 -14.63
N ASN B 14 -35.57 47.83 -15.17
CA ASN B 14 -36.17 48.27 -16.42
C ASN B 14 -35.27 48.00 -17.62
N PHE B 15 -34.58 46.86 -17.63
CA PHE B 15 -33.63 46.53 -18.66
C PHE B 15 -33.81 45.08 -19.10
N ARG B 16 -33.57 44.84 -20.40
CA ARG B 16 -33.68 43.50 -20.97
C ARG B 16 -32.42 43.24 -21.77
N VAL B 17 -31.67 42.21 -21.39
CA VAL B 17 -30.38 41.87 -22.00
C VAL B 17 -30.53 40.58 -22.77
N VAL B 18 -29.93 40.54 -23.98
CA VAL B 18 -30.07 39.39 -24.87
C VAL B 18 -28.94 39.45 -25.88
N ASN B 19 -28.65 38.32 -26.52
CA ASN B 19 -27.70 38.28 -27.62
C ASN B 19 -28.12 39.26 -28.70
N ARG B 20 -27.15 40.00 -29.25
CA ARG B 20 -27.47 41.04 -30.22
C ARG B 20 -28.03 40.47 -31.52
N HIS B 21 -27.63 39.25 -31.89
CA HIS B 21 -28.01 38.67 -33.17
C HIS B 21 -29.34 37.93 -33.14
N LEU B 22 -29.99 37.83 -31.97
CA LEU B 22 -31.30 37.22 -31.86
C LEU B 22 -32.38 38.18 -31.37
N ALA B 23 -32.07 39.47 -31.29
CA ALA B 23 -32.99 40.46 -30.76
C ALA B 23 -34.13 40.76 -31.73
N THR B 24 -35.30 41.01 -31.17
CA THR B 24 -36.43 41.43 -31.98
C THR B 24 -36.29 42.91 -32.34
N HIS B 25 -36.96 43.30 -33.42
CA HIS B 25 -36.92 44.71 -33.84
C HIS B 25 -37.38 45.65 -32.73
N ASN B 26 -38.34 45.23 -31.91
CA ASN B 26 -38.77 46.05 -30.79
C ASN B 26 -37.63 46.34 -29.82
N ASP B 27 -36.67 45.41 -29.70
CA ASP B 27 -35.50 45.67 -28.87
C ASP B 27 -34.72 46.87 -29.40
N TRP B 28 -34.48 46.92 -30.73
CA TRP B 28 -33.88 48.12 -31.30
C TRP B 28 -34.80 49.32 -31.22
N ALA B 29 -36.12 49.10 -31.13
CA ALA B 29 -37.03 50.22 -30.92
C ALA B 29 -36.90 50.78 -29.52
N ASN B 30 -36.49 49.95 -28.56
CA ASN B 30 -36.26 50.37 -27.19
C ASN B 30 -34.78 50.17 -26.84
N LEU B 31 -33.90 50.57 -27.74
CA LEU B 31 -32.47 50.35 -27.57
C LEU B 31 -31.92 51.18 -26.42
N VAL B 32 -31.10 50.55 -25.59
CA VAL B 32 -30.35 51.22 -24.53
C VAL B 32 -28.84 51.18 -24.81
N TRP B 33 -28.31 50.03 -25.20
CA TRP B 33 -26.89 49.90 -25.50
C TRP B 33 -26.67 48.64 -26.33
N GLU B 34 -25.62 48.66 -27.15
CA GLU B 34 -25.32 47.52 -28.01
C GLU B 34 -23.81 47.38 -28.16
N ASP B 35 -23.39 46.21 -28.62
CA ASP B 35 -21.98 45.94 -28.92
C ASP B 35 -21.91 44.71 -29.81
N SER B 36 -21.41 44.88 -31.04
CA SER B 36 -21.22 43.72 -31.89
C SER B 36 -20.03 42.87 -31.43
N SER B 37 -19.08 43.49 -30.72
CA SER B 37 -17.91 42.78 -30.22
C SER B 37 -18.21 41.98 -28.95
N ARG B 38 -19.45 41.99 -28.48
CA ARG B 38 -19.84 41.22 -27.31
C ARG B 38 -21.03 40.31 -27.54
N ASP B 39 -21.69 40.41 -28.68
CA ASP B 39 -22.95 39.69 -28.95
C ASP B 39 -23.93 39.92 -27.80
N LEU B 40 -24.08 41.20 -27.45
CA LEU B 40 -24.89 41.60 -26.31
C LEU B 40 -25.73 42.81 -26.70
N LEU B 41 -27.03 42.70 -26.46
CA LEU B 41 -27.94 43.82 -26.70
C LEU B 41 -28.79 44.03 -25.46
N VAL B 42 -28.97 45.29 -25.09
CA VAL B 42 -29.74 45.67 -23.91
C VAL B 42 -30.86 46.60 -24.35
N SER B 43 -32.07 46.31 -23.88
CA SER B 43 -33.25 47.06 -24.24
C SER B 43 -34.00 47.46 -22.97
N SER B 44 -34.84 48.48 -23.08
CA SER B 44 -35.61 48.97 -21.96
C SER B 44 -36.95 48.22 -21.86
N THR B 45 -37.33 47.85 -20.64
CA THR B 45 -38.63 47.27 -20.38
C THR B 45 -39.38 48.12 -19.37
N THR B 46 -40.69 47.93 -19.32
CA THR B 46 -41.53 48.61 -18.33
C THR B 46 -41.67 47.81 -17.04
N ALA B 47 -41.63 46.49 -17.12
CA ALA B 47 -41.75 45.67 -15.92
C ALA B 47 -40.39 45.56 -15.22
N GLN B 48 -40.43 45.02 -14.00
CA GLN B 48 -39.24 44.87 -13.17
C GLN B 48 -38.83 43.40 -13.20
N GLY B 49 -37.76 43.10 -13.94
CA GLY B 49 -37.28 41.74 -14.01
C GLY B 49 -36.74 41.26 -12.68
N CYS B 50 -36.89 39.96 -12.43
CA CYS B 50 -36.53 39.37 -11.15
C CYS B 50 -35.19 38.61 -11.20
N ASP B 51 -34.35 38.92 -12.18
CA ASP B 51 -33.01 38.36 -12.26
C ASP B 51 -32.01 39.30 -11.58
N THR B 52 -31.13 38.73 -10.76
CA THR B 52 -30.09 39.49 -10.07
C THR B 52 -28.77 39.35 -10.81
N ILE B 53 -28.09 40.47 -11.04
CA ILE B 53 -26.78 40.44 -11.68
C ILE B 53 -25.75 40.09 -10.62
N ALA B 54 -25.00 39.02 -10.85
CA ALA B 54 -23.89 38.69 -9.98
C ALA B 54 -22.72 39.62 -10.28
N ARG B 55 -22.11 40.15 -9.22
CA ARG B 55 -20.85 40.87 -9.34
C ARG B 55 -19.71 40.03 -8.77
N CYS B 56 -19.75 38.73 -9.07
CA CYS B 56 -18.76 37.79 -8.56
C CYS B 56 -17.74 37.53 -9.65
N ASN B 57 -16.67 36.83 -9.28
CA ASN B 57 -15.72 36.31 -10.26
C ASN B 57 -15.81 34.79 -10.32
N CYS B 58 -17.00 34.25 -10.05
CA CYS B 58 -17.24 32.82 -10.13
C CYS B 58 -16.86 32.29 -11.51
N GLN B 59 -16.20 31.14 -11.52
CA GLN B 59 -15.76 30.51 -12.77
C GLN B 59 -16.32 29.09 -12.89
N THR B 60 -17.23 28.71 -12.01
CA THR B 60 -18.00 27.48 -12.15
C THR B 60 -19.46 27.87 -12.06
N GLY B 61 -20.22 27.59 -13.12
CA GLY B 61 -21.61 27.98 -13.19
C GLY B 61 -22.41 26.92 -13.92
N VAL B 62 -23.72 27.14 -13.99
CA VAL B 62 -24.63 26.21 -14.64
C VAL B 62 -25.34 26.99 -15.75
N TYR B 63 -25.41 26.38 -16.94
CA TYR B 63 -26.02 27.02 -18.09
C TYR B 63 -27.08 26.11 -18.68
N TYR B 64 -28.11 26.73 -19.24
CA TYR B 64 -29.18 25.99 -19.91
C TYR B 64 -28.76 25.61 -21.32
N CYS B 65 -28.90 24.34 -21.66
CA CYS B 65 -28.69 23.86 -23.02
C CYS B 65 -30.05 23.69 -23.66
N ASN B 66 -30.40 24.58 -24.59
CA ASN B 66 -31.72 24.55 -25.22
C ASN B 66 -31.93 23.25 -26.00
N SER B 67 -30.90 22.75 -26.68
CA SER B 67 -31.06 21.52 -27.45
C SER B 67 -31.25 20.30 -26.55
N ARG B 68 -30.77 20.37 -25.31
CA ARG B 68 -30.96 19.29 -24.35
C ARG B 68 -32.02 19.64 -23.32
N ARG B 69 -32.52 20.89 -23.33
CA ARG B 69 -33.58 21.34 -22.44
C ARG B 69 -33.21 21.18 -20.97
N LYS B 70 -31.91 21.32 -20.66
CA LYS B 70 -31.41 21.02 -19.33
C LYS B 70 -30.31 22.01 -18.95
N HIS B 71 -30.08 22.12 -17.64
CA HIS B 71 -29.01 22.95 -17.11
C HIS B 71 -27.77 22.12 -16.88
N TYR B 72 -26.60 22.70 -17.19
CA TYR B 72 -25.34 21.98 -17.14
C TYR B 72 -24.27 22.78 -16.42
N PRO B 73 -23.58 22.19 -15.42
CA PRO B 73 -22.47 22.90 -14.80
C PRO B 73 -21.23 22.91 -15.69
N VAL B 74 -20.56 24.06 -15.73
CA VAL B 74 -19.41 24.27 -16.59
C VAL B 74 -18.33 25.06 -15.86
N SER B 75 -17.07 24.75 -16.16
CA SER B 75 -15.92 25.54 -15.71
C SER B 75 -15.40 26.31 -16.92
N PHE B 76 -15.52 27.63 -16.88
CA PHE B 76 -15.23 28.50 -18.01
C PHE B 76 -14.09 29.44 -17.68
N SER B 77 -13.33 29.81 -18.72
CA SER B 77 -12.20 30.70 -18.54
C SER B 77 -12.64 32.14 -18.34
N LYS B 78 -11.71 33.05 -18.15
CA LYS B 78 -12.04 34.44 -17.78
C LYS B 78 -12.54 35.22 -18.98
N PRO B 79 -13.32 36.30 -18.79
CA PRO B 79 -13.76 37.14 -19.88
C PRO B 79 -12.57 37.52 -20.74
N SER B 80 -12.48 37.01 -21.97
CA SER B 80 -11.29 37.19 -22.84
C SER B 80 -11.66 37.33 -24.32
N LEU B 81 -10.87 38.07 -25.08
CA LEU B 81 -11.07 38.26 -26.52
C LEU B 81 -10.61 36.99 -27.23
N ILE B 82 -11.56 36.23 -27.78
CA ILE B 82 -11.28 34.90 -28.32
C ILE B 82 -11.69 34.83 -29.78
N TYR B 83 -10.89 34.11 -30.57
CA TYR B 83 -11.22 33.86 -31.97
C TYR B 83 -12.51 33.06 -32.10
N VAL B 84 -13.46 33.60 -32.87
CA VAL B 84 -14.68 32.89 -33.25
C VAL B 84 -14.73 32.81 -34.77
N GLU B 85 -14.74 31.59 -35.30
CA GLU B 85 -14.92 31.44 -36.74
C GLU B 85 -16.32 31.87 -37.15
N ALA B 86 -16.44 32.27 -38.41
CA ALA B 86 -17.71 32.77 -38.94
C ALA B 86 -18.79 31.70 -38.92
N SER B 87 -20.03 32.16 -38.73
CA SER B 87 -21.23 31.33 -38.78
C SER B 87 -22.28 32.08 -39.60
N GLU B 88 -23.50 31.57 -39.61
CA GLU B 88 -24.57 32.21 -40.37
C GLU B 88 -24.98 33.58 -39.82
N TYR B 89 -24.41 33.98 -38.68
CA TYR B 89 -24.85 35.23 -38.01
C TYR B 89 -23.74 36.28 -38.08
N TYR B 90 -22.58 35.96 -37.51
CA TYR B 90 -21.46 36.94 -37.49
C TYR B 90 -20.27 36.38 -38.26
N PRO B 91 -19.69 37.11 -39.23
CA PRO B 91 -18.45 36.66 -39.89
C PRO B 91 -17.35 36.84 -38.83
N ALA B 92 -16.25 36.10 -38.92
CA ALA B 92 -15.24 36.17 -37.83
C ALA B 92 -14.80 37.62 -37.62
N ARG B 93 -14.89 38.12 -36.38
CA ARG B 93 -14.51 39.52 -36.04
C ARG B 93 -14.13 39.52 -34.57
N TYR B 94 -13.37 40.52 -34.09
CA TYR B 94 -12.90 40.45 -32.68
C TYR B 94 -14.10 40.32 -31.74
N GLN B 95 -14.05 39.34 -30.83
CA GLN B 95 -15.17 39.10 -29.88
C GLN B 95 -14.58 39.02 -28.48
N SER B 96 -14.89 39.98 -27.60
CA SER B 96 -14.28 40.02 -26.30
C SER B 96 -15.26 39.49 -25.25
N HIS B 97 -14.76 39.37 -24.01
CA HIS B 97 -15.59 39.02 -22.86
C HIS B 97 -16.32 37.69 -23.11
N LEU B 98 -15.59 36.72 -23.66
CA LEU B 98 -16.14 35.42 -24.04
C LEU B 98 -15.55 34.38 -23.11
N MET B 99 -16.35 33.92 -22.16
CA MET B 99 -15.94 32.82 -21.30
C MET B 99 -16.23 31.49 -22.01
N LEU B 100 -15.20 30.65 -22.12
CA LEU B 100 -15.31 29.38 -22.84
C LEU B 100 -15.23 28.20 -21.88
N ALA B 101 -16.07 27.20 -22.12
CA ALA B 101 -16.12 26.00 -21.32
C ALA B 101 -16.55 24.85 -22.22
N GLN B 102 -16.32 23.63 -21.75
CA GLN B 102 -16.74 22.45 -22.49
C GLN B 102 -18.18 22.09 -22.16
N GLY B 103 -18.98 21.91 -23.20
CA GLY B 103 -20.36 21.47 -23.06
C GLY B 103 -20.99 21.39 -24.43
N HIS B 104 -22.26 21.02 -24.44
CA HIS B 104 -23.03 20.93 -25.67
C HIS B 104 -23.74 22.26 -25.92
N SER B 105 -23.42 22.90 -27.04
CA SER B 105 -24.02 24.17 -27.44
C SER B 105 -24.16 24.16 -28.95
N GLU B 106 -25.39 24.02 -29.42
CA GLU B 106 -25.67 23.98 -30.86
CA GLU B 106 -25.70 23.95 -30.85
C GLU B 106 -26.55 25.16 -31.23
N PRO B 107 -26.74 25.44 -32.52
CA PRO B 107 -27.63 26.54 -32.90
C PRO B 107 -29.00 26.42 -32.24
N GLY B 108 -29.48 27.54 -31.70
CA GLY B 108 -30.67 27.57 -30.89
C GLY B 108 -30.41 27.57 -29.40
N ASP B 109 -29.23 27.11 -28.98
CA ASP B 109 -28.84 27.16 -27.58
C ASP B 109 -28.34 28.55 -27.16
N ALA B 110 -28.09 29.44 -28.11
CA ALA B 110 -27.78 30.83 -27.78
C ALA B 110 -28.94 31.43 -26.98
N GLY B 111 -28.63 31.93 -25.79
CA GLY B 111 -29.65 32.40 -24.86
C GLY B 111 -29.66 31.69 -23.52
N GLY B 112 -28.93 30.59 -23.36
CA GLY B 112 -28.85 29.92 -22.08
C GLY B 112 -28.21 30.80 -21.02
N ILE B 113 -28.85 30.94 -19.87
CA ILE B 113 -28.41 31.87 -18.84
C ILE B 113 -27.44 31.18 -17.91
N LEU B 114 -26.19 31.65 -17.89
CA LEU B 114 -25.17 31.15 -16.99
C LEU B 114 -25.16 31.95 -15.70
N ARG B 115 -25.08 31.26 -14.57
CA ARG B 115 -25.21 31.89 -13.26
C ARG B 115 -24.14 31.37 -12.30
N CYS B 116 -23.72 32.24 -11.38
CA CYS B 116 -22.85 31.91 -10.27
C CYS B 116 -23.68 31.93 -8.98
N GLN B 117 -23.09 31.41 -7.90
CA GLN B 117 -23.82 31.30 -6.63
C GLN B 117 -24.41 32.63 -6.20
N HIS B 118 -23.85 33.73 -6.69
CA HIS B 118 -24.28 35.09 -6.37
C HIS B 118 -25.23 35.68 -7.41
N GLY B 119 -25.61 34.89 -8.42
CA GLY B 119 -26.54 35.35 -9.43
C GLY B 119 -26.10 35.05 -10.85
N VAL B 120 -26.57 35.85 -11.81
CA VAL B 120 -26.35 35.58 -13.22
C VAL B 120 -24.93 35.95 -13.60
N VAL B 121 -24.29 35.11 -14.41
CA VAL B 121 -22.93 35.35 -14.90
C VAL B 121 -22.99 35.91 -16.31
N GLY B 122 -23.56 35.15 -17.23
CA GLY B 122 -23.59 35.56 -18.60
C GLY B 122 -24.70 34.86 -19.37
N ILE B 123 -24.55 34.88 -20.70
CA ILE B 123 -25.54 34.31 -21.60
C ILE B 123 -24.79 33.73 -22.79
N VAL B 124 -25.28 32.59 -23.29
CA VAL B 124 -24.59 31.91 -24.39
C VAL B 124 -24.51 32.81 -25.61
N SER B 125 -23.34 32.83 -26.24
CA SER B 125 -23.13 33.64 -27.43
C SER B 125 -22.59 32.80 -28.58
N THR B 126 -21.60 31.95 -28.31
CA THR B 126 -20.95 31.17 -29.34
C THR B 126 -20.96 29.69 -28.95
N GLY B 127 -20.68 28.84 -29.93
CA GLY B 127 -20.59 27.41 -29.73
C GLY B 127 -19.77 26.79 -30.84
N GLY B 128 -19.50 25.50 -30.69
CA GLY B 128 -18.75 24.79 -31.70
C GLY B 128 -17.52 24.08 -31.15
N ASN B 129 -17.11 22.99 -31.80
CA ASN B 129 -15.92 22.24 -31.42
C ASN B 129 -16.01 21.73 -29.99
N GLY B 130 -17.22 21.35 -29.57
CA GLY B 130 -17.46 20.87 -28.23
C GLY B 130 -17.32 21.89 -27.14
N LEU B 131 -17.26 23.17 -27.49
CA LEU B 131 -17.17 24.28 -26.55
C LEU B 131 -18.43 25.13 -26.59
N VAL B 132 -18.62 25.90 -25.53
CA VAL B 132 -19.76 26.81 -25.41
C VAL B 132 -19.22 28.15 -24.96
N GLY B 133 -19.63 29.22 -25.65
CA GLY B 133 -19.18 30.56 -25.35
C GLY B 133 -20.26 31.35 -24.65
N PHE B 134 -19.86 32.05 -23.59
CA PHE B 134 -20.75 32.88 -22.80
C PHE B 134 -20.29 34.33 -22.89
N ALA B 135 -21.22 35.22 -23.24
CA ALA B 135 -20.93 36.65 -23.23
C ALA B 135 -21.11 37.18 -21.81
N ASP B 136 -20.04 37.74 -21.25
CA ASP B 136 -20.08 38.23 -19.88
C ASP B 136 -20.99 39.45 -19.76
N VAL B 137 -21.59 39.61 -18.59
CA VAL B 137 -22.41 40.77 -18.29
C VAL B 137 -22.07 41.41 -16.96
N ARG B 138 -21.40 40.69 -16.07
CA ARG B 138 -21.13 41.16 -14.70
C ARG B 138 -20.47 42.53 -14.76
N ASP B 139 -19.75 42.83 -15.83
CA ASP B 139 -18.93 44.06 -15.89
C ASP B 139 -19.82 45.27 -15.87
N LEU B 140 -20.95 45.19 -16.54
CA LEU B 140 -21.81 46.37 -16.73
C LEU B 140 -22.52 46.67 -15.42
N LEU B 141 -21.85 47.30 -14.50
CA LEU B 141 -22.54 47.72 -13.28
C LEU B 141 -23.71 48.62 -13.68
N TRP B 142 -23.57 49.45 -14.71
CA TRP B 142 -24.62 50.43 -15.02
C TRP B 142 -25.92 49.66 -15.13
N LEU B 143 -25.83 48.37 -15.27
CA LEU B 143 -27.01 47.48 -15.40
C LEU B 143 -27.40 47.07 -13.99
N ASP B 144 -28.21 47.86 -13.33
CA ASP B 144 -28.64 47.69 -11.95
C ASP B 144 -29.97 48.41 -11.79
N GLU B 145 -30.43 48.53 -10.55
CA GLU B 145 -31.63 49.32 -10.29
C GLU B 145 -31.27 50.79 -10.31
N GLU B 146 -32.26 51.62 -10.62
CA GLU B 146 -32.05 53.07 -10.67
C GLU B 146 -32.38 53.71 -9.32
N PRO C 22 -7.00 -12.24 80.25
CA PRO C 22 -8.42 -12.26 80.57
C PRO C 22 -8.86 -11.03 81.35
N LYS C 23 -8.20 -10.77 82.49
CA LYS C 23 -8.33 -9.50 83.18
C LYS C 23 -7.22 -8.52 82.82
N GLU C 24 -6.09 -9.02 82.31
CA GLU C 24 -5.04 -8.14 81.80
C GLU C 24 -5.53 -7.33 80.60
N ILE C 25 -6.27 -7.97 79.69
CA ILE C 25 -6.86 -7.27 78.55
C ILE C 25 -7.72 -6.11 79.02
N LEU C 26 -8.48 -6.30 80.10
CA LEU C 26 -9.30 -5.22 80.64
C LEU C 26 -8.46 -3.98 80.95
N ASN C 27 -7.26 -4.19 81.51
CA ASN C 27 -6.34 -3.09 81.72
C ASN C 27 -5.68 -2.63 80.42
N LEU C 28 -5.59 -3.51 79.42
CA LEU C 28 -5.00 -3.13 78.15
C LEU C 28 -5.98 -2.40 77.24
N THR C 29 -7.27 -2.72 77.32
CA THR C 29 -8.25 -1.99 76.55
C THR C 29 -8.55 -0.63 77.18
N SER C 30 -8.53 -0.57 78.52
CA SER C 30 -8.71 0.70 79.22
C SER C 30 -7.64 1.71 78.83
N GLU C 31 -6.42 1.23 78.54
CA GLU C 31 -5.35 2.14 78.12
C GLU C 31 -5.59 2.64 76.70
N LEU C 32 -6.05 1.77 75.80
CA LEU C 32 -6.32 2.20 74.43
C LEU C 32 -7.49 3.18 74.39
N LEU C 33 -8.49 2.96 75.24
CA LEU C 33 -9.61 3.88 75.36
C LEU C 33 -9.13 5.30 75.72
N GLN C 34 -8.33 5.41 76.78
CA GLN C 34 -7.87 6.71 77.25
C GLN C 34 -7.16 7.48 76.14
N LYS C 35 -6.19 6.84 75.48
CA LYS C 35 -5.44 7.53 74.44
C LYS C 35 -6.35 7.98 73.30
N CYS C 36 -7.28 7.12 72.89
CA CYS C 36 -8.24 7.50 71.85
C CYS C 36 -9.28 8.49 72.35
N SER C 37 -9.40 8.68 73.67
CA SER C 37 -10.30 9.68 74.21
C SER C 37 -9.72 11.09 74.11
N SER C 38 -8.49 11.24 73.57
CA SER C 38 -7.90 12.56 73.38
C SER C 38 -8.32 13.12 72.03
N PRO C 39 -8.41 14.44 71.91
CA PRO C 39 -8.70 15.04 70.60
C PRO C 39 -7.46 15.03 69.71
N ALA C 40 -7.68 15.37 68.45
CA ALA C 40 -6.59 15.37 67.48
C ALA C 40 -5.54 16.40 67.87
N PRO C 41 -3.39 15.62 67.85
CA PRO C 41 -2.24 16.36 68.39
C PRO C 41 -1.81 17.52 67.51
N GLY C 42 -2.16 17.45 66.23
CA GLY C 42 -1.86 18.53 65.28
C GLY C 42 -1.60 17.95 63.91
N PRO C 43 -0.96 18.66 62.97
CA PRO C 43 -0.58 18.05 61.72
C PRO C 43 0.90 17.72 61.84
N GLY C 44 1.36 16.63 61.22
CA GLY C 44 2.76 16.18 61.39
C GLY C 44 2.80 15.42 62.69
N LYS C 45 2.17 16.02 63.70
CA LYS C 45 1.96 15.38 65.02
C LYS C 45 0.91 14.29 64.90
N GLU C 46 0.19 14.26 63.78
CA GLU C 46 -0.85 13.22 63.54
C GLU C 46 -0.16 11.89 63.35
N TRP C 47 0.71 11.77 62.35
CA TRP C 47 1.42 10.51 62.03
C TRP C 47 2.06 9.99 63.30
N GLU C 48 2.34 10.89 64.24
CA GLU C 48 3.03 10.52 65.51
C GLU C 48 2.04 9.71 66.36
N GLU C 49 0.92 10.32 66.74
CA GLU C 49 -0.06 9.60 67.55
C GLU C 49 -0.48 8.29 66.89
N TYR C 50 -0.47 8.22 65.57
CA TYR C 50 -0.89 7.00 64.87
C TYR C 50 -0.08 5.79 65.32
N VAL C 51 1.25 5.87 65.22
CA VAL C 51 2.10 4.73 65.60
C VAL C 51 1.91 4.37 67.06
N GLN C 52 1.60 5.35 67.90
CA GLN C 52 1.20 5.06 69.27
C GLN C 52 0.00 4.12 69.29
N ILE C 53 -0.98 4.38 68.42
CA ILE C 53 -2.19 3.56 68.40
C ILE C 53 -1.91 2.21 67.74
N ARG C 54 -1.12 2.20 66.67
CA ARG C 54 -0.83 0.95 65.97
C ARG C 54 -0.13 -0.05 66.87
N THR C 55 0.90 0.41 67.60
CA THR C 55 1.65 -0.48 68.49
C THR C 55 0.73 -1.08 69.55
N LEU C 56 -0.22 -0.28 70.05
CA LEU C 56 -1.14 -0.77 71.07
C LEU C 56 -2.02 -1.92 70.54
N VAL C 57 -2.55 -1.78 69.33
CA VAL C 57 -3.40 -2.84 68.77
C VAL C 57 -2.59 -4.12 68.53
N GLU C 58 -1.38 -3.99 67.99
CA GLU C 58 -0.56 -5.17 67.73
C GLU C 58 -0.25 -5.93 69.01
N LYS C 59 -0.06 -5.22 70.12
CA LYS C 59 0.13 -5.88 71.40
C LYS C 59 -1.08 -6.71 71.80
N ILE C 60 -2.28 -6.11 71.72
CA ILE C 60 -3.50 -6.82 72.09
C ILE C 60 -3.77 -7.99 71.16
N ARG C 61 -3.82 -7.73 69.85
CA ARG C 61 -4.20 -8.77 68.90
C ARG C 61 -3.25 -9.96 68.96
N LYS C 62 -1.94 -9.70 69.11
CA LYS C 62 -0.98 -10.80 69.26
C LYS C 62 -1.15 -11.56 70.55
N LYS C 63 -2.00 -11.07 71.47
CA LYS C 63 -2.38 -11.77 72.68
C LYS C 63 -3.77 -12.38 72.57
N GLN C 64 -4.35 -12.37 71.36
CA GLN C 64 -5.69 -12.86 71.11
C GLN C 64 -5.63 -13.92 70.01
N LYS C 65 -6.65 -14.78 69.99
CA LYS C 65 -6.68 -15.92 69.09
C LYS C 65 -7.17 -15.56 67.69
N GLY C 66 -7.20 -14.28 67.34
CA GLY C 66 -7.68 -13.87 66.03
C GLY C 66 -9.20 -13.93 65.93
N LEU C 67 -9.70 -14.46 64.82
CA LEU C 67 -11.13 -14.59 64.63
C LEU C 67 -11.69 -15.63 65.58
N SER C 68 -12.68 -15.24 66.39
CA SER C 68 -13.23 -16.14 67.41
C SER C 68 -13.74 -17.44 66.79
N VAL C 69 -14.45 -17.36 65.68
CA VAL C 69 -14.98 -18.52 64.99
C VAL C 69 -14.31 -18.64 63.64
N THR C 70 -13.72 -19.81 63.36
CA THR C 70 -13.05 -20.08 62.11
C THR C 70 -13.77 -21.22 61.40
N PHE C 71 -13.86 -21.12 60.08
CA PHE C 71 -14.52 -22.15 59.29
C PHE C 71 -13.58 -23.31 59.03
N ASP C 72 -14.08 -24.53 59.23
CA ASP C 72 -13.26 -25.73 59.05
C ASP C 72 -12.94 -25.99 57.59
N GLY C 73 -13.95 -25.93 56.71
CA GLY C 73 -13.75 -26.18 55.30
C GLY C 73 -13.17 -24.98 54.57
N LYS C 74 -13.28 -25.03 53.25
CA LYS C 74 -12.83 -23.93 52.41
C LYS C 74 -13.97 -22.97 52.10
N ARG C 75 -13.60 -21.77 51.65
CA ARG C 75 -14.58 -20.73 51.38
C ARG C 75 -15.58 -21.18 50.32
N GLU C 76 -15.07 -21.60 49.14
CA GLU C 76 -15.95 -21.94 48.03
C GLU C 76 -16.87 -23.11 48.36
N ASP C 77 -16.46 -23.99 49.27
CA ASP C 77 -17.27 -25.16 49.61
C ASP C 77 -18.59 -24.79 50.28
N TYR C 78 -18.75 -23.56 50.77
CA TYR C 78 -19.97 -23.15 51.44
C TYR C 78 -20.82 -22.22 50.58
N PHE C 79 -20.44 -22.02 49.33
CA PHE C 79 -21.20 -21.25 48.36
C PHE C 79 -22.42 -22.05 47.86
N PRO C 80 -22.29 -23.36 47.60
CA PRO C 80 -23.49 -24.14 47.26
C PRO C 80 -24.60 -24.02 48.30
N ASP C 81 -24.24 -23.96 49.59
CA ASP C 81 -25.25 -23.75 50.63
C ASP C 81 -25.96 -22.41 50.45
N LEU C 82 -25.26 -21.41 49.91
CA LEU C 82 -25.85 -20.08 49.76
C LEU C 82 -27.04 -20.07 48.81
N MET C 83 -26.90 -20.72 47.64
CA MET C 83 -27.96 -20.63 46.63
C MET C 83 -29.23 -21.33 47.08
N LYS C 84 -29.10 -22.50 47.71
CA LYS C 84 -30.30 -23.22 48.15
C LYS C 84 -31.06 -22.45 49.21
N TRP C 85 -30.35 -22.00 50.27
CA TRP C 85 -30.97 -21.14 51.27
C TRP C 85 -31.59 -19.92 50.63
N ALA C 86 -30.91 -19.33 49.65
CA ALA C 86 -31.49 -18.23 48.89
C ALA C 86 -32.74 -18.69 48.15
N SER C 87 -32.64 -19.85 47.47
CA SER C 87 -33.80 -20.42 46.81
C SER C 87 -34.88 -20.83 47.82
N GLU C 88 -34.50 -21.16 49.06
CA GLU C 88 -35.48 -21.51 50.07
C GLU C 88 -36.37 -20.33 50.43
N ASN C 89 -35.91 -19.11 50.20
CA ASN C 89 -36.68 -17.91 50.55
C ASN C 89 -36.92 -17.00 49.35
N GLY C 90 -36.49 -17.40 48.15
CA GLY C 90 -36.88 -16.68 46.95
C GLY C 90 -35.90 -15.73 46.30
N ALA C 91 -34.61 -16.06 46.31
CA ALA C 91 -33.60 -15.24 45.65
C ALA C 91 -33.24 -15.84 44.29
N SER C 92 -33.02 -14.97 43.31
CA SER C 92 -32.54 -15.39 41.99
C SER C 92 -31.22 -16.13 42.09
N VAL C 93 -31.19 -17.37 41.61
CA VAL C 93 -29.98 -18.18 41.63
C VAL C 93 -29.56 -18.65 40.24
N GLU C 94 -30.18 -18.10 39.19
CA GLU C 94 -29.82 -18.45 37.81
C GLU C 94 -29.41 -17.19 37.06
N GLY C 95 -28.47 -17.36 36.13
CA GLY C 95 -27.94 -16.27 35.34
C GLY C 95 -26.52 -15.85 35.70
N PHE C 96 -25.90 -16.51 36.68
CA PHE C 96 -24.58 -16.13 37.15
C PHE C 96 -23.99 -17.30 37.94
N GLU C 97 -22.70 -17.19 38.24
CA GLU C 97 -22.02 -18.20 39.03
C GLU C 97 -20.92 -17.54 39.83
N MET C 98 -20.39 -18.31 40.80
CA MET C 98 -19.33 -17.83 41.70
C MET C 98 -17.99 -18.19 41.09
N VAL C 99 -17.23 -17.17 40.68
CA VAL C 99 -15.93 -17.35 40.05
C VAL C 99 -14.92 -16.44 40.74
N ASN C 100 -13.71 -16.95 40.97
CA ASN C 100 -12.64 -16.21 41.62
C ASN C 100 -11.90 -15.40 40.56
N PHE C 101 -12.27 -14.13 40.41
CA PHE C 101 -11.58 -13.26 39.46
C PHE C 101 -10.30 -12.72 40.07
N LYS C 102 -9.29 -12.52 39.22
CA LYS C 102 -7.98 -12.09 39.70
C LYS C 102 -8.02 -10.67 40.26
N GLU C 103 -8.62 -9.73 39.53
CA GLU C 103 -8.45 -8.32 39.85
C GLU C 103 -9.26 -7.90 41.07
N GLU C 104 -10.41 -8.51 41.31
CA GLU C 104 -11.28 -8.12 42.41
C GLU C 104 -11.62 -9.25 43.37
N GLY C 105 -11.06 -10.45 43.18
CA GLY C 105 -11.38 -11.57 44.02
C GLY C 105 -12.59 -12.32 43.51
N PHE C 106 -13.33 -12.97 44.41
CA PHE C 106 -14.52 -13.69 44.01
C PHE C 106 -15.58 -12.72 43.46
N GLY C 107 -16.27 -13.16 42.42
CA GLY C 107 -17.30 -12.35 41.81
C GLY C 107 -18.28 -13.23 41.06
N LEU C 108 -19.18 -12.58 40.33
CA LEU C 108 -20.18 -13.30 39.55
C LEU C 108 -19.84 -13.26 38.07
N ARG C 109 -20.00 -14.40 37.42
CA ARG C 109 -19.74 -14.57 35.99
C ARG C 109 -21.03 -15.03 35.33
N ALA C 110 -21.43 -14.36 34.25
CA ALA C 110 -22.68 -14.66 33.59
C ALA C 110 -22.68 -16.09 33.04
N THR C 111 -23.69 -16.86 33.45
CA THR C 111 -23.92 -18.20 32.91
C THR C 111 -24.89 -18.19 31.73
N ARG C 112 -25.39 -17.02 31.34
CA ARG C 112 -26.24 -16.86 30.17
C ARG C 112 -25.92 -15.52 29.53
N ASP C 113 -26.64 -15.20 28.46
CA ASP C 113 -26.52 -13.88 27.82
C ASP C 113 -27.37 -12.91 28.61
N ILE C 114 -26.76 -11.82 29.09
CA ILE C 114 -27.46 -10.80 29.85
C ILE C 114 -27.45 -9.51 29.04
N LYS C 115 -28.63 -9.04 28.66
CA LYS C 115 -28.79 -7.76 27.99
C LYS C 115 -28.72 -6.62 29.01
N ALA C 116 -28.43 -5.42 28.52
CA ALA C 116 -28.48 -4.24 29.36
C ALA C 116 -29.86 -4.09 29.98
N GLU C 117 -29.89 -3.66 31.24
CA GLU C 117 -31.10 -3.38 32.02
C GLU C 117 -31.87 -4.65 32.38
N GLU C 118 -31.44 -5.81 31.89
CA GLU C 118 -32.12 -7.07 32.20
C GLU C 118 -32.07 -7.35 33.69
N LEU C 119 -33.24 -7.42 34.33
CA LEU C 119 -33.33 -7.72 35.75
C LEU C 119 -32.95 -9.18 35.99
N PHE C 120 -31.90 -9.40 36.78
CA PHE C 120 -31.39 -10.74 37.04
C PHE C 120 -31.18 -11.04 38.51
N LEU C 121 -31.46 -10.09 39.41
CA LEU C 121 -31.26 -10.28 40.84
C LEU C 121 -32.49 -9.76 41.58
N TRP C 122 -33.00 -10.56 42.53
CA TRP C 122 -34.07 -10.11 43.40
C TRP C 122 -33.91 -10.75 44.76
N VAL C 123 -34.00 -9.93 45.82
CA VAL C 123 -33.74 -10.39 47.19
C VAL C 123 -34.80 -9.83 48.14
N PRO C 124 -35.64 -10.68 48.73
CA PRO C 124 -36.61 -10.19 49.73
C PRO C 124 -35.91 -9.71 51.00
N ARG C 125 -36.62 -8.83 51.73
CA ARG C 125 -36.10 -8.30 53.00
C ARG C 125 -35.86 -9.39 54.03
N LYS C 126 -36.58 -10.53 53.92
CA LYS C 126 -36.43 -11.58 54.92
C LYS C 126 -35.00 -12.07 55.00
N LEU C 127 -34.23 -11.92 53.92
CA LEU C 127 -32.84 -12.36 53.88
C LEU C 127 -31.87 -11.31 54.40
N LEU C 128 -32.29 -10.05 54.47
CA LEU C 128 -31.38 -8.95 54.80
C LEU C 128 -31.10 -8.91 56.31
N MET C 129 -29.89 -8.43 56.64
CA MET C 129 -29.53 -8.07 58.00
C MET C 129 -29.68 -6.57 58.15
N THR C 130 -30.67 -6.14 58.91
CA THR C 130 -31.00 -4.73 59.02
C THR C 130 -30.95 -4.32 60.50
N VAL C 131 -30.92 -3.01 60.74
CA VAL C 131 -30.91 -2.50 62.11
C VAL C 131 -32.21 -2.89 62.83
N GLU C 132 -33.35 -2.74 62.14
CA GLU C 132 -34.63 -3.15 62.70
C GLU C 132 -34.63 -4.61 63.14
N SER C 133 -33.92 -5.47 62.42
CA SER C 133 -33.81 -6.86 62.83
C SER C 133 -32.95 -6.99 64.08
N ALA C 134 -31.91 -6.17 64.20
CA ALA C 134 -31.05 -6.21 65.37
C ALA C 134 -31.81 -5.88 66.65
N LYS C 135 -32.60 -4.81 66.64
CA LYS C 135 -33.36 -4.43 67.83
C LYS C 135 -34.37 -5.50 68.25
N ASN C 136 -34.76 -6.38 67.32
CA ASN C 136 -35.61 -7.51 67.65
C ASN C 136 -34.81 -8.80 67.89
N SER C 137 -33.51 -8.78 67.64
CA SER C 137 -32.68 -9.97 67.76
C SER C 137 -32.12 -10.07 69.18
N VAL C 138 -31.04 -10.86 69.36
CA VAL C 138 -30.46 -11.01 70.69
C VAL C 138 -29.78 -9.72 71.16
N LEU C 139 -29.33 -8.88 70.23
CA LEU C 139 -28.73 -7.59 70.57
C LEU C 139 -29.77 -6.55 70.96
N GLY C 140 -31.06 -6.81 70.68
CA GLY C 140 -32.13 -5.87 70.91
C GLY C 140 -32.14 -5.17 72.26
N PRO C 141 -32.09 -5.94 73.36
CA PRO C 141 -32.01 -5.29 74.68
C PRO C 141 -30.80 -4.39 74.82
N LEU C 142 -29.63 -4.83 74.37
CA LEU C 142 -28.43 -3.98 74.45
C LEU C 142 -28.56 -2.77 73.52
N TYR C 143 -29.21 -2.92 72.37
CA TYR C 143 -29.44 -1.78 71.49
C TYR C 143 -30.30 -0.73 72.18
N SER C 144 -31.37 -1.17 72.85
CA SER C 144 -32.27 -0.24 73.54
C SER C 144 -31.57 0.53 74.64
N GLN C 145 -30.45 0.01 75.17
CA GLN C 145 -29.74 0.63 76.27
C GLN C 145 -28.50 1.40 75.84
N ASP C 146 -27.81 0.95 74.78
CA ASP C 146 -26.59 1.62 74.35
C ASP C 146 -26.93 2.82 73.49
N ARG C 147 -26.36 3.97 73.83
CA ARG C 147 -26.67 5.19 73.09
C ARG C 147 -25.86 5.31 71.80
N ILE C 148 -24.63 4.79 71.78
CA ILE C 148 -23.83 4.84 70.57
C ILE C 148 -24.39 3.87 69.54
N LEU C 149 -24.72 2.64 69.97
CA LEU C 149 -25.36 1.68 69.09
C LEU C 149 -26.68 2.22 68.56
N GLN C 150 -27.46 2.91 69.42
CA GLN C 150 -28.71 3.49 68.98
C GLN C 150 -28.51 4.49 67.85
N ALA C 151 -27.38 5.18 67.83
CA ALA C 151 -27.15 6.26 66.89
C ALA C 151 -26.59 5.77 65.55
N MET C 152 -25.53 4.97 65.60
CA MET C 152 -24.81 4.56 64.39
C MET C 152 -25.15 3.10 64.07
N GLY C 153 -25.98 2.91 63.05
CA GLY C 153 -26.34 1.56 62.66
C GLY C 153 -25.21 0.80 62.01
N ASN C 154 -24.36 1.50 61.26
CA ASN C 154 -23.22 0.85 60.61
C ASN C 154 -22.35 0.12 61.63
N ILE C 155 -22.18 0.71 62.81
CA ILE C 155 -21.49 0.01 63.90
C ILE C 155 -22.39 -1.08 64.47
N ALA C 156 -23.64 -0.72 64.78
CA ALA C 156 -24.57 -1.68 65.37
C ALA C 156 -24.78 -2.89 64.47
N LEU C 157 -24.73 -2.69 63.15
CA LEU C 157 -24.86 -3.81 62.23
C LEU C 157 -23.67 -4.75 62.31
N ALA C 158 -22.47 -4.20 62.52
CA ALA C 158 -21.29 -5.03 62.72
C ALA C 158 -21.46 -5.95 63.92
N PHE C 159 -22.04 -5.42 65.00
CA PHE C 159 -22.26 -6.25 66.19
C PHE C 159 -23.33 -7.29 65.91
N HIS C 160 -24.39 -6.90 65.19
CA HIS C 160 -25.38 -7.87 64.71
C HIS C 160 -24.72 -8.93 63.85
N LEU C 161 -23.75 -8.54 63.03
CA LEU C 161 -23.04 -9.50 62.18
C LEU C 161 -22.28 -10.53 62.99
N LEU C 162 -21.57 -10.09 64.02
CA LEU C 162 -20.76 -11.01 64.82
C LEU C 162 -21.62 -11.84 65.75
N CYS C 163 -22.64 -11.22 66.37
CA CYS C 163 -23.57 -11.96 67.20
C CYS C 163 -24.16 -13.15 66.47
N GLU C 164 -24.60 -12.95 65.22
CA GLU C 164 -25.10 -14.07 64.43
C GLU C 164 -23.99 -14.88 63.80
N ARG C 165 -22.79 -14.31 63.65
CA ARG C 165 -21.65 -15.12 63.22
C ARG C 165 -21.26 -16.11 64.31
N ALA C 166 -21.31 -15.67 65.57
CA ALA C 166 -20.99 -16.52 66.70
C ALA C 166 -22.20 -17.32 67.19
N SER C 167 -23.28 -17.34 66.41
CA SER C 167 -24.44 -18.17 66.69
C SER C 167 -24.55 -19.21 65.58
N PRO C 168 -24.16 -20.47 65.83
CA PRO C 168 -24.24 -21.47 64.76
C PRO C 168 -25.66 -21.79 64.31
N ASN C 169 -26.65 -21.58 65.18
CA ASN C 169 -28.05 -21.84 64.85
C ASN C 169 -28.79 -20.56 64.48
N SER C 170 -28.13 -19.67 63.73
CA SER C 170 -28.71 -18.41 63.31
C SER C 170 -29.38 -18.53 61.95
N PHE C 171 -30.41 -17.72 61.74
CA PHE C 171 -31.09 -17.69 60.44
C PHE C 171 -30.11 -17.35 59.32
N TRP C 172 -29.23 -16.38 59.55
CA TRP C 172 -28.29 -15.93 58.53
C TRP C 172 -27.00 -16.73 58.52
N GLN C 173 -26.97 -17.87 59.20
CA GLN C 173 -25.77 -18.70 59.27
C GLN C 173 -25.20 -19.09 57.91
N PRO C 174 -25.98 -19.50 56.90
CA PRO C 174 -25.37 -19.81 55.60
C PRO C 174 -24.68 -18.63 54.94
N TYR C 175 -25.15 -17.40 55.15
CA TYR C 175 -24.53 -16.25 54.50
C TYR C 175 -23.19 -15.89 55.12
N ILE C 176 -23.13 -15.78 56.45
CA ILE C 176 -21.89 -15.35 57.10
C ILE C 176 -20.77 -16.33 56.80
N GLN C 177 -21.09 -17.63 56.69
CA GLN C 177 -20.07 -18.61 56.40
C GLN C 177 -19.46 -18.41 55.02
N THR C 178 -20.15 -17.69 54.14
CA THR C 178 -19.63 -17.32 52.83
C THR C 178 -18.79 -16.05 52.87
N LEU C 179 -18.87 -15.28 53.94
CA LEU C 179 -18.18 -13.99 53.98
C LEU C 179 -16.67 -14.21 54.09
N PRO C 180 -15.88 -13.30 53.53
CA PRO C 180 -14.42 -13.46 53.56
C PRO C 180 -13.89 -13.35 54.98
N SER C 181 -12.60 -13.64 55.12
CA SER C 181 -11.88 -13.52 56.39
C SER C 181 -11.13 -12.22 56.52
N GLU C 182 -10.57 -11.71 55.42
CA GLU C 182 -9.87 -10.43 55.42
C GLU C 182 -10.37 -9.57 54.27
N TYR C 183 -10.10 -8.28 54.38
CA TYR C 183 -10.46 -7.28 53.37
C TYR C 183 -9.24 -6.40 53.14
N ASP C 184 -9.31 -5.57 52.10
CA ASP C 184 -8.22 -4.64 51.79
C ASP C 184 -8.45 -3.27 52.43
N THR C 185 -9.12 -3.23 53.57
CA THR C 185 -9.31 -1.98 54.27
C THR C 185 -7.99 -1.53 54.89
N PRO C 186 -7.71 -0.22 54.94
CA PRO C 186 -6.47 0.26 55.58
C PRO C 186 -6.32 -0.15 57.04
N LEU C 187 -7.37 -0.67 57.68
CA LEU C 187 -7.24 -1.20 59.03
C LEU C 187 -6.33 -2.41 59.12
N TYR C 188 -6.01 -3.04 57.98
CA TYR C 188 -5.19 -4.24 57.96
C TYR C 188 -3.78 -3.96 57.48
N PHE C 189 -3.42 -2.70 57.26
CA PHE C 189 -2.19 -2.34 56.60
C PHE C 189 -1.01 -2.30 57.58
N GLU C 190 0.18 -2.60 57.05
CA GLU C 190 1.40 -2.51 57.83
C GLU C 190 1.80 -1.04 58.00
N GLU C 191 2.70 -0.79 58.95
CA GLU C 191 3.19 0.56 59.14
C GLU C 191 3.98 1.05 57.93
N ASP C 192 4.87 0.20 57.40
CA ASP C 192 5.54 0.52 56.16
C ASP C 192 4.55 0.65 55.00
N GLU C 193 3.39 0.00 55.13
CA GLU C 193 2.38 0.04 54.06
C GLU C 193 1.68 1.39 54.02
N VAL C 194 1.31 1.92 55.19
CA VAL C 194 0.75 3.26 55.26
C VAL C 194 1.80 4.33 55.02
N ARG C 195 3.08 3.98 55.11
CA ARG C 195 4.15 4.96 54.94
C ARG C 195 4.16 5.57 53.53
N TYR C 196 3.56 4.90 52.54
CA TYR C 196 3.63 5.41 51.18
C TYR C 196 2.72 6.61 50.96
N LEU C 197 1.65 6.75 51.75
CA LEU C 197 0.69 7.84 51.56
C LEU C 197 0.94 9.00 52.52
N GLN C 198 2.11 9.06 53.13
CA GLN C 198 2.41 10.16 54.03
C GLN C 198 2.41 11.48 53.27
N SER C 199 2.00 12.55 53.97
CA SER C 199 1.89 13.93 53.51
C SER C 199 0.68 14.13 52.61
N THR C 200 -0.16 13.13 52.41
CA THR C 200 -1.35 13.28 51.59
C THR C 200 -2.54 13.69 52.44
N GLN C 201 -3.64 14.05 51.76
CA GLN C 201 -4.85 14.45 52.47
C GLN C 201 -5.70 13.27 52.91
N ALA C 202 -5.78 12.23 52.07
CA ALA C 202 -6.55 11.03 52.41
C ALA C 202 -6.14 10.47 53.77
N ILE C 203 -4.84 10.46 54.07
CA ILE C 203 -4.36 9.92 55.34
C ILE C 203 -4.94 10.66 56.53
N HIS C 204 -5.28 11.94 56.38
CA HIS C 204 -5.92 12.68 57.46
C HIS C 204 -7.27 12.08 57.83
N ASP C 205 -7.90 11.36 56.89
CA ASP C 205 -9.14 10.64 57.14
C ASP C 205 -8.90 9.19 57.49
N VAL C 206 -7.78 8.62 57.03
CA VAL C 206 -7.40 7.27 57.43
C VAL C 206 -7.21 7.19 58.94
N PHE C 207 -6.65 8.24 59.54
CA PHE C 207 -6.53 8.30 60.98
C PHE C 207 -7.91 8.24 61.64
N SER C 208 -8.86 9.02 61.11
CA SER C 208 -10.22 8.98 61.64
C SER C 208 -10.78 7.56 61.60
N GLN C 209 -10.44 6.79 60.58
CA GLN C 209 -10.84 5.39 60.55
C GLN C 209 -10.22 4.61 61.70
N TYR C 210 -8.88 4.64 61.79
CA TYR C 210 -8.18 3.90 62.83
C TYR C 210 -8.57 4.38 64.22
N LYS C 211 -8.65 5.70 64.42
CA LYS C 211 -8.95 6.25 65.74
C LYS C 211 -10.36 5.88 66.19
N ASN C 212 -11.36 6.14 65.35
CA ASN C 212 -12.72 5.79 65.70
C ASN C 212 -12.88 4.29 65.94
N THR C 213 -12.29 3.46 65.07
CA THR C 213 -12.34 2.03 65.26
C THR C 213 -11.75 1.62 66.60
N ALA C 214 -10.51 2.03 66.86
CA ALA C 214 -9.88 1.77 68.16
C ALA C 214 -10.74 2.24 69.33
N ARG C 215 -11.16 3.51 69.31
CA ARG C 215 -11.94 4.06 70.41
C ARG C 215 -13.19 3.22 70.68
N GLN C 216 -13.92 2.88 69.61
CA GLN C 216 -15.14 2.09 69.76
C GLN C 216 -14.84 0.69 70.29
N TYR C 217 -13.79 0.04 69.78
CA TYR C 217 -13.44 -1.29 70.25
C TYR C 217 -13.20 -1.32 71.75
N ALA C 218 -12.47 -0.33 72.27
CA ALA C 218 -12.22 -0.28 73.70
C ALA C 218 -13.51 0.00 74.47
N TYR C 219 -14.30 0.96 73.99
CA TYR C 219 -15.58 1.26 74.63
C TYR C 219 -16.49 0.04 74.68
N PHE C 220 -16.56 -0.72 73.59
CA PHE C 220 -17.54 -1.79 73.50
C PHE C 220 -17.11 -3.00 74.32
N TYR C 221 -15.82 -3.28 74.40
CA TYR C 221 -15.34 -4.35 75.27
C TYR C 221 -15.68 -4.10 76.72
N LYS C 222 -15.70 -2.83 77.15
CA LYS C 222 -16.07 -2.51 78.53
C LYS C 222 -17.55 -2.80 78.78
N VAL C 223 -18.43 -2.27 77.95
CA VAL C 223 -19.86 -2.33 78.23
C VAL C 223 -20.38 -3.76 78.16
N ILE C 224 -19.88 -4.56 77.21
CA ILE C 224 -20.37 -5.94 77.09
C ILE C 224 -20.08 -6.75 78.34
N GLN C 225 -18.91 -6.52 78.96
CA GLN C 225 -18.55 -7.31 80.14
C GLN C 225 -19.34 -6.88 81.37
N THR C 226 -19.79 -5.62 81.43
CA THR C 226 -20.44 -5.10 82.62
C THR C 226 -21.95 -4.96 82.49
N HIS C 227 -22.47 -4.73 81.29
CA HIS C 227 -23.88 -4.40 81.15
C HIS C 227 -24.74 -5.66 81.25
N PRO C 228 -25.82 -5.63 82.05
CA PRO C 228 -26.70 -6.82 82.13
C PRO C 228 -27.34 -7.19 80.80
N HIS C 229 -27.81 -6.21 80.02
CA HIS C 229 -28.36 -6.55 78.71
C HIS C 229 -27.32 -7.20 77.79
N ALA C 230 -26.04 -7.09 78.13
CA ALA C 230 -24.98 -7.78 77.41
C ALA C 230 -24.63 -9.12 78.04
N ASN C 231 -25.26 -9.49 79.16
CA ASN C 231 -24.93 -10.75 79.82
C ASN C 231 -25.30 -11.95 78.95
N LYS C 232 -26.38 -11.83 78.17
CA LYS C 232 -26.85 -12.93 77.35
C LYS C 232 -26.16 -13.02 76.00
N LEU C 233 -25.43 -12.00 75.59
CA LEU C 233 -24.72 -12.05 74.32
C LEU C 233 -23.51 -12.98 74.44
N PRO C 234 -23.17 -13.72 73.38
CA PRO C 234 -22.01 -14.60 73.45
C PRO C 234 -20.67 -13.89 73.31
N LEU C 235 -20.68 -12.58 73.08
CA LEU C 235 -19.45 -11.81 73.00
C LEU C 235 -18.83 -11.60 74.38
N LYS C 236 -19.63 -11.70 75.44
CA LYS C 236 -19.10 -11.58 76.79
C LYS C 236 -18.07 -12.66 77.09
N ASP C 237 -18.13 -13.79 76.38
CA ASP C 237 -17.13 -14.85 76.48
C ASP C 237 -15.93 -14.61 75.58
N SER C 238 -16.11 -13.92 74.45
CA SER C 238 -15.03 -13.69 73.50
C SER C 238 -15.39 -12.50 72.63
N PHE C 239 -14.53 -11.46 72.62
CA PHE C 239 -14.73 -10.27 71.79
C PHE C 239 -13.34 -9.77 71.38
N THR C 240 -12.76 -10.44 70.39
CA THR C 240 -11.42 -10.07 69.96
C THR C 240 -11.46 -8.88 69.00
N TYR C 241 -10.29 -8.29 68.77
CA TYR C 241 -10.19 -7.21 67.79
C TYR C 241 -10.35 -7.73 66.37
N GLU C 242 -9.68 -8.85 66.05
CA GLU C 242 -9.81 -9.43 64.72
C GLU C 242 -11.26 -9.75 64.39
N ASP C 243 -12.06 -10.08 65.40
CA ASP C 243 -13.51 -10.11 65.25
C ASP C 243 -14.04 -8.73 64.85
N TYR C 244 -13.82 -7.74 65.71
CA TYR C 244 -14.39 -6.41 65.51
C TYR C 244 -13.84 -5.75 64.26
N ARG C 245 -12.54 -5.87 64.01
CA ARG C 245 -11.96 -5.24 62.83
C ARG C 245 -12.56 -5.81 61.55
N TRP C 246 -12.71 -7.15 61.50
CA TRP C 246 -13.39 -7.77 60.37
C TRP C 246 -14.83 -7.31 60.29
N ALA C 247 -15.50 -7.21 61.44
CA ALA C 247 -16.92 -6.86 61.48
C ALA C 247 -17.20 -5.52 60.79
N VAL C 248 -16.67 -4.43 61.35
CA VAL C 248 -16.95 -3.11 60.79
C VAL C 248 -16.43 -2.99 59.37
N SER C 249 -15.27 -3.59 59.07
CA SER C 249 -14.75 -3.58 57.70
C SER C 249 -15.69 -4.33 56.76
N SER C 250 -16.27 -5.44 57.23
CA SER C 250 -17.32 -6.11 56.48
C SER C 250 -18.48 -5.17 56.18
N VAL C 251 -18.86 -4.34 57.15
CA VAL C 251 -20.02 -3.48 56.97
C VAL C 251 -19.73 -2.40 55.94
N MET C 252 -18.63 -1.64 56.12
CA MET C 252 -18.42 -0.47 55.27
C MET C 252 -18.21 -0.84 53.81
N THR C 253 -17.87 -2.09 53.51
CA THR C 253 -17.60 -2.50 52.14
C THR C 253 -18.83 -3.10 51.46
N ARG C 254 -19.85 -3.49 52.22
CA ARG C 254 -21.01 -4.16 51.65
C ARG C 254 -22.32 -3.61 52.19
N GLN C 255 -22.32 -2.45 52.83
CA GLN C 255 -23.54 -1.88 53.38
C GLN C 255 -24.35 -1.17 52.30
N ASN C 256 -25.67 -1.27 52.41
CA ASN C 256 -26.58 -0.57 51.51
C ASN C 256 -27.76 -0.02 52.31
N GLN C 257 -28.15 1.21 52.01
CA GLN C 257 -29.30 1.82 52.64
C GLN C 257 -30.59 1.29 52.03
N ILE C 258 -31.54 0.92 52.87
CA ILE C 258 -32.88 0.56 52.40
C ILE C 258 -33.92 1.22 53.28
N PRO C 259 -35.09 1.52 52.73
CA PRO C 259 -36.18 2.04 53.56
C PRO C 259 -36.73 0.94 54.45
N THR C 260 -37.37 1.36 55.53
CA THR C 260 -38.03 0.37 56.36
C THR C 260 -39.35 -0.06 55.71
N GLU C 261 -39.93 -1.14 56.23
CA GLU C 261 -41.23 -1.59 55.72
C GLU C 261 -42.29 -0.52 55.91
N ASP C 262 -42.25 0.20 57.04
CA ASP C 262 -43.18 1.30 57.26
C ASP C 262 -42.92 2.47 56.32
N GLY C 263 -41.77 2.52 55.67
CA GLY C 263 -41.41 3.61 54.78
C GLY C 263 -41.20 4.95 55.44
N SER C 264 -41.29 5.04 56.77
CA SER C 264 -41.17 6.34 57.42
C SER C 264 -39.74 6.87 57.36
N ARG C 265 -38.75 5.99 57.49
CA ARG C 265 -37.34 6.38 57.43
C ARG C 265 -36.57 5.40 56.55
N VAL C 266 -35.26 5.62 56.47
CA VAL C 266 -34.35 4.70 55.80
C VAL C 266 -33.49 4.03 56.86
N THR C 267 -32.79 2.95 56.45
CA THR C 267 -31.93 2.22 57.37
C THR C 267 -30.89 1.46 56.55
N LEU C 268 -29.72 1.23 57.15
CA LEU C 268 -28.71 0.45 56.47
C LEU C 268 -29.09 -1.03 56.47
N ALA C 269 -28.53 -1.77 55.52
CA ALA C 269 -28.86 -3.17 55.34
C ALA C 269 -27.74 -3.84 54.57
N LEU C 270 -27.38 -5.06 54.98
CA LEU C 270 -26.45 -5.89 54.24
C LEU C 270 -27.28 -6.82 53.34
N ILE C 271 -26.94 -7.02 52.12
CA ILE C 271 -27.79 -7.73 51.17
C ILE C 271 -26.99 -8.88 50.58
N PRO C 272 -27.21 -10.12 51.01
CA PRO C 272 -26.42 -11.24 50.50
C PRO C 272 -26.56 -11.34 48.99
N LEU C 273 -25.63 -12.08 48.38
CA LEU C 273 -25.70 -12.37 46.95
C LEU C 273 -25.49 -11.13 46.10
N TRP C 274 -26.26 -10.06 46.37
CA TRP C 274 -26.07 -8.81 45.64
C TRP C 274 -24.69 -8.21 45.91
N ASP C 275 -24.17 -8.39 47.11
CA ASP C 275 -22.90 -7.82 47.52
C ASP C 275 -21.70 -8.55 46.94
N MET C 276 -21.76 -9.54 46.06
CA MET C 276 -20.59 -10.21 45.51
C MET C 276 -20.18 -9.65 44.16
N CYS C 277 -21.08 -8.95 43.48
CA CYS C 277 -20.73 -8.33 42.21
C CYS C 277 -19.71 -7.22 42.46
N ASN C 278 -18.60 -7.27 41.72
CA ASN C 278 -17.55 -6.28 41.88
C ASN C 278 -17.87 -5.07 41.02
N HIS C 279 -16.96 -4.11 40.96
CA HIS C 279 -17.28 -2.76 40.50
C HIS C 279 -16.74 -2.51 39.10
N THR C 280 -17.55 -1.83 38.29
CA THR C 280 -17.12 -1.17 37.07
C THR C 280 -17.91 0.12 36.96
N ASN C 281 -17.28 1.15 36.36
CA ASN C 281 -17.92 2.45 36.25
C ASN C 281 -19.24 2.35 35.49
N GLY C 282 -20.08 3.37 35.66
CA GLY C 282 -21.42 3.33 35.11
C GLY C 282 -22.46 3.99 35.97
N LEU C 283 -23.70 3.51 35.89
CA LEU C 283 -24.83 4.13 36.57
C LEU C 283 -25.42 3.17 37.59
N ILE C 284 -26.13 3.74 38.57
CA ILE C 284 -26.72 2.96 39.65
C ILE C 284 -27.88 2.16 39.10
N THR C 285 -27.83 0.83 39.26
CA THR C 285 -28.85 -0.07 38.74
C THR C 285 -29.61 -0.83 39.82
N THR C 286 -29.26 -0.66 41.10
CA THR C 286 -29.86 -1.44 42.17
C THR C 286 -31.03 -0.68 42.77
N GLY C 287 -32.21 -1.29 42.74
CA GLY C 287 -33.39 -0.68 43.32
C GLY C 287 -34.08 -1.58 44.32
N TYR C 288 -34.88 -0.98 45.19
CA TYR C 288 -35.66 -1.72 46.18
C TYR C 288 -37.14 -1.58 45.84
N ASN C 289 -37.85 -2.70 45.87
CA ASN C 289 -39.28 -2.74 45.56
C ASN C 289 -40.01 -2.94 46.89
N LEU C 290 -40.43 -1.82 47.50
CA LEU C 290 -41.11 -1.90 48.79
C LEU C 290 -42.45 -2.62 48.67
N GLU C 291 -43.18 -2.37 47.57
CA GLU C 291 -44.44 -3.06 47.33
C GLU C 291 -44.25 -4.58 47.38
N ASP C 292 -43.29 -5.08 46.61
CA ASP C 292 -42.93 -6.49 46.67
C ASP C 292 -41.99 -6.83 47.81
N ASP C 293 -41.45 -5.84 48.52
CA ASP C 293 -40.51 -6.06 49.62
C ASP C 293 -39.32 -6.89 49.15
N ARG C 294 -38.60 -6.36 48.16
CA ARG C 294 -37.56 -7.14 47.50
C ARG C 294 -36.60 -6.19 46.78
N CYS C 295 -35.30 -6.43 46.95
N CYS C 295 -35.30 -6.44 46.94
CA CYS C 295 -34.27 -5.61 46.31
CA CYS C 295 -34.27 -5.61 46.31
C CYS C 295 -33.98 -6.18 44.93
C CYS C 295 -33.98 -6.17 44.92
N GLU C 296 -34.40 -5.44 43.89
CA GLU C 296 -34.23 -5.87 42.50
C GLU C 296 -33.03 -5.15 41.89
N CYS C 297 -32.20 -5.90 41.19
CA CYS C 297 -31.03 -5.36 40.50
C CYS C 297 -31.15 -5.64 39.01
N VAL C 298 -31.12 -4.57 38.21
CA VAL C 298 -31.15 -4.68 36.75
C VAL C 298 -29.72 -4.64 36.23
N ALA C 299 -29.52 -5.21 35.05
CA ALA C 299 -28.20 -5.29 34.45
C ALA C 299 -27.69 -3.89 34.11
N LEU C 300 -26.41 -3.65 34.38
CA LEU C 300 -25.81 -2.36 34.04
C LEU C 300 -25.63 -2.24 32.52
N GLN C 301 -25.12 -3.28 31.89
CA GLN C 301 -24.88 -3.29 30.45
C GLN C 301 -25.01 -4.71 29.95
N ASP C 302 -24.57 -4.97 28.72
CA ASP C 302 -24.68 -6.28 28.11
C ASP C 302 -23.59 -7.20 28.64
N PHE C 303 -23.99 -8.27 29.33
CA PHE C 303 -23.08 -9.27 29.89
C PHE C 303 -23.22 -10.55 29.07
N ARG C 304 -22.27 -10.81 28.18
CA ARG C 304 -22.29 -12.05 27.43
C ARG C 304 -22.10 -13.24 28.38
N ALA C 305 -22.39 -14.44 27.87
CA ALA C 305 -22.19 -15.65 28.64
C ALA C 305 -20.71 -15.86 28.90
N GLY C 306 -20.34 -15.96 30.18
CA GLY C 306 -18.95 -16.10 30.56
C GLY C 306 -18.26 -14.82 30.95
N GLU C 307 -18.89 -13.67 30.72
CA GLU C 307 -18.35 -12.41 31.16
C GLU C 307 -18.71 -12.15 32.62
N GLN C 308 -17.81 -11.47 33.33
CA GLN C 308 -18.05 -11.17 34.73
C GLN C 308 -19.17 -10.14 34.87
N ILE C 309 -20.09 -10.40 35.79
CA ILE C 309 -21.17 -9.46 36.07
C ILE C 309 -20.63 -8.41 37.03
N TYR C 310 -20.51 -7.17 36.55
CA TYR C 310 -20.15 -6.04 37.38
C TYR C 310 -21.39 -5.24 37.76
N ILE C 311 -21.22 -4.36 38.74
CA ILE C 311 -22.23 -3.36 39.10
C ILE C 311 -21.52 -2.04 39.37
N PHE C 312 -22.32 -1.00 39.52
CA PHE C 312 -21.81 0.33 39.88
C PHE C 312 -22.08 0.55 41.36
N TYR C 313 -21.01 0.74 42.13
CA TYR C 313 -21.14 0.85 43.58
C TYR C 313 -21.61 2.23 44.04
N GLY C 314 -21.37 3.27 43.25
CA GLY C 314 -21.82 4.59 43.66
C GLY C 314 -20.86 5.71 43.33
N THR C 315 -21.31 6.95 43.52
CA THR C 315 -20.50 8.14 43.23
C THR C 315 -19.64 8.51 44.44
N ARG C 316 -18.76 7.59 44.82
CA ARG C 316 -17.85 7.78 45.94
C ARG C 316 -16.45 8.06 45.39
N SER C 317 -15.66 8.77 46.19
CA SER C 317 -14.30 9.08 45.77
C SER C 317 -13.40 7.87 45.96
N ASN C 318 -12.34 7.80 45.15
CA ASN C 318 -11.39 6.72 45.27
C ASN C 318 -10.75 6.65 46.65
N ALA C 319 -10.71 7.79 47.38
CA ALA C 319 -10.34 7.73 48.78
C ALA C 319 -11.35 6.90 49.57
N GLU C 320 -12.63 7.24 49.46
CA GLU C 320 -13.67 6.45 50.11
C GLU C 320 -13.68 5.02 49.62
N PHE C 321 -13.29 4.78 48.36
CA PHE C 321 -13.22 3.41 47.85
C PHE C 321 -12.12 2.64 48.57
N VAL C 322 -10.94 3.22 48.72
CA VAL C 322 -9.90 2.56 49.52
C VAL C 322 -10.34 2.44 50.97
N ILE C 323 -10.94 3.50 51.51
CA ILE C 323 -11.25 3.55 52.94
C ILE C 323 -12.47 2.71 53.26
N HIS C 324 -13.55 2.84 52.48
CA HIS C 324 -14.79 2.14 52.79
C HIS C 324 -14.98 0.86 52.00
N SER C 325 -14.45 0.77 50.77
CA SER C 325 -14.60 -0.42 49.95
C SER C 325 -13.34 -1.24 49.80
N GLY C 326 -12.16 -0.60 49.83
CA GLY C 326 -10.90 -1.31 49.84
C GLY C 326 -10.29 -1.62 48.49
N PHE C 327 -10.36 -0.69 47.54
CA PHE C 327 -9.62 -0.84 46.28
C PHE C 327 -9.61 0.50 45.56
N PHE C 328 -8.74 0.59 44.55
CA PHE C 328 -8.62 1.77 43.70
C PHE C 328 -9.01 1.39 42.27
N PHE C 329 -9.99 2.10 41.72
CA PHE C 329 -10.45 1.87 40.36
C PHE C 329 -9.75 2.82 39.41
N ASP C 330 -9.05 2.27 38.42
CA ASP C 330 -8.45 3.10 37.38
C ASP C 330 -9.53 3.74 36.52
N ASN C 331 -9.24 4.97 36.06
CA ASN C 331 -10.11 5.71 35.17
C ASN C 331 -11.46 6.04 35.81
N ASN C 332 -11.49 6.17 37.15
CA ASN C 332 -12.69 6.64 37.82
C ASN C 332 -12.99 8.07 37.40
N SER C 333 -14.21 8.31 36.93
CA SER C 333 -14.61 9.65 36.53
C SER C 333 -15.10 10.47 37.71
N HIS C 334 -15.16 9.88 38.91
CA HIS C 334 -15.66 10.57 40.09
C HIS C 334 -14.59 10.71 41.16
N ASP C 335 -13.32 10.54 40.80
CA ASP C 335 -12.24 10.77 41.75
C ASP C 335 -12.13 12.25 42.06
N ARG C 336 -11.81 12.56 43.32
CA ARG C 336 -11.69 13.94 43.74
C ARG C 336 -10.85 13.97 45.01
N VAL C 337 -10.18 15.09 45.22
CA VAL C 337 -9.41 15.30 46.43
C VAL C 337 -10.08 16.44 47.19
N LYS C 338 -10.11 16.30 48.51
CA LYS C 338 -10.69 17.33 49.35
C LYS C 338 -9.71 18.50 49.45
N ILE C 339 -10.21 19.67 49.83
CA ILE C 339 -9.29 20.80 50.04
C ILE C 339 -9.93 21.80 51.00
N LYS C 340 -9.14 22.28 51.95
CA LYS C 340 -9.60 23.24 52.95
C LYS C 340 -9.35 24.67 52.46
N LEU C 341 -10.43 25.44 52.30
CA LEU C 341 -10.33 26.86 52.02
C LEU C 341 -11.16 27.65 53.01
N GLY C 342 -10.81 28.92 53.18
CA GLY C 342 -11.52 29.79 54.08
C GLY C 342 -11.13 31.23 53.88
N VAL C 343 -12.03 32.12 54.31
CA VAL C 343 -11.80 33.56 54.28
C VAL C 343 -11.07 33.95 55.56
N SER C 344 -9.83 34.43 55.42
CA SER C 344 -9.10 34.87 56.59
C SER C 344 -9.82 36.06 57.23
N LYS C 345 -9.97 36.02 58.56
CA LYS C 345 -10.65 37.10 59.31
C LYS C 345 -9.97 38.43 58.99
N SER C 346 -8.75 38.42 58.46
CA SER C 346 -8.02 39.64 58.05
C SER C 346 -8.58 40.12 56.70
N ASP C 347 -9.91 40.30 56.60
CA ASP C 347 -10.58 40.74 55.36
C ASP C 347 -11.32 42.05 55.66
N ARG C 348 -10.88 43.17 55.12
CA ARG C 348 -11.51 44.50 55.34
C ARG C 348 -12.98 44.45 54.93
N LEU C 349 -13.34 43.55 54.02
CA LEU C 349 -14.69 43.40 53.49
C LEU C 349 -15.30 42.07 53.89
N TYR C 350 -14.96 41.60 55.10
CA TYR C 350 -15.41 40.29 55.56
C TYR C 350 -16.91 40.28 55.81
N ALA C 351 -17.41 41.28 56.55
CA ALA C 351 -18.81 41.28 56.94
C ALA C 351 -19.73 41.47 55.74
N MET C 352 -19.35 42.31 54.78
CA MET C 352 -20.20 42.50 53.61
C MET C 352 -20.19 41.26 52.72
N LYS C 353 -19.07 40.55 52.67
CA LYS C 353 -19.02 39.30 51.94
C LYS C 353 -19.56 38.13 52.75
N ALA C 354 -19.63 38.28 54.08
CA ALA C 354 -20.24 37.25 54.91
C ALA C 354 -21.75 37.15 54.68
N GLU C 355 -22.35 38.18 54.07
CA GLU C 355 -23.77 38.13 53.77
C GLU C 355 -24.09 37.28 52.55
N VAL C 356 -23.36 37.51 51.45
CA VAL C 356 -23.72 36.88 50.18
C VAL C 356 -23.64 35.35 50.27
N LEU C 357 -22.53 34.82 50.79
CA LEU C 357 -22.39 33.37 50.81
C LEU C 357 -23.38 32.73 51.77
N ALA C 358 -23.72 33.43 52.87
CA ALA C 358 -24.74 32.94 53.79
C ALA C 358 -26.13 33.01 53.16
N ARG C 359 -26.36 33.99 52.28
CA ARG C 359 -27.60 34.01 51.51
C ARG C 359 -27.54 33.04 50.33
N ALA C 360 -26.34 32.65 49.93
CA ALA C 360 -26.14 31.61 48.93
C ALA C 360 -25.87 30.26 49.57
N GLY C 361 -26.12 30.13 50.87
CA GLY C 361 -25.97 28.89 51.59
C GLY C 361 -24.56 28.35 51.67
N ILE C 362 -23.59 29.18 51.31
CA ILE C 362 -22.17 28.80 51.32
C ILE C 362 -21.58 29.33 52.62
N PRO C 363 -20.89 28.50 53.41
CA PRO C 363 -20.28 29.00 54.64
C PRO C 363 -19.09 29.90 54.37
N THR C 364 -18.74 30.71 55.37
CA THR C 364 -17.57 31.58 55.28
C THR C 364 -16.29 30.79 55.12
N SER C 365 -16.29 29.57 55.64
CA SER C 365 -15.17 28.66 55.47
C SER C 365 -15.70 27.25 55.68
N SER C 366 -15.17 26.32 54.91
CA SER C 366 -15.51 24.91 54.99
C SER C 366 -14.55 24.20 54.07
N VAL C 367 -14.61 22.88 54.07
CA VAL C 367 -13.72 22.07 53.26
C VAL C 367 -14.42 21.66 51.97
N PHE C 368 -13.81 22.01 50.84
CA PHE C 368 -14.34 21.70 49.51
C PHE C 368 -13.45 20.70 48.77
N ALA C 369 -13.93 20.25 47.61
CA ALA C 369 -13.31 19.18 46.84
C ALA C 369 -13.06 19.61 45.40
N LEU C 370 -11.91 19.20 44.86
CA LEU C 370 -11.56 19.37 43.45
C LEU C 370 -11.78 18.05 42.70
N HIS C 371 -12.53 18.12 41.60
CA HIS C 371 -13.00 16.94 40.88
C HIS C 371 -12.06 16.58 39.73
N PHE C 372 -11.96 15.28 39.45
CA PHE C 372 -11.14 14.81 38.34
C PHE C 372 -11.67 15.34 37.00
N THR C 373 -12.92 15.04 36.69
CA THR C 373 -13.49 15.37 35.39
C THR C 373 -13.97 16.82 35.37
N GLU C 374 -14.09 17.36 34.16
CA GLU C 374 -14.49 18.74 33.99
C GLU C 374 -15.90 18.95 34.53
N PRO C 375 -16.13 20.00 35.35
CA PRO C 375 -15.09 20.94 35.80
C PRO C 375 -14.37 20.45 37.05
N PRO C 376 -13.07 20.73 37.18
CA PRO C 376 -12.36 20.29 38.39
C PRO C 376 -12.93 20.88 39.65
N ILE C 377 -13.30 22.15 39.61
CA ILE C 377 -14.00 22.79 40.71
C ILE C 377 -15.49 22.53 40.54
N SER C 378 -16.24 22.72 41.62
CA SER C 378 -17.68 22.60 41.56
C SER C 378 -18.32 23.96 41.30
N ALA C 379 -19.61 23.94 40.96
CA ALA C 379 -20.36 25.18 40.79
C ALA C 379 -20.51 25.92 42.11
N GLN C 380 -20.25 25.25 43.23
CA GLN C 380 -20.24 25.85 44.56
C GLN C 380 -18.88 26.45 44.89
N LEU C 381 -17.81 25.87 44.35
CA LEU C 381 -16.49 26.48 44.50
C LEU C 381 -16.35 27.74 43.66
N LEU C 382 -16.90 27.73 42.44
CA LEU C 382 -16.92 28.96 41.65
C LEU C 382 -17.80 30.01 42.30
N ALA C 383 -18.92 29.60 42.89
CA ALA C 383 -19.74 30.51 43.66
C ALA C 383 -19.08 30.93 44.98
N PHE C 384 -18.02 30.23 45.40
CA PHE C 384 -17.24 30.58 46.58
C PHE C 384 -15.99 31.39 46.24
N LEU C 385 -15.07 30.81 45.49
CA LEU C 385 -13.79 31.50 45.25
C LEU C 385 -14.13 32.87 44.70
N ARG C 386 -15.15 32.96 43.87
CA ARG C 386 -15.47 34.25 43.22
C ARG C 386 -15.57 35.30 44.32
N VAL C 387 -16.38 35.10 45.36
CA VAL C 387 -16.61 36.17 46.37
C VAL C 387 -15.27 36.64 46.91
N PHE C 388 -14.24 35.79 46.84
CA PHE C 388 -12.90 36.08 47.36
C PHE C 388 -12.17 37.21 46.61
N CYS C 389 -12.28 37.39 45.28
CA CYS C 389 -11.44 38.35 44.58
C CYS C 389 -12.19 39.63 44.22
N MET C 390 -13.47 39.76 44.59
CA MET C 390 -14.28 40.88 44.15
C MET C 390 -13.85 42.19 44.82
N THR C 391 -14.14 43.30 44.14
CA THR C 391 -13.92 44.63 44.68
C THR C 391 -15.15 45.04 45.50
N GLU C 392 -15.17 46.30 45.94
CA GLU C 392 -16.32 46.79 46.69
C GLU C 392 -17.51 47.10 45.78
N GLU C 393 -17.25 47.53 44.54
CA GLU C 393 -18.34 47.87 43.63
C GLU C 393 -19.16 46.65 43.23
N GLU C 394 -18.48 45.55 42.92
CA GLU C 394 -19.16 44.33 42.49
C GLU C 394 -19.86 43.61 43.64
N LEU C 395 -19.61 44.03 44.87
CA LEU C 395 -20.31 43.42 46.01
C LEU C 395 -21.68 44.03 46.23
N LYS C 396 -21.90 45.26 45.76
CA LYS C 396 -23.21 45.90 45.78
C LYS C 396 -23.99 45.66 44.50
N GLU C 397 -23.37 45.06 43.49
CA GLU C 397 -24.07 44.73 42.25
C GLU C 397 -24.96 43.51 42.43
N HIS C 398 -24.64 42.65 43.39
CA HIS C 398 -25.45 41.48 43.72
C HIS C 398 -26.46 41.78 44.81
N LEU C 399 -26.29 42.86 45.55
CA LEU C 399 -27.11 43.16 46.73
C LEU C 399 -28.18 44.22 46.48
N LEU C 400 -27.96 45.16 45.56
CA LEU C 400 -28.91 46.26 45.38
C LEU C 400 -29.35 46.33 43.92
N GLY C 401 -30.19 46.48 44.17
CA GLY C 401 -30.58 46.73 42.80
C GLY C 401 -31.64 45.77 42.31
N ASP C 402 -32.34 46.14 41.23
CA ASP C 402 -33.40 45.30 40.68
C ASP C 402 -32.87 44.14 39.84
N SER C 403 -31.58 44.11 39.55
CA SER C 403 -30.96 42.99 38.85
C SER C 403 -30.07 42.15 39.77
N ALA C 404 -30.08 42.44 41.07
CA ALA C 404 -29.23 41.74 42.03
C ALA C 404 -29.73 40.34 42.36
N ILE C 405 -31.01 40.05 42.14
CA ILE C 405 -31.55 38.74 42.48
C ILE C 405 -31.14 37.70 41.44
N ASP C 406 -31.08 38.10 40.17
CA ASP C 406 -30.68 37.18 39.10
C ASP C 406 -29.18 36.89 39.13
N ARG C 407 -28.40 37.72 39.82
CA ARG C 407 -26.95 37.61 39.80
C ARG C 407 -26.45 36.48 40.70
N ILE C 408 -27.15 36.19 41.80
CA ILE C 408 -26.73 35.07 42.66
C ILE C 408 -26.72 33.77 41.87
N PHE C 409 -27.61 33.61 40.89
CA PHE C 409 -27.49 32.47 39.99
C PHE C 409 -26.20 32.58 39.17
N THR C 410 -25.93 33.75 38.61
CA THR C 410 -24.72 33.91 37.81
C THR C 410 -23.48 33.98 38.67
N LEU C 411 -23.62 33.73 39.98
CA LEU C 411 -22.46 33.53 40.84
C LEU C 411 -21.92 32.11 40.67
N GLY C 412 -22.82 31.15 40.51
CA GLY C 412 -22.45 29.78 40.24
C GLY C 412 -22.49 29.41 38.77
N ASN C 413 -22.92 30.31 37.89
CA ASN C 413 -22.95 30.07 36.46
C ASN C 413 -21.60 30.44 35.87
N SER C 414 -20.87 29.45 35.35
CA SER C 414 -19.57 29.73 34.76
C SER C 414 -19.69 30.50 33.44
N GLU C 415 -20.78 30.29 32.70
CA GLU C 415 -20.97 30.96 31.43
C GLU C 415 -21.53 32.38 31.56
N PHE C 416 -22.05 32.73 32.73
CA PHE C 416 -22.40 34.10 33.10
C PHE C 416 -21.35 34.64 34.05
N PRO C 417 -20.28 35.26 33.54
CA PRO C 417 -19.24 35.81 34.42
C PRO C 417 -19.72 37.03 35.17
N VAL C 418 -19.48 37.04 36.49
CA VAL C 418 -19.83 38.19 37.31
C VAL C 418 -18.94 39.39 36.98
N SER C 419 -17.64 39.15 36.82
CA SER C 419 -16.71 40.20 36.39
C SER C 419 -15.42 39.56 35.91
N TRP C 420 -14.85 40.12 34.84
CA TRP C 420 -13.63 39.56 34.25
C TRP C 420 -12.45 39.66 35.21
N ASP C 421 -12.33 40.78 35.93
CA ASP C 421 -11.17 41.00 36.78
C ASP C 421 -11.13 40.00 37.94
N ASN C 422 -12.28 39.72 38.55
CA ASN C 422 -12.33 38.70 39.58
C ASN C 422 -11.90 37.35 39.04
N GLU C 423 -12.28 37.04 37.80
CA GLU C 423 -11.94 35.76 37.19
C GLU C 423 -10.43 35.53 37.13
N VAL C 424 -9.71 36.49 36.56
CA VAL C 424 -8.25 36.33 36.41
C VAL C 424 -7.59 36.17 37.77
N LYS C 425 -8.05 36.92 38.78
CA LYS C 425 -7.50 36.80 40.12
C LYS C 425 -7.73 35.41 40.70
N LEU C 426 -8.97 34.92 40.64
CA LEU C 426 -9.29 33.65 41.29
C LEU C 426 -8.65 32.47 40.55
N TRP C 427 -8.55 32.55 39.22
CA TRP C 427 -7.95 31.44 38.49
C TRP C 427 -6.43 31.43 38.65
N THR C 428 -5.82 32.61 38.79
CA THR C 428 -4.41 32.66 39.17
C THR C 428 -4.22 32.10 40.59
N PHE C 429 -5.07 32.55 41.51
CA PHE C 429 -5.04 32.07 42.90
C PHE C 429 -5.10 30.55 42.95
N LEU C 430 -6.04 29.94 42.22
CA LEU C 430 -6.18 28.49 42.27
C LEU C 430 -4.96 27.79 41.65
N GLU C 431 -4.46 28.31 40.54
CA GLU C 431 -3.20 27.83 40.00
C GLU C 431 -2.08 27.97 41.02
N ASP C 432 -2.08 29.05 41.79
CA ASP C 432 -1.05 29.27 42.80
C ASP C 432 -1.19 28.29 43.96
N ARG C 433 -2.41 28.11 44.46
CA ARG C 433 -2.62 27.19 45.58
C ARG C 433 -2.30 25.76 45.17
N ALA C 434 -2.78 25.35 44.01
CA ALA C 434 -2.56 23.97 43.57
C ALA C 434 -1.07 23.67 43.41
N SER C 435 -0.32 24.62 42.86
CA SER C 435 1.13 24.44 42.76
C SER C 435 1.75 24.35 44.16
N LEU C 436 1.30 25.20 45.09
CA LEU C 436 1.71 25.08 46.49
C LEU C 436 1.29 23.73 47.05
N LEU C 437 0.03 23.35 46.86
CA LEU C 437 -0.45 22.08 47.39
C LEU C 437 0.28 20.91 46.73
N LEU C 438 0.69 21.05 45.47
CA LEU C 438 1.48 20.01 44.82
C LEU C 438 2.83 19.83 45.51
N LYS C 439 3.49 20.93 45.88
CA LYS C 439 4.78 20.86 46.56
C LYS C 439 4.68 20.11 47.89
N THR C 440 3.55 20.23 48.57
CA THR C 440 3.41 19.69 49.93
C THR C 440 3.65 18.18 49.97
N TYR C 441 3.45 17.48 48.86
CA TYR C 441 3.59 16.04 48.84
C TYR C 441 5.04 15.63 48.94
N LYS C 442 5.29 14.50 49.63
CA LYS C 442 6.64 14.04 49.90
C LYS C 442 7.37 13.61 48.64
N THR C 443 6.64 13.28 47.58
CA THR C 443 7.19 12.81 46.32
C THR C 443 6.71 13.69 45.18
N THR C 444 7.08 13.32 43.96
CA THR C 444 6.62 14.02 42.77
C THR C 444 5.71 13.10 41.98
N ILE C 445 4.97 13.68 41.03
CA ILE C 445 4.07 12.91 40.22
C ILE C 445 4.83 11.92 39.33
N GLU C 446 5.97 12.35 38.79
CA GLU C 446 6.76 11.49 37.91
C GLU C 446 7.38 10.33 38.66
N GLU C 447 7.86 10.58 39.88
CA GLU C 447 8.43 9.51 40.70
C GLU C 447 7.39 8.45 41.04
N ASP C 448 6.12 8.84 41.13
CA ASP C 448 5.07 7.90 41.51
C ASP C 448 4.82 6.88 40.40
N LYS C 449 4.93 7.30 39.14
CA LYS C 449 4.85 6.32 38.05
C LYS C 449 6.00 5.33 38.14
N SER C 450 7.21 5.83 38.42
CA SER C 450 8.38 4.96 38.44
C SER C 450 8.31 3.95 39.59
N VAL C 451 7.83 4.37 40.77
CA VAL C 451 7.73 3.44 41.89
C VAL C 451 6.73 2.34 41.57
N LEU C 452 5.70 2.66 40.77
CA LEU C 452 4.75 1.64 40.34
C LEU C 452 5.26 0.82 39.16
N LYS C 453 6.01 1.46 38.26
CA LYS C 453 6.47 0.77 37.06
C LYS C 453 7.59 -0.22 37.36
N ASN C 454 8.40 0.06 38.38
CA ASN C 454 9.64 -0.69 38.60
C ASN C 454 9.57 -1.65 39.79
N HIS C 455 8.59 -1.51 40.68
CA HIS C 455 8.47 -2.39 41.82
C HIS C 455 7.40 -3.44 41.60
N ASP C 456 7.54 -4.55 42.34
CA ASP C 456 6.51 -5.59 42.43
C ASP C 456 5.96 -5.50 43.85
N LEU C 457 4.90 -4.73 44.01
CA LEU C 457 4.37 -4.39 45.31
C LEU C 457 3.18 -5.29 45.65
N SER C 458 2.90 -5.39 46.95
CA SER C 458 1.70 -6.10 47.38
C SER C 458 0.47 -5.38 46.84
N VAL C 459 -0.65 -6.10 46.83
CA VAL C 459 -1.91 -5.51 46.37
C VAL C 459 -2.25 -4.29 47.20
N ARG C 460 -2.04 -4.37 48.51
CA ARG C 460 -2.45 -3.31 49.42
C ARG C 460 -1.52 -2.09 49.33
N ALA C 461 -0.21 -2.34 49.23
CA ALA C 461 0.73 -1.22 49.07
C ALA C 461 0.44 -0.46 47.78
N LYS C 462 0.20 -1.19 46.70
CA LYS C 462 -0.15 -0.56 45.43
C LYS C 462 -1.42 0.27 45.56
N MET C 463 -2.37 -0.19 46.39
CA MET C 463 -3.62 0.54 46.58
C MET C 463 -3.35 1.96 47.08
N ALA C 464 -2.54 2.08 48.13
CA ALA C 464 -2.27 3.39 48.71
C ALA C 464 -1.50 4.27 47.74
N ILE C 465 -0.57 3.68 46.99
CA ILE C 465 0.25 4.45 46.06
C ILE C 465 -0.60 4.95 44.90
N LYS C 466 -1.46 4.07 44.35
CA LYS C 466 -2.35 4.47 43.27
C LYS C 466 -3.24 5.64 43.68
N LEU C 467 -3.68 5.67 44.94
CA LEU C 467 -4.43 6.81 45.44
C LEU C 467 -3.56 8.05 45.52
N ARG C 468 -2.40 7.93 46.19
CA ARG C 468 -1.46 9.05 46.27
C ARG C 468 -1.01 9.48 44.88
N LEU C 469 -0.92 8.55 43.93
CA LEU C 469 -0.75 8.91 42.54
C LEU C 469 -1.96 9.69 42.02
N GLY C 470 -3.15 9.14 42.22
CA GLY C 470 -4.37 9.80 41.78
C GLY C 470 -4.49 11.24 42.25
N GLU C 471 -4.31 11.46 43.56
CA GLU C 471 -4.46 12.81 44.12
C GLU C 471 -3.69 13.86 43.33
N LYS C 472 -2.42 13.60 43.05
CA LYS C 472 -1.65 14.54 42.23
C LYS C 472 -2.18 14.63 40.81
N GLU C 473 -2.72 13.53 40.29
CA GLU C 473 -3.26 13.56 38.93
C GLU C 473 -4.46 14.49 38.80
N ILE C 474 -5.29 14.58 39.85
CA ILE C 474 -6.39 15.54 39.84
C ILE C 474 -5.84 16.97 39.83
N LEU C 475 -4.87 17.24 40.71
CA LEU C 475 -4.34 18.60 40.84
C LEU C 475 -3.69 19.07 39.55
N GLU C 476 -2.91 18.21 38.90
CA GLU C 476 -2.26 18.59 37.65
C GLU C 476 -3.28 19.01 36.60
N LYS C 477 -4.45 18.37 36.59
CA LYS C 477 -5.52 18.80 35.69
C LYS C 477 -6.27 20.00 36.26
N ALA C 478 -6.26 20.18 37.58
CA ALA C 478 -6.83 21.39 38.17
C ALA C 478 -5.96 22.61 37.86
N VAL C 479 -4.64 22.41 37.77
CA VAL C 479 -3.74 23.50 37.40
C VAL C 479 -3.96 23.90 35.95
N LYS C 480 -3.99 22.90 35.05
CA LYS C 480 -4.16 23.19 33.63
C LYS C 480 -5.49 23.89 33.36
N SER C 481 -6.55 23.52 34.10
CA SER C 481 -7.80 24.25 33.99
C SER C 481 -7.63 25.69 34.47
N ALA C 482 -7.02 25.87 35.65
CA ALA C 482 -6.74 27.21 36.14
C ALA C 482 -5.89 28.00 35.15
N ALA C 483 -4.88 27.36 34.57
CA ALA C 483 -4.04 28.01 33.57
C ALA C 483 -4.84 28.37 32.33
N VAL C 484 -5.65 27.43 31.85
CA VAL C 484 -6.42 27.67 30.63
C VAL C 484 -7.49 28.75 30.85
N ASN C 485 -8.17 28.71 32.00
CA ASN C 485 -9.16 29.75 32.28
C ASN C 485 -8.49 31.08 32.53
N ARG C 486 -7.31 31.07 33.14
CA ARG C 486 -6.52 32.30 33.27
C ARG C 486 -6.09 32.79 31.89
N GLU C 487 -5.53 31.90 31.07
CA GLU C 487 -5.21 32.24 29.68
C GLU C 487 -6.46 32.70 28.93
N TYR C 488 -7.60 32.07 29.22
CA TYR C 488 -8.85 32.44 28.56
C TYR C 488 -9.23 33.88 28.86
N TYR C 489 -9.37 34.22 30.13
CA TYR C 489 -9.78 35.57 30.50
C TYR C 489 -8.71 36.60 30.15
N ARG C 490 -7.43 36.20 30.16
CA ARG C 490 -6.39 37.14 29.74
C ARG C 490 -6.47 37.39 28.23
N GLN C 491 -6.84 36.36 27.47
CA GLN C 491 -7.10 36.55 26.05
C GLN C 491 -8.38 37.34 25.84
N GLN C 492 -9.33 37.24 26.77
CA GLN C 492 -10.61 37.92 26.66
C GLN C 492 -10.54 39.39 27.02
N MET C 493 -9.60 39.78 27.89
CA MET C 493 -9.54 41.16 28.36
C MET C 493 -8.96 42.13 27.33
N GLU C 494 -8.09 41.65 26.43
CA GLU C 494 -7.44 42.55 25.48
C GLU C 494 -8.43 43.07 24.45
N GLU C 495 -9.20 42.17 23.84
CA GLU C 495 -10.14 42.58 22.80
C GLU C 495 -11.28 43.41 23.35
N LYS C 496 -11.57 43.30 24.65
CA LYS C 496 -12.67 44.03 25.29
C LYS C 496 -14.00 43.64 24.63
N ALA C 497 -14.22 42.34 24.52
CA ALA C 497 -15.41 41.81 23.87
C ALA C 497 -16.64 42.09 24.72
N PRO C 498 -17.83 42.02 24.11
CA PRO C 498 -19.06 42.24 24.88
C PRO C 498 -19.42 40.99 25.68
N GLN D 6 -46.50 5.61 49.46
CA GLN D 6 -45.80 6.55 48.58
C GLN D 6 -46.77 7.62 48.12
N SER D 7 -46.86 8.72 48.88
CA SER D 7 -47.82 9.77 48.57
C SER D 7 -47.26 10.86 47.66
N GLY D 8 -45.94 11.00 47.56
CA GLY D 8 -45.38 12.12 46.84
C GLY D 8 -45.35 13.42 47.61
N ALA D 9 -45.51 13.38 48.93
CA ALA D 9 -45.55 14.59 49.74
C ALA D 9 -45.16 14.25 51.16
N ILE D 10 -44.70 15.25 51.89
CA ILE D 10 -44.24 15.08 53.28
C ILE D 10 -45.38 15.40 54.22
N TYR D 11 -45.74 14.43 55.06
CA TYR D 11 -46.81 14.54 56.04
C TYR D 11 -46.22 14.47 57.45
N VAL D 12 -46.11 15.61 58.11
CA VAL D 12 -45.67 15.67 59.50
C VAL D 12 -46.68 16.50 60.29
N GLY D 13 -47.05 15.99 61.47
CA GLY D 13 -48.03 16.65 62.31
C GLY D 13 -49.25 17.02 61.52
N ASN D 14 -49.77 18.21 61.77
CA ASN D 14 -50.91 18.75 61.03
C ASN D 14 -50.46 19.60 59.86
N PHE D 15 -49.38 19.20 59.18
CA PHE D 15 -48.75 19.98 58.13
C PHE D 15 -48.47 19.09 56.91
N ARG D 16 -48.52 19.70 55.74
CA ARG D 16 -48.28 19.01 54.47
C ARG D 16 -47.27 19.79 53.65
N VAL D 17 -46.14 19.16 53.33
CA VAL D 17 -45.07 19.76 52.55
C VAL D 17 -45.00 19.04 51.21
N VAL D 18 -44.84 19.82 50.14
CA VAL D 18 -44.83 19.26 48.79
C VAL D 18 -44.20 20.29 47.85
N ASN D 19 -43.74 19.82 46.69
CA ASN D 19 -43.25 20.70 45.65
C ASN D 19 -44.30 21.74 45.27
N ARG D 20 -43.84 22.98 45.07
CA ARG D 20 -44.75 24.07 44.72
C ARG D 20 -45.39 23.85 43.35
N HIS D 21 -44.73 23.12 42.44
CA HIS D 21 -45.24 22.97 41.09
C HIS D 21 -46.27 21.85 40.96
N LEU D 22 -46.49 21.08 42.03
CA LEU D 22 -47.55 20.08 42.05
C LEU D 22 -48.55 20.34 43.16
N ALA D 23 -48.48 21.51 43.80
CA ALA D 23 -49.37 21.80 44.92
C ALA D 23 -50.79 22.01 44.42
N THR D 24 -51.75 21.48 45.16
CA THR D 24 -53.16 21.64 44.84
C THR D 24 -53.68 22.99 45.32
N HIS D 25 -54.76 23.45 44.70
CA HIS D 25 -55.42 24.66 45.16
C HIS D 25 -55.86 24.53 46.61
N ASN D 26 -56.27 23.32 47.01
CA ASN D 26 -56.60 23.09 48.41
C ASN D 26 -55.38 23.31 49.30
N ASP D 27 -54.20 22.92 48.82
CA ASP D 27 -52.97 23.29 49.50
C ASP D 27 -52.79 24.79 49.51
N TRP D 28 -53.07 25.42 48.36
CA TRP D 28 -53.03 26.88 48.26
C TRP D 28 -54.11 27.52 49.13
N ALA D 29 -55.20 26.79 49.39
CA ALA D 29 -56.24 27.28 50.29
C ALA D 29 -55.81 27.22 51.75
N ASN D 30 -54.91 26.30 52.09
CA ASN D 30 -54.41 26.15 53.45
C ASN D 30 -52.93 26.48 53.50
N LEU D 31 -52.54 27.56 52.84
CA LEU D 31 -51.14 27.95 52.76
C LEU D 31 -50.63 28.42 54.13
N VAL D 32 -49.45 27.94 54.50
CA VAL D 32 -48.74 28.45 55.66
C VAL D 32 -47.49 29.22 55.25
N TRP D 33 -46.74 28.69 54.30
CA TRP D 33 -45.58 29.37 53.74
C TRP D 33 -45.25 28.72 52.41
N GLU D 34 -44.65 29.51 51.53
CA GLU D 34 -44.29 29.08 50.19
C GLU D 34 -42.97 29.73 49.81
N ASP D 35 -42.37 29.23 48.74
CA ASP D 35 -41.13 29.83 48.25
C ASP D 35 -40.95 29.43 46.79
N SER D 36 -41.00 30.40 45.89
CA SER D 36 -40.68 30.14 44.51
C SER D 36 -39.20 29.93 44.32
N SER D 37 -38.36 30.45 45.22
CA SER D 37 -36.93 30.28 45.17
C SER D 37 -36.47 28.92 45.69
N ARG D 38 -37.41 28.09 46.17
CA ARG D 38 -37.08 26.76 46.66
C ARG D 38 -37.94 25.65 46.07
N ASP D 39 -38.96 25.97 45.29
CA ASP D 39 -39.94 24.99 44.81
C ASP D 39 -40.53 24.22 45.99
N LEU D 40 -41.00 24.96 46.99
CA LEU D 40 -41.50 24.37 48.22
C LEU D 40 -42.78 25.05 48.68
N LEU D 41 -43.81 24.26 48.97
CA LEU D 41 -45.07 24.76 49.51
C LEU D 41 -45.44 23.93 50.74
N VAL D 42 -45.94 24.61 51.77
CA VAL D 42 -46.31 23.98 53.03
C VAL D 42 -47.78 24.28 53.31
N SER D 43 -48.54 23.24 53.66
CA SER D 43 -49.97 23.37 53.90
C SER D 43 -50.36 22.68 55.20
N SER D 44 -51.53 23.08 55.74
CA SER D 44 -52.06 22.54 56.97
C SER D 44 -52.97 21.34 56.70
N THR D 45 -52.85 20.32 57.55
CA THR D 45 -53.72 19.15 57.54
C THR D 45 -54.42 19.02 58.89
N THR D 46 -55.47 18.19 58.94
CA THR D 46 -56.12 17.90 60.21
C THR D 46 -55.52 16.68 60.92
N ALA D 47 -55.03 15.70 60.17
CA ALA D 47 -54.43 14.52 60.76
C ALA D 47 -52.95 14.76 61.07
N GLN D 48 -52.35 13.83 61.80
CA GLN D 48 -50.95 13.94 62.19
C GLN D 48 -50.12 13.04 61.29
N GLY D 49 -49.36 13.65 60.38
CA GLY D 49 -48.54 12.87 59.48
C GLY D 49 -47.44 12.13 60.23
N CYS D 50 -47.07 10.97 59.68
CA CYS D 50 -46.12 10.07 60.34
C CYS D 50 -44.71 10.17 59.75
N ASP D 51 -44.38 11.27 59.09
CA ASP D 51 -43.01 11.51 58.65
C ASP D 51 -42.28 12.31 59.71
N THR D 52 -41.07 11.86 60.05
CA THR D 52 -40.20 12.55 60.99
C THR D 52 -39.15 13.32 60.21
N ILE D 53 -38.94 14.57 60.55
CA ILE D 53 -37.96 15.39 59.87
C ILE D 53 -36.58 15.05 60.41
N ALA D 54 -35.65 14.68 59.53
CA ALA D 54 -34.28 14.51 59.96
C ALA D 54 -33.65 15.87 60.20
N ARG D 55 -32.97 16.00 61.32
CA ARG D 55 -32.16 17.18 61.61
C ARG D 55 -30.69 16.80 61.54
N CYS D 56 -30.34 16.02 60.51
CA CYS D 56 -29.01 15.46 60.36
C CYS D 56 -28.23 16.27 59.34
N ASN D 57 -26.95 15.94 59.18
CA ASN D 57 -26.16 16.44 58.07
C ASN D 57 -25.83 15.30 57.12
N CYS D 58 -26.72 14.31 57.05
CA CYS D 58 -26.56 13.19 56.15
C CYS D 58 -26.41 13.66 54.71
N GLN D 59 -25.47 13.05 53.98
CA GLN D 59 -25.23 13.45 52.61
C GLN D 59 -25.33 12.26 51.66
N THR D 60 -25.74 11.09 52.17
CA THR D 60 -26.10 9.93 51.37
C THR D 60 -27.46 9.45 51.84
N GLY D 61 -28.42 9.35 50.92
CA GLY D 61 -29.78 8.99 51.27
C GLY D 61 -30.42 8.12 50.21
N VAL D 62 -31.66 7.71 50.50
CA VAL D 62 -32.44 6.86 49.61
C VAL D 62 -33.73 7.60 49.25
N TYR D 63 -34.06 7.63 47.97
CA TYR D 63 -35.23 8.33 47.47
C TYR D 63 -36.09 7.40 46.62
N TYR D 64 -37.40 7.65 46.66
CA TYR D 64 -38.33 6.94 45.80
C TYR D 64 -38.35 7.55 44.41
N CYS D 65 -38.17 6.72 43.39
CA CYS D 65 -38.27 7.16 42.01
C CYS D 65 -39.62 6.73 41.46
N ASN D 66 -40.49 7.71 41.19
CA ASN D 66 -41.83 7.42 40.70
C ASN D 66 -41.80 6.68 39.36
N SER D 67 -40.89 7.09 38.46
CA SER D 67 -40.81 6.47 37.15
C SER D 67 -40.23 5.05 37.18
N ARG D 68 -39.43 4.73 38.20
CA ARG D 68 -38.85 3.39 38.31
C ARG D 68 -39.56 2.52 39.34
N ARG D 69 -40.48 3.09 40.12
CA ARG D 69 -41.24 2.35 41.14
C ARG D 69 -40.30 1.65 42.14
N LYS D 70 -39.14 2.24 42.40
CA LYS D 70 -38.13 1.61 43.22
C LYS D 70 -37.40 2.67 44.04
N HIS D 71 -36.79 2.23 45.13
CA HIS D 71 -35.98 3.11 45.97
C HIS D 71 -34.52 3.00 45.54
N TYR D 72 -33.84 4.16 45.54
CA TYR D 72 -32.48 4.25 45.03
C TYR D 72 -31.60 5.00 46.02
N PRO D 73 -30.46 4.45 46.41
CA PRO D 73 -29.54 5.21 47.25
C PRO D 73 -28.81 6.26 46.43
N VAL D 74 -28.63 7.45 47.01
CA VAL D 74 -28.02 8.57 46.30
C VAL D 74 -27.06 9.30 47.23
N SER D 75 -25.97 9.79 46.63
CA SER D 75 -25.03 10.69 47.28
C SER D 75 -25.20 12.07 46.67
N PHE D 76 -25.65 13.03 47.47
CA PHE D 76 -26.05 14.34 46.98
C PHE D 76 -25.13 15.42 47.55
N SER D 77 -24.92 16.46 46.75
CA SER D 77 -24.06 17.58 47.12
C SER D 77 -24.79 18.53 48.06
N LYS D 78 -24.06 19.54 48.53
CA LYS D 78 -24.63 20.56 49.41
C LYS D 78 -25.74 21.30 48.66
N PRO D 79 -26.73 21.85 49.38
CA PRO D 79 -27.83 22.57 48.72
C PRO D 79 -27.38 23.85 48.01
N SER D 80 -27.25 23.79 46.68
CA SER D 80 -26.70 24.88 45.90
C SER D 80 -27.77 25.43 44.96
N LEU D 81 -27.70 26.74 44.72
CA LEU D 81 -28.59 27.42 43.77
C LEU D 81 -28.27 27.02 42.33
N ILE D 82 -29.15 26.24 41.71
CA ILE D 82 -28.94 25.71 40.37
C ILE D 82 -30.12 26.13 39.48
N TYR D 83 -29.81 26.37 38.21
CA TYR D 83 -30.82 26.69 37.21
C TYR D 83 -31.83 25.57 37.04
N VAL D 84 -33.10 25.96 36.93
CA VAL D 84 -34.17 25.05 36.60
C VAL D 84 -34.65 25.44 35.20
N GLU D 85 -34.59 24.48 34.27
CA GLU D 85 -35.04 24.74 32.92
C GLU D 85 -36.54 25.00 32.91
N ALA D 86 -36.99 25.79 31.94
CA ALA D 86 -38.42 26.04 31.84
C ALA D 86 -39.14 24.74 31.54
N SER D 87 -40.31 24.56 32.15
CA SER D 87 -41.14 23.41 31.92
C SER D 87 -42.59 23.88 31.85
N GLU D 88 -43.52 22.92 31.81
CA GLU D 88 -44.93 23.27 31.83
C GLU D 88 -45.37 23.87 33.16
N TYR D 89 -44.47 23.97 34.14
CA TYR D 89 -44.79 24.55 35.44
C TYR D 89 -44.01 25.83 35.72
N TYR D 90 -42.66 25.77 35.79
CA TYR D 90 -41.95 27.00 36.15
C TYR D 90 -41.27 27.64 34.95
N PRO D 91 -41.10 28.96 34.98
CA PRO D 91 -40.19 29.63 34.04
C PRO D 91 -38.75 29.51 34.50
N ALA D 92 -37.89 30.40 34.00
CA ALA D 92 -36.50 30.47 34.43
C ALA D 92 -36.43 31.31 35.70
N ARG D 93 -36.44 30.65 36.87
CA ARG D 93 -36.45 31.36 38.13
C ARG D 93 -35.36 30.82 39.07
N TYR D 94 -34.84 31.72 39.89
CA TYR D 94 -33.79 31.39 40.85
C TYR D 94 -34.30 30.40 41.89
N GLN D 95 -33.68 29.22 41.95
CA GLN D 95 -34.08 28.14 42.83
C GLN D 95 -32.94 27.82 43.80
N SER D 96 -33.13 28.15 45.06
CA SER D 96 -32.13 27.93 46.10
C SER D 96 -32.36 26.60 46.81
N HIS D 97 -31.43 26.25 47.72
CA HIS D 97 -31.57 25.10 48.61
C HIS D 97 -31.76 23.80 47.82
N LEU D 98 -30.98 23.64 46.76
CA LEU D 98 -31.09 22.50 45.85
C LEU D 98 -29.87 21.60 46.01
N MET D 99 -30.07 20.43 46.59
CA MET D 99 -29.02 19.42 46.67
C MET D 99 -28.92 18.67 45.33
N LEU D 100 -27.70 18.52 44.82
CA LEU D 100 -27.50 17.94 43.50
C LEU D 100 -26.93 16.52 43.61
N ALA D 101 -27.48 15.62 42.81
CA ALA D 101 -27.02 14.25 42.77
C ALA D 101 -27.30 13.67 41.39
N GLN D 102 -26.62 12.56 41.08
CA GLN D 102 -26.88 11.82 39.86
C GLN D 102 -27.99 10.81 40.12
N GLY D 103 -29.03 10.84 39.29
CA GLY D 103 -30.11 9.89 39.45
C GLY D 103 -31.20 10.11 38.42
N HIS D 104 -32.25 9.31 38.56
CA HIS D 104 -33.42 9.40 37.69
C HIS D 104 -34.45 10.35 38.29
N SER D 105 -34.79 11.40 37.54
CA SER D 105 -35.77 12.38 37.99
C SER D 105 -36.61 12.88 36.81
N GLU D 106 -37.03 11.96 35.94
CA GLU D 106 -37.83 12.35 34.80
CA GLU D 106 -37.86 12.28 34.80
C GLU D 106 -39.21 12.84 35.26
N PRO D 107 -39.92 13.56 34.40
CA PRO D 107 -41.22 14.13 34.80
C PRO D 107 -42.12 13.13 35.50
N GLY D 108 -42.73 13.57 36.61
CA GLY D 108 -43.52 12.73 37.47
C GLY D 108 -42.77 12.23 38.69
N ASP D 109 -41.44 12.17 38.63
CA ASP D 109 -40.63 11.80 39.78
C ASP D 109 -40.43 12.94 40.76
N ALA D 110 -40.72 14.18 40.34
CA ALA D 110 -40.76 15.28 41.28
C ALA D 110 -41.80 14.99 42.36
N GLY D 111 -41.36 14.96 43.61
CA GLY D 111 -42.19 14.53 44.72
C GLY D 111 -41.64 13.35 45.49
N GLY D 112 -40.58 12.70 45.01
CA GLY D 112 -39.93 11.62 45.72
C GLY D 112 -39.32 12.08 47.03
N ILE D 113 -39.59 11.36 48.11
CA ILE D 113 -39.19 11.77 49.45
C ILE D 113 -37.78 11.23 49.73
N LEU D 114 -36.83 12.14 49.95
CA LEU D 114 -35.47 11.78 50.31
C LEU D 114 -35.33 11.73 51.83
N ARG D 115 -34.66 10.69 52.32
CA ARG D 115 -34.54 10.47 53.75
C ARG D 115 -33.09 10.10 54.10
N CYS D 116 -32.64 10.51 55.29
CA CYS D 116 -31.39 10.05 55.85
C CYS D 116 -31.72 9.14 57.03
N GLN D 117 -30.70 8.45 57.55
CA GLN D 117 -30.91 7.51 58.65
C GLN D 117 -31.67 8.12 59.82
N HIS D 118 -31.65 9.44 59.94
CA HIS D 118 -32.31 10.17 61.01
C HIS D 118 -33.69 10.68 60.64
N GLY D 119 -34.18 10.36 59.44
CA GLY D 119 -35.51 10.74 59.01
C GLY D 119 -35.56 11.38 57.64
N VAL D 120 -36.58 12.19 57.38
CA VAL D 120 -36.80 12.75 56.06
C VAL D 120 -35.83 13.93 55.86
N VAL D 121 -35.20 13.98 54.69
CA VAL D 121 -34.26 15.06 54.36
C VAL D 121 -34.91 16.09 53.46
N GLY D 122 -35.37 15.66 52.29
CA GLY D 122 -35.93 16.56 51.33
C GLY D 122 -36.87 15.86 50.39
N ILE D 123 -37.14 16.50 49.25
CA ILE D 123 -38.08 15.96 48.28
C ILE D 123 -37.61 16.34 46.88
N VAL D 124 -37.78 15.41 45.93
CA VAL D 124 -37.32 15.63 44.57
C VAL D 124 -38.02 16.84 43.96
N SER D 125 -37.25 17.67 43.28
CA SER D 125 -37.78 18.89 42.65
C SER D 125 -37.43 18.99 41.17
N THR D 126 -36.20 18.71 40.78
CA THR D 126 -35.76 18.91 39.41
C THR D 126 -35.16 17.62 38.84
N GLY D 127 -35.03 17.60 37.53
CA GLY D 127 -34.44 16.46 36.82
C GLY D 127 -33.95 16.87 35.46
N GLY D 128 -33.29 15.92 34.80
CA GLY D 128 -32.79 16.11 33.44
C GLY D 128 -31.31 15.81 33.36
N ASN D 129 -30.88 15.33 32.18
CA ASN D 129 -29.47 15.04 31.91
C ASN D 129 -28.90 14.06 32.93
N GLY D 130 -29.71 13.10 33.35
CA GLY D 130 -29.27 12.14 34.34
C GLY D 130 -29.09 12.68 35.74
N LEU D 131 -29.65 13.85 36.04
CA LEU D 131 -29.54 14.46 37.35
C LEU D 131 -30.88 14.46 38.07
N VAL D 132 -30.83 14.55 39.40
CA VAL D 132 -32.01 14.60 40.25
C VAL D 132 -31.80 15.69 41.29
N GLY D 133 -32.77 16.59 41.42
CA GLY D 133 -32.70 17.69 42.37
C GLY D 133 -33.66 17.49 43.53
N PHE D 134 -33.16 17.73 44.74
CA PHE D 134 -33.95 17.66 45.97
C PHE D 134 -33.96 19.03 46.63
N ALA D 135 -35.15 19.54 46.94
CA ALA D 135 -35.29 20.76 47.71
C ALA D 135 -35.22 20.42 49.21
N ASP D 136 -34.25 21.01 49.90
CA ASP D 136 -34.05 20.72 51.31
C ASP D 136 -35.19 21.29 52.15
N VAL D 137 -35.41 20.68 53.31
CA VAL D 137 -36.43 21.14 54.25
C VAL D 137 -35.80 21.32 55.63
N ARG D 138 -34.75 20.55 55.94
CA ARG D 138 -34.19 20.53 57.31
C ARG D 138 -34.12 21.94 57.92
N ASP D 139 -33.79 22.95 57.15
CA ASP D 139 -33.65 24.33 57.68
C ASP D 139 -35.00 24.74 58.24
N LEU D 140 -36.10 24.23 57.70
CA LEU D 140 -37.46 24.53 58.23
C LEU D 140 -37.59 23.77 59.53
N LEU D 141 -36.84 24.16 60.55
CA LEU D 141 -37.03 23.53 61.88
C LEU D 141 -38.35 24.08 62.42
N TRP D 142 -39.03 24.99 61.70
CA TRP D 142 -40.38 25.46 62.13
C TRP D 142 -41.37 24.33 61.89
N LEU D 143 -40.90 23.13 61.56
CA LEU D 143 -41.77 21.96 61.44
C LEU D 143 -41.33 20.98 62.52
N ASP D 144 -41.76 21.17 63.76
CA ASP D 144 -41.45 20.23 64.83
C ASP D 144 -42.73 20.00 65.63
N GLU D 145 -42.58 19.38 66.80
CA GLU D 145 -43.72 19.12 67.67
C GLU D 145 -44.17 20.40 68.37
N GLU D 146 -45.47 20.44 68.70
CA GLU D 146 -46.07 21.57 69.40
C GLU D 146 -46.05 21.34 70.91
N PRO E 22 33.87 23.65 -60.59
CA PRO E 22 33.90 23.02 -61.92
C PRO E 22 35.21 22.29 -62.18
N LYS E 23 36.33 22.99 -62.05
CA LYS E 23 37.63 22.35 -62.02
C LYS E 23 38.14 22.09 -60.61
N GLU E 24 37.61 22.81 -59.62
CA GLU E 24 37.90 22.49 -58.23
C GLU E 24 37.37 21.11 -57.87
N ILE E 25 36.19 20.77 -58.38
CA ILE E 25 35.62 19.43 -58.17
C ILE E 25 36.60 18.36 -58.62
N LEU E 26 37.32 18.62 -59.72
CA LEU E 26 38.34 17.68 -60.18
C LEU E 26 39.35 17.40 -59.07
N ASN E 27 39.73 18.43 -58.31
CA ASN E 27 40.59 18.23 -57.16
C ASN E 27 39.85 17.58 -55.99
N LEU E 28 38.52 17.73 -55.94
CA LEU E 28 37.74 17.08 -54.88
C LEU E 28 37.41 15.63 -55.22
N THR E 29 37.29 15.31 -56.51
CA THR E 29 37.04 13.92 -56.91
C THR E 29 38.30 13.08 -56.76
N SER E 30 39.47 13.65 -57.01
CA SER E 30 40.72 12.92 -56.82
C SER E 30 40.85 12.43 -55.39
N GLU E 31 40.33 13.21 -54.43
CA GLU E 31 40.37 12.80 -53.03
C GLU E 31 39.38 11.68 -52.73
N LEU E 32 38.18 11.76 -53.30
CA LEU E 32 37.17 10.73 -53.03
C LEU E 32 37.59 9.36 -53.57
N LEU E 33 38.29 9.35 -54.70
CA LEU E 33 38.82 8.09 -55.24
C LEU E 33 39.70 7.38 -54.22
N GLN E 34 40.68 8.11 -53.66
CA GLN E 34 41.67 7.50 -52.77
C GLN E 34 41.01 6.83 -51.56
N LYS E 35 40.19 7.57 -50.82
CA LYS E 35 39.60 7.02 -49.60
C LYS E 35 38.71 5.82 -49.89
N CYS E 36 37.86 5.91 -50.91
CA CYS E 36 36.98 4.81 -51.28
C CYS E 36 37.72 3.66 -51.94
N SER E 37 38.97 3.86 -52.36
CA SER E 37 39.76 2.77 -52.92
C SER E 37 40.33 1.83 -51.86
N SER E 38 40.06 2.09 -50.57
CA SER E 38 40.55 1.19 -49.53
C SER E 38 39.54 0.08 -49.26
N PRO E 39 40.01 -1.09 -48.84
CA PRO E 39 39.09 -2.16 -48.44
C PRO E 39 38.51 -1.90 -47.07
N ALA E 40 37.52 -2.72 -46.71
CA ALA E 40 36.85 -2.55 -45.42
C ALA E 40 37.85 -2.75 -44.29
N PRO E 41 38.27 -1.02 -42.62
CA PRO E 41 39.30 -0.85 -41.58
C PRO E 41 39.19 -1.87 -40.47
N GLY E 42 38.02 -2.46 -40.31
CA GLY E 42 37.79 -3.52 -39.30
C GLY E 42 36.38 -3.43 -38.77
N PRO E 43 36.06 -4.02 -37.62
CA PRO E 43 34.76 -3.81 -37.02
C PRO E 43 34.95 -2.77 -35.92
N GLY E 44 33.97 -1.90 -35.67
CA GLY E 44 34.13 -0.80 -34.71
C GLY E 44 34.86 0.30 -35.43
N LYS E 45 36.00 -0.02 -36.03
CA LYS E 45 36.72 0.95 -36.86
C LYS E 45 35.98 1.25 -38.16
N GLU E 46 35.14 0.01 -39.20
CA GLU E 46 34.30 0.46 -40.30
C GLU E 46 33.53 1.73 -39.91
N TRP E 47 32.93 1.73 -38.72
CA TRP E 47 32.13 2.86 -38.27
C TRP E 47 32.90 4.16 -38.32
N GLU E 48 34.22 4.12 -38.12
CA GLU E 48 35.04 5.31 -38.28
C GLU E 48 35.00 5.80 -39.73
N GLU E 49 35.14 4.89 -40.69
CA GLU E 49 35.15 5.27 -42.11
C GLU E 49 33.84 5.89 -42.56
N TYR E 50 32.71 5.52 -41.96
CA TYR E 50 31.43 6.09 -42.37
C TYR E 50 31.45 7.60 -42.31
N VAL E 51 31.73 8.16 -41.14
CA VAL E 51 31.70 9.61 -40.98
C VAL E 51 32.73 10.27 -41.88
N GLN E 52 33.83 9.56 -42.19
CA GLN E 52 34.74 10.02 -43.22
C GLN E 52 34.02 10.17 -44.55
N ILE E 53 33.22 9.17 -44.93
CA ILE E 53 32.56 9.20 -46.22
C ILE E 53 31.41 10.20 -46.22
N ARG E 54 30.68 10.29 -45.11
CA ARG E 54 29.57 11.24 -45.02
C ARG E 54 30.06 12.67 -45.18
N THR E 55 31.13 13.05 -44.45
CA THR E 55 31.65 14.40 -44.53
C THR E 55 32.11 14.75 -45.95
N LEU E 56 32.74 13.80 -46.65
CA LEU E 56 33.21 14.06 -48.00
C LEU E 56 32.06 14.36 -48.96
N VAL E 57 31.01 13.54 -48.94
CA VAL E 57 29.87 13.79 -49.84
C VAL E 57 29.15 15.07 -49.46
N GLU E 58 28.90 15.28 -48.16
CA GLU E 58 28.21 16.51 -47.73
C GLU E 58 29.02 17.75 -48.05
N LYS E 59 30.36 17.67 -47.98
CA LYS E 59 31.19 18.80 -48.38
C LYS E 59 30.95 19.19 -49.83
N ILE E 60 30.97 18.20 -50.73
CA ILE E 60 30.74 18.49 -52.15
C ILE E 60 29.32 19.00 -52.37
N ARG E 61 28.32 18.29 -51.83
CA ARG E 61 26.93 18.63 -52.10
C ARG E 61 26.63 20.08 -51.75
N LYS E 62 27.17 20.58 -50.64
CA LYS E 62 26.99 21.98 -50.28
C LYS E 62 27.70 22.94 -51.22
N LYS E 63 28.53 22.45 -52.14
CA LYS E 63 29.16 23.27 -53.16
C LYS E 63 28.51 23.11 -54.53
N GLN E 64 27.43 22.34 -54.63
CA GLN E 64 26.73 22.08 -55.88
C GLN E 64 25.25 22.41 -55.70
N LYS E 65 24.57 22.63 -56.82
CA LYS E 65 23.19 23.11 -56.84
C LYS E 65 22.17 21.99 -56.66
N GLY E 66 22.57 20.81 -56.18
CA GLY E 66 21.62 19.72 -55.99
C GLY E 66 21.27 19.02 -57.28
N LEU E 67 19.98 18.75 -57.48
CA LEU E 67 19.52 18.08 -58.69
C LEU E 67 19.73 19.01 -59.88
N SER E 68 20.45 18.52 -60.89
CA SER E 68 20.78 19.36 -62.05
C SER E 68 19.53 19.89 -62.73
N VAL E 69 18.53 19.04 -62.95
CA VAL E 69 17.28 19.41 -63.60
C VAL E 69 16.14 19.23 -62.62
N THR E 70 15.40 20.31 -62.38
CA THR E 70 14.22 20.29 -61.51
C THR E 70 13.01 20.72 -62.32
N PHE E 71 11.87 20.08 -62.09
CA PHE E 71 10.64 20.44 -62.77
C PHE E 71 9.98 21.63 -62.10
N ASP E 72 9.46 22.55 -62.93
CA ASP E 72 8.90 23.81 -62.43
C ASP E 72 7.64 23.58 -61.60
N GLY E 73 6.73 22.76 -62.09
CA GLY E 73 5.47 22.52 -61.40
C GLY E 73 5.62 21.56 -60.24
N LYS E 74 4.50 21.02 -59.81
CA LYS E 74 4.47 20.04 -58.73
C LYS E 74 4.57 18.63 -59.30
N ARG E 75 4.90 17.68 -58.44
CA ARG E 75 5.06 16.29 -58.89
C ARG E 75 3.77 15.78 -59.54
N GLU E 76 2.66 15.89 -58.81
CA GLU E 76 1.38 15.36 -59.26
C GLU E 76 0.91 16.02 -60.55
N ASP E 77 1.39 17.24 -60.85
CA ASP E 77 0.95 17.99 -62.02
C ASP E 77 1.25 17.29 -63.33
N TYR E 78 2.09 16.25 -63.34
CA TYR E 78 2.48 15.56 -64.56
C TYR E 78 1.83 14.19 -64.73
N PHE E 79 0.82 13.88 -63.91
CA PHE E 79 0.09 12.62 -64.02
C PHE E 79 -0.84 12.57 -65.22
N PRO E 80 -1.59 13.64 -65.54
CA PRO E 80 -2.40 13.58 -66.78
C PRO E 80 -1.60 13.23 -68.03
N ASP E 81 -0.38 13.76 -68.15
CA ASP E 81 0.49 13.39 -69.27
C ASP E 81 0.82 11.90 -69.25
N LEU E 82 0.90 11.31 -68.06
CA LEU E 82 1.26 9.89 -67.95
C LEU E 82 0.23 8.98 -68.61
N MET E 83 -1.06 9.19 -68.32
CA MET E 83 -2.07 8.25 -68.79
C MET E 83 -2.24 8.28 -70.30
N LYS E 84 -2.20 9.48 -70.91
CA LYS E 84 -2.37 9.57 -72.36
C LYS E 84 -1.23 8.85 -73.08
N TRP E 85 0.01 9.19 -72.74
CA TRP E 85 1.16 8.48 -73.29
C TRP E 85 1.09 6.99 -72.98
N ALA E 86 0.66 6.62 -71.77
CA ALA E 86 0.47 5.22 -71.45
C ALA E 86 -0.60 4.59 -72.32
N SER E 87 -1.75 5.26 -72.45
CA SER E 87 -2.80 4.78 -73.34
C SER E 87 -2.35 4.80 -74.80
N GLU E 88 -1.40 5.67 -75.14
CA GLU E 88 -0.87 5.75 -76.49
C GLU E 88 -0.13 4.48 -76.91
N ASN E 89 0.36 3.69 -75.95
CA ASN E 89 1.12 2.48 -76.27
C ASN E 89 0.51 1.20 -75.73
N GLY E 90 -0.66 1.27 -75.10
CA GLY E 90 -1.38 0.06 -74.74
C GLY E 90 -1.23 -0.36 -73.30
N ALA E 91 -1.17 0.60 -72.38
CA ALA E 91 -1.09 0.31 -70.95
C ALA E 91 -2.47 0.46 -70.32
N SER E 92 -2.77 -0.43 -69.36
CA SER E 92 -3.99 -0.29 -68.58
C SER E 92 -4.00 1.05 -67.86
N VAL E 93 -4.99 1.89 -68.18
CA VAL E 93 -5.13 3.21 -67.58
C VAL E 93 -6.50 3.39 -66.92
N GLU E 94 -7.26 2.31 -66.78
CA GLU E 94 -8.59 2.37 -66.18
C GLU E 94 -8.68 1.46 -64.96
N GLY E 95 -9.45 1.90 -63.97
CA GLY E 95 -9.66 1.13 -62.75
C GLY E 95 -8.99 1.65 -61.50
N PHE E 96 -8.22 2.74 -61.58
CA PHE E 96 -7.48 3.24 -60.42
C PHE E 96 -7.08 4.69 -60.67
N GLU E 97 -6.60 5.33 -59.61
CA GLU E 97 -6.14 6.71 -59.69
C GLU E 97 -4.99 6.93 -58.70
N MET E 98 -4.34 8.08 -58.84
CA MET E 98 -3.20 8.43 -58.01
C MET E 98 -3.68 9.13 -56.74
N VAL E 99 -3.46 8.51 -55.59
CA VAL E 99 -3.90 9.02 -54.30
C VAL E 99 -2.72 9.05 -53.34
N ASN E 100 -2.62 10.12 -52.56
CA ASN E 100 -1.53 10.30 -51.60
C ASN E 100 -1.90 9.61 -50.29
N PHE E 101 -1.42 8.38 -50.11
CA PHE E 101 -1.64 7.66 -48.86
C PHE E 101 -0.64 8.13 -47.80
N LYS E 102 -1.09 8.11 -46.54
CA LYS E 102 -0.27 8.63 -45.45
C LYS E 102 0.98 7.79 -45.22
N GLU E 103 0.85 6.48 -45.16
CA GLU E 103 1.93 5.64 -44.62
C GLU E 103 3.10 5.51 -45.60
N GLU E 104 2.84 5.52 -46.91
CA GLU E 104 3.89 5.32 -47.90
C GLU E 104 3.98 6.44 -48.92
N GLY E 105 3.19 7.50 -48.79
CA GLY E 105 3.19 8.55 -49.79
C GLY E 105 2.16 8.27 -50.87
N PHE E 106 2.44 8.76 -52.09
CA PHE E 106 1.50 8.58 -53.18
C PHE E 106 1.30 7.10 -53.51
N GLY E 107 0.08 6.75 -53.86
CA GLY E 107 -0.26 5.39 -54.22
C GLY E 107 -1.49 5.34 -55.08
N LEU E 108 -1.96 4.12 -55.33
CA LEU E 108 -3.12 3.88 -56.17
C LEU E 108 -4.31 3.44 -55.32
N ARG E 109 -5.51 3.90 -55.69
CA ARG E 109 -6.74 3.58 -55.00
C ARG E 109 -7.71 2.88 -55.95
N ALA E 110 -8.22 1.72 -55.54
CA ALA E 110 -9.17 0.96 -56.35
C ALA E 110 -10.47 1.74 -56.52
N THR E 111 -10.86 2.00 -57.76
CA THR E 111 -12.14 2.65 -58.04
C THR E 111 -13.28 1.67 -58.31
N ARG E 112 -13.02 0.37 -58.34
CA ARG E 112 -14.08 -0.62 -58.50
C ARG E 112 -13.72 -1.88 -57.73
N ASP E 113 -14.61 -2.87 -57.82
CA ASP E 113 -14.36 -4.18 -57.21
C ASP E 113 -13.47 -4.99 -58.13
N ILE E 114 -12.35 -5.45 -57.60
CA ILE E 114 -11.40 -6.30 -58.33
C ILE E 114 -11.40 -7.66 -57.64
N LYS E 115 -11.76 -8.71 -58.39
CA LYS E 115 -11.73 -10.04 -57.83
C LYS E 115 -10.28 -10.52 -57.75
N ALA E 116 -10.04 -11.50 -56.87
CA ALA E 116 -8.73 -12.11 -56.79
C ALA E 116 -8.31 -12.64 -58.17
N GLU E 117 -7.03 -12.45 -58.50
CA GLU E 117 -6.38 -12.90 -59.73
C GLU E 117 -6.87 -12.15 -60.97
N GLU E 118 -7.87 -11.27 -60.83
CA GLU E 118 -8.36 -10.52 -61.98
C GLU E 118 -7.27 -9.61 -62.54
N LEU E 119 -6.86 -9.87 -63.78
CA LEU E 119 -5.83 -9.07 -64.41
C LEU E 119 -6.36 -7.69 -64.76
N PHE E 120 -5.72 -6.66 -64.20
CA PHE E 120 -6.12 -5.27 -64.38
C PHE E 120 -4.96 -4.38 -64.81
N LEU E 121 -3.76 -4.92 -64.95
CA LEU E 121 -2.58 -4.16 -65.35
C LEU E 121 -1.87 -4.93 -66.45
N TRP E 122 -1.51 -4.23 -67.52
CA TRP E 122 -0.72 -4.81 -68.60
C TRP E 122 0.18 -3.72 -69.15
N VAL E 123 1.46 -4.04 -69.33
CA VAL E 123 2.45 -3.04 -69.73
C VAL E 123 3.37 -3.58 -70.82
N PRO E 124 3.30 -3.04 -72.03
CA PRO E 124 4.21 -3.47 -73.10
C PRO E 124 5.66 -3.08 -72.82
N ARG E 125 6.57 -3.82 -73.44
CA ARG E 125 8.00 -3.54 -73.27
C ARG E 125 8.37 -2.13 -73.73
N LYS E 126 7.58 -1.55 -74.64
CA LYS E 126 7.87 -0.22 -75.16
C LYS E 126 7.92 0.84 -74.06
N LEU E 127 7.22 0.62 -72.95
CA LEU E 127 7.19 1.58 -71.86
C LEU E 127 8.34 1.40 -70.87
N LEU E 128 8.98 0.24 -70.87
CA LEU E 128 9.98 -0.08 -69.85
C LEU E 128 11.31 0.62 -70.12
N MET E 129 12.02 0.92 -69.04
CA MET E 129 13.41 1.37 -69.12
C MET E 129 14.28 0.16 -68.81
N THR E 130 14.96 -0.36 -69.84
CA THR E 130 15.70 -1.60 -69.73
C THR E 130 17.14 -1.38 -70.18
N VAL E 131 18.00 -2.36 -69.87
CA VAL E 131 19.40 -2.32 -70.30
C VAL E 131 19.49 -2.33 -71.82
N GLU E 132 18.66 -3.15 -72.47
CA GLU E 132 18.63 -3.20 -73.93
C GLU E 132 18.42 -1.82 -74.54
N SER E 133 17.65 -0.96 -73.88
CA SER E 133 17.49 0.41 -74.36
C SER E 133 18.76 1.21 -74.19
N ALA E 134 19.54 0.95 -73.15
CA ALA E 134 20.80 1.66 -72.94
C ALA E 134 21.76 1.42 -74.09
N LYS E 135 21.91 0.16 -74.51
CA LYS E 135 22.81 -0.14 -75.62
C LYS E 135 22.36 0.55 -76.91
N ASN E 136 21.07 0.86 -77.01
CA ASN E 136 20.55 1.59 -78.16
C ASN E 136 20.41 3.09 -77.90
N SER E 137 20.60 3.55 -76.67
CA SER E 137 20.43 4.95 -76.31
C SER E 137 21.77 5.68 -76.45
N VAL E 138 21.89 6.84 -75.79
CA VAL E 138 23.12 7.61 -75.85
C VAL E 138 24.28 6.89 -75.16
N LEU E 139 23.98 5.99 -74.21
CA LEU E 139 25.02 5.25 -73.54
C LEU E 139 25.64 4.17 -74.42
N GLY E 140 25.01 3.83 -75.55
CA GLY E 140 25.46 2.78 -76.43
C GLY E 140 26.96 2.81 -76.69
N PRO E 141 27.47 3.94 -77.17
CA PRO E 141 28.93 4.06 -77.31
C PRO E 141 29.68 3.91 -75.99
N LEU E 142 29.23 4.61 -74.94
CA LEU E 142 29.88 4.49 -73.64
C LEU E 142 29.65 3.14 -73.00
N TYR E 143 28.45 2.56 -73.17
CA TYR E 143 28.17 1.23 -72.64
C TYR E 143 29.05 0.18 -73.30
N SER E 144 29.21 0.25 -74.61
CA SER E 144 29.99 -0.74 -75.34
C SER E 144 31.45 -0.77 -74.90
N GLN E 145 31.96 0.32 -74.34
CA GLN E 145 33.36 0.40 -73.94
C GLN E 145 33.59 0.27 -72.44
N ASP E 146 32.64 0.69 -71.61
CA ASP E 146 32.85 0.71 -70.17
C ASP E 146 32.60 -0.67 -69.59
N ARG E 147 33.53 -1.13 -68.75
CA ARG E 147 33.45 -2.48 -68.19
C ARG E 147 32.50 -2.56 -67.00
N ILE E 148 32.37 -1.49 -66.22
CA ILE E 148 31.50 -1.54 -65.04
C ILE E 148 30.03 -1.55 -65.47
N LEU E 149 29.66 -0.65 -66.38
CA LEU E 149 28.29 -0.64 -66.89
C LEU E 149 27.94 -1.94 -67.60
N GLN E 150 28.88 -2.49 -68.36
CA GLN E 150 28.62 -3.72 -69.12
C GLN E 150 28.23 -4.89 -68.22
N ALA E 151 28.76 -4.95 -67.01
CA ALA E 151 28.52 -6.13 -66.17
C ALA E 151 27.25 -6.02 -65.35
N MET E 152 27.07 -4.93 -64.61
CA MET E 152 25.97 -4.77 -63.67
C MET E 152 24.96 -3.78 -64.23
N GLY E 153 23.82 -4.31 -64.69
CA GLY E 153 22.78 -3.47 -65.24
C GLY E 153 22.07 -2.58 -64.24
N ASN E 154 21.91 -3.06 -62.99
CA ASN E 154 21.20 -2.29 -61.98
C ASN E 154 21.79 -0.90 -61.82
N ILE E 155 23.12 -0.78 -61.86
CA ILE E 155 23.76 0.52 -61.92
C ILE E 155 23.58 1.14 -63.31
N ALA E 156 23.83 0.34 -64.36
CA ALA E 156 23.75 0.83 -65.72
C ALA E 156 22.39 1.41 -66.07
N LEU E 157 21.31 0.87 -65.49
CA LEU E 157 19.99 1.39 -65.76
C LEU E 157 19.80 2.79 -65.17
N ALA E 158 20.41 3.05 -64.01
CA ALA E 158 20.34 4.38 -63.42
C ALA E 158 20.88 5.45 -64.35
N PHE E 159 21.96 5.14 -65.07
CA PHE E 159 22.53 6.13 -65.98
C PHE E 159 21.61 6.38 -67.17
N HIS E 160 20.97 5.32 -67.70
CA HIS E 160 19.93 5.54 -68.68
C HIS E 160 18.82 6.41 -68.11
N LEU E 161 18.50 6.22 -66.83
CA LEU E 161 17.50 7.05 -66.17
C LEU E 161 17.93 8.52 -66.15
N LEU E 162 19.20 8.77 -65.82
CA LEU E 162 19.68 10.15 -65.74
C LEU E 162 19.92 10.75 -67.13
N CYS E 163 20.47 9.96 -68.05
CA CYS E 163 20.64 10.43 -69.43
C CYS E 163 19.32 10.93 -70.00
N GLU E 164 18.24 10.15 -69.79
CA GLU E 164 16.91 10.58 -70.23
C GLU E 164 16.24 11.54 -69.27
N ARG E 165 16.71 11.62 -68.01
CA ARG E 165 16.17 12.62 -67.09
C ARG E 165 16.57 14.02 -67.51
N ALA E 166 17.80 14.21 -67.96
CA ALA E 166 18.30 15.52 -68.35
C ALA E 166 17.95 15.87 -69.79
N SER E 167 17.07 15.09 -70.42
CA SER E 167 16.59 15.40 -71.76
C SER E 167 15.10 15.70 -71.71
N PRO E 168 14.69 16.97 -71.83
CA PRO E 168 13.25 17.26 -71.86
C PRO E 168 12.57 16.68 -73.09
N ASN E 169 13.30 16.46 -74.18
CA ASN E 169 12.73 15.85 -75.38
C ASN E 169 13.05 14.35 -75.42
N SER E 170 13.00 13.69 -74.27
CA SER E 170 13.25 12.26 -74.17
C SER E 170 11.93 11.49 -74.25
N PHE E 171 12.00 10.27 -74.78
CA PHE E 171 10.83 9.42 -74.86
C PHE E 171 10.23 9.18 -73.47
N TRP E 172 11.07 8.92 -72.47
CA TRP E 172 10.60 8.54 -71.15
C TRP E 172 10.34 9.73 -70.22
N GLN E 173 10.36 10.97 -70.71
CA GLN E 173 10.10 12.09 -69.81
C GLN E 173 8.76 12.04 -69.08
N PRO E 174 7.63 11.65 -69.69
CA PRO E 174 6.37 11.67 -68.91
C PRO E 174 6.42 10.80 -67.67
N TYR E 175 7.17 9.70 -67.70
CA TYR E 175 7.28 8.87 -66.51
C TYR E 175 8.20 9.52 -65.47
N ILE E 176 9.38 9.99 -65.91
CA ILE E 176 10.34 10.58 -64.99
C ILE E 176 9.75 11.78 -64.27
N GLN E 177 8.89 12.55 -64.95
CA GLN E 177 8.28 13.72 -64.34
C GLN E 177 7.38 13.34 -63.16
N THR E 178 6.96 12.08 -63.08
CA THR E 178 6.20 11.57 -61.95
C THR E 178 7.09 11.09 -60.81
N LEU E 179 8.39 10.94 -61.05
CA LEU E 179 9.28 10.34 -60.07
C LEU E 179 9.51 11.26 -58.86
N PRO E 180 9.73 10.69 -57.67
CA PRO E 180 9.90 11.51 -56.47
C PRO E 180 11.19 12.31 -56.51
N SER E 181 11.33 13.19 -55.51
CA SER E 181 12.52 13.98 -55.30
C SER E 181 13.44 13.38 -54.24
N GLU E 182 12.88 12.80 -53.18
CA GLU E 182 13.67 12.16 -52.13
C GLU E 182 13.11 10.77 -51.84
N TYR E 183 13.93 9.97 -51.18
CA TYR E 183 13.57 8.61 -50.77
C TYR E 183 13.98 8.39 -49.33
N ASP E 184 13.52 7.27 -48.76
CA ASP E 184 13.89 6.89 -47.40
C ASP E 184 15.06 5.92 -47.38
N THR E 185 15.91 5.95 -48.41
CA THR E 185 17.12 5.16 -48.39
C THR E 185 18.14 5.80 -47.44
N PRO E 186 18.98 4.98 -46.79
CA PRO E 186 20.00 5.53 -45.90
C PRO E 186 20.91 6.57 -46.53
N LEU E 187 20.92 6.68 -47.86
CA LEU E 187 21.63 7.78 -48.51
C LEU E 187 21.02 9.14 -48.18
N TYR E 188 19.79 9.17 -47.69
CA TYR E 188 19.12 10.41 -47.36
C TYR E 188 19.03 10.63 -45.85
N PHE E 189 19.64 9.74 -45.06
CA PHE E 189 19.51 9.75 -43.61
C PHE E 189 20.54 10.68 -42.98
N GLU E 190 20.15 11.32 -41.89
CA GLU E 190 21.04 12.20 -41.14
C GLU E 190 22.04 11.39 -40.30
N GLU E 191 23.11 12.06 -39.89
CA GLU E 191 24.10 11.39 -39.03
C GLU E 191 23.52 11.08 -37.66
N ASP E 192 22.84 12.05 -37.05
CA ASP E 192 22.15 11.80 -35.79
C ASP E 192 21.06 10.74 -35.95
N GLU E 193 20.52 10.61 -37.17
CA GLU E 193 19.48 9.63 -37.44
C GLU E 193 20.05 8.22 -37.52
N VAL E 194 21.21 8.05 -38.17
CA VAL E 194 21.87 6.76 -38.23
C VAL E 194 22.40 6.31 -36.87
N ARG E 195 22.48 7.21 -35.89
CA ARG E 195 22.99 6.84 -34.58
C ARG E 195 22.19 5.70 -33.96
N TYR E 196 20.94 5.51 -34.38
CA TYR E 196 20.10 4.45 -33.84
C TYR E 196 20.46 3.07 -34.36
N LEU E 197 21.17 2.97 -35.49
CA LEU E 197 21.41 1.70 -36.15
C LEU E 197 22.74 1.06 -35.75
N GLN E 198 23.39 1.57 -34.71
CA GLN E 198 24.67 1.01 -34.28
C GLN E 198 24.51 -0.43 -33.79
N SER E 199 25.58 -1.22 -34.01
CA SER E 199 25.75 -2.61 -33.60
C SER E 199 24.89 -3.60 -34.37
N THR E 200 24.14 -3.15 -35.38
CA THR E 200 23.31 -4.07 -36.15
C THR E 200 24.06 -4.61 -37.35
N GLN E 201 23.46 -5.59 -38.02
CA GLN E 201 24.11 -6.08 -39.24
C GLN E 201 23.78 -5.19 -40.42
N ALA E 202 22.56 -4.63 -40.47
CA ALA E 202 22.22 -3.68 -41.50
C ALA E 202 23.25 -2.55 -41.57
N ILE E 203 23.68 -2.06 -40.40
CA ILE E 203 24.69 -1.01 -40.38
C ILE E 203 25.98 -1.50 -41.03
N HIS E 204 26.29 -2.79 -40.91
CA HIS E 204 27.46 -3.36 -41.59
C HIS E 204 27.29 -3.34 -43.10
N ASP E 205 26.06 -3.33 -43.61
CA ASP E 205 25.80 -3.30 -45.04
C ASP E 205 25.52 -1.89 -45.57
N VAL E 206 24.96 -1.00 -44.75
CA VAL E 206 24.76 0.38 -45.20
C VAL E 206 26.09 1.03 -45.53
N PHE E 207 27.13 0.70 -44.76
CA PHE E 207 28.47 1.24 -45.06
C PHE E 207 28.90 0.81 -46.45
N SER E 208 28.77 -0.49 -46.76
CA SER E 208 29.04 -0.96 -48.11
C SER E 208 28.18 -0.24 -49.13
N GLN E 209 26.92 0.03 -48.77
CA GLN E 209 26.04 0.81 -49.65
C GLN E 209 26.59 2.21 -49.86
N TYR E 210 26.79 2.95 -48.77
CA TYR E 210 27.27 4.33 -48.89
C TYR E 210 28.64 4.38 -49.54
N LYS E 211 29.55 3.49 -49.15
CA LYS E 211 30.92 3.52 -49.68
C LYS E 211 30.92 3.24 -51.19
N ASN E 212 30.26 2.16 -51.61
CA ASN E 212 30.15 1.87 -53.03
C ASN E 212 29.43 3.01 -53.76
N THR E 213 28.35 3.53 -53.17
CA THR E 213 27.67 4.68 -53.74
C THR E 213 28.64 5.83 -53.97
N ALA E 214 29.33 6.24 -52.91
CA ALA E 214 30.39 7.23 -53.03
C ALA E 214 31.44 6.80 -54.06
N ARG E 215 31.98 5.59 -53.92
CA ARG E 215 33.02 5.10 -54.82
C ARG E 215 32.59 5.17 -56.27
N GLN E 216 31.39 4.67 -56.58
CA GLN E 216 30.93 4.64 -57.96
C GLN E 216 30.74 6.04 -58.52
N TYR E 217 30.14 6.95 -57.73
CA TYR E 217 30.00 8.32 -58.20
C TYR E 217 31.34 8.95 -58.52
N ALA E 218 32.32 8.75 -57.64
CA ALA E 218 33.65 9.32 -57.89
C ALA E 218 34.32 8.66 -59.09
N TYR E 219 34.26 7.33 -59.17
CA TYR E 219 34.84 6.62 -60.30
C TYR E 219 34.19 7.05 -61.62
N PHE E 220 32.86 7.20 -61.62
CA PHE E 220 32.13 7.45 -62.86
C PHE E 220 32.29 8.89 -63.32
N TYR E 221 32.41 9.83 -62.39
CA TYR E 221 32.64 11.23 -62.77
C TYR E 221 33.92 11.38 -63.57
N LYS E 222 34.93 10.54 -63.33
CA LYS E 222 36.16 10.59 -64.10
C LYS E 222 35.91 10.18 -65.55
N VAL E 223 35.28 9.03 -65.76
CA VAL E 223 35.18 8.45 -67.10
C VAL E 223 34.36 9.34 -68.03
N ILE E 224 33.30 9.98 -67.51
CA ILE E 224 32.50 10.87 -68.35
C ILE E 224 33.38 12.00 -68.87
N GLN E 225 34.29 12.52 -68.04
CA GLN E 225 35.18 13.59 -68.47
C GLN E 225 36.29 13.07 -69.39
N THR E 226 36.71 11.81 -69.25
CA THR E 226 37.85 11.29 -69.99
C THR E 226 37.49 10.39 -71.16
N HIS E 227 36.37 9.69 -71.12
CA HIS E 227 36.08 8.72 -72.16
C HIS E 227 35.60 9.42 -73.43
N PRO E 228 36.15 9.09 -74.59
CA PRO E 228 35.64 9.70 -75.83
C PRO E 228 34.20 9.34 -76.13
N HIS E 229 33.80 8.09 -75.92
CA HIS E 229 32.41 7.71 -76.12
C HIS E 229 31.48 8.45 -75.17
N ALA E 230 32.02 9.05 -74.11
CA ALA E 230 31.26 9.87 -73.17
C ALA E 230 31.26 11.34 -73.53
N ASN E 231 31.94 11.75 -74.61
CA ASN E 231 32.01 13.16 -74.96
C ASN E 231 30.63 13.73 -75.30
N LYS E 232 29.75 12.91 -75.88
CA LYS E 232 28.44 13.38 -76.30
C LYS E 232 27.39 13.33 -75.20
N LEU E 233 27.66 12.69 -74.08
CA LEU E 233 26.69 12.62 -73.00
C LEU E 233 26.56 13.99 -72.33
N PRO E 234 25.36 14.36 -71.89
CA PRO E 234 25.15 15.68 -71.28
C PRO E 234 25.61 15.81 -69.83
N LEU E 235 26.10 14.74 -69.20
CA LEU E 235 26.56 14.85 -67.82
C LEU E 235 27.87 15.62 -67.72
N LYS E 236 28.64 15.69 -68.82
CA LYS E 236 29.86 16.47 -68.81
C LYS E 236 29.60 17.95 -68.55
N ASP E 237 28.38 18.42 -68.83
CA ASP E 237 27.98 19.79 -68.50
C ASP E 237 27.49 19.93 -67.07
N SER E 238 26.87 18.90 -66.51
CA SER E 238 26.36 18.94 -65.15
C SER E 238 26.14 17.51 -64.68
N PHE E 239 26.83 17.10 -63.60
CA PHE E 239 26.67 15.75 -63.06
C PHE E 239 26.95 15.81 -61.56
N THR E 240 25.95 16.29 -60.80
CA THR E 240 26.09 16.48 -59.37
C THR E 240 25.89 15.17 -58.61
N TYR E 241 26.22 15.20 -57.31
CA TYR E 241 25.96 14.05 -56.45
C TYR E 241 24.46 13.81 -56.28
N GLU E 242 23.70 14.88 -56.02
CA GLU E 242 22.25 14.75 -55.89
C GLU E 242 21.63 14.15 -57.14
N ASP E 243 22.24 14.39 -58.30
CA ASP E 243 21.87 13.67 -59.51
C ASP E 243 22.02 12.17 -59.32
N TYR E 244 23.26 11.72 -59.04
CA TYR E 244 23.54 10.30 -58.96
C TYR E 244 22.82 9.63 -57.80
N ARG E 245 22.76 10.31 -56.64
CA ARG E 245 22.14 9.69 -55.47
C ARG E 245 20.67 9.37 -55.72
N TRP E 246 19.94 10.31 -56.33
CA TRP E 246 18.54 10.05 -56.66
C TRP E 246 18.40 8.91 -57.67
N ALA E 247 19.31 8.84 -58.64
CA ALA E 247 19.21 7.86 -59.73
C ALA E 247 19.11 6.44 -59.22
N VAL E 248 20.18 5.93 -58.58
CA VAL E 248 20.17 4.57 -58.07
C VAL E 248 19.11 4.40 -57.01
N SER E 249 18.86 5.43 -56.20
CA SER E 249 17.79 5.34 -55.20
C SER E 249 16.44 5.12 -55.87
N SER E 250 16.19 5.79 -56.99
CA SER E 250 15.02 5.44 -57.80
C SER E 250 15.09 3.99 -58.25
N VAL E 251 16.27 3.54 -58.69
CA VAL E 251 16.43 2.19 -59.22
C VAL E 251 16.30 1.15 -58.11
N MET E 252 17.03 1.31 -57.01
CA MET E 252 17.17 0.24 -56.02
C MET E 252 15.84 -0.16 -55.39
N THR E 253 14.81 0.70 -55.43
CA THR E 253 13.55 0.40 -54.79
C THR E 253 12.49 -0.18 -55.73
N ARG E 254 12.65 -0.03 -57.05
CA ARG E 254 11.59 -0.42 -57.96
C ARG E 254 12.10 -1.18 -59.19
N GLN E 255 13.31 -1.73 -59.15
CA GLN E 255 13.85 -2.44 -60.30
C GLN E 255 13.20 -3.81 -60.40
N ASN E 256 13.00 -4.29 -61.63
CA ASN E 256 12.42 -5.60 -61.86
C ASN E 256 13.15 -6.32 -62.99
N GLN E 257 13.42 -7.61 -62.77
CA GLN E 257 14.06 -8.45 -63.78
C GLN E 257 13.04 -8.89 -64.82
N ILE E 258 13.41 -8.77 -66.10
CA ILE E 258 12.60 -9.30 -67.20
C ILE E 258 13.52 -10.00 -68.18
N PRO E 259 12.97 -10.96 -68.93
CA PRO E 259 13.76 -11.59 -69.98
C PRO E 259 13.98 -10.63 -71.15
N THR E 260 15.00 -10.93 -71.94
CA THR E 260 15.24 -10.15 -73.14
C THR E 260 14.23 -10.53 -74.22
N GLU E 261 14.20 -9.73 -75.29
CA GLU E 261 13.30 -10.01 -76.40
C GLU E 261 13.56 -11.39 -77.00
N ASP E 262 14.84 -11.75 -77.14
CA ASP E 262 15.20 -13.07 -77.61
C ASP E 262 14.92 -14.15 -76.58
N GLY E 263 14.66 -13.79 -75.33
CA GLY E 263 14.47 -14.75 -74.27
C GLY E 263 15.71 -15.52 -73.86
N SER E 264 16.87 -15.22 -74.48
CA SER E 264 18.08 -15.98 -74.18
C SER E 264 18.60 -15.68 -72.79
N ARG E 265 18.46 -14.45 -72.31
CA ARG E 265 18.87 -14.06 -70.97
C ARG E 265 17.77 -13.22 -70.33
N VAL E 266 18.02 -12.78 -69.10
CA VAL E 266 17.13 -11.85 -68.42
C VAL E 266 17.84 -10.50 -68.26
N THR E 267 17.08 -9.49 -67.86
CA THR E 267 17.62 -8.16 -67.67
C THR E 267 16.73 -7.40 -66.71
N LEU E 268 17.32 -6.48 -65.97
CA LEU E 268 16.55 -5.65 -65.07
C LEU E 268 15.79 -4.59 -65.87
N ALA E 269 14.71 -4.09 -65.28
CA ALA E 269 13.84 -3.16 -65.99
C ALA E 269 13.02 -2.37 -64.99
N LEU E 270 12.82 -1.09 -65.28
CA LEU E 270 11.89 -0.25 -64.54
C LEU E 270 10.53 -0.31 -65.24
N ILE E 271 9.54 -0.34 -64.72
CA ILE E 271 8.23 -0.54 -65.33
C ILE E 271 7.29 0.55 -64.82
N PRO E 272 7.01 1.58 -65.63
CA PRO E 272 6.16 2.67 -65.14
C PRO E 272 4.80 2.14 -64.72
N LEU E 273 4.06 2.95 -63.97
CA LEU E 273 2.70 2.63 -63.57
C LEU E 273 2.63 1.44 -62.64
N TRP E 274 3.25 0.32 -63.02
CA TRP E 274 3.30 -0.85 -62.13
C TRP E 274 4.06 -0.56 -60.85
N ASP E 275 5.09 0.29 -60.93
CA ASP E 275 5.94 0.60 -59.79
C ASP E 275 5.28 1.57 -58.80
N MET E 276 4.40 1.90 -58.68
CA MET E 276 3.77 2.91 -57.78
C MET E 276 2.79 2.24 -56.82
N CYS E 277 2.45 0.97 -57.00
CA CYS E 277 1.61 0.24 -56.05
C CYS E 277 2.46 -0.12 -54.85
N ASN E 278 1.96 0.22 -53.66
CA ASN E 278 2.72 -0.05 -52.44
C ASN E 278 2.46 -1.47 -51.94
N HIS E 279 3.03 -1.79 -50.78
CA HIS E 279 3.20 -3.17 -50.35
C HIS E 279 2.27 -3.57 -49.23
N THR E 280 1.76 -4.80 -49.33
CA THR E 280 1.17 -5.55 -48.23
C THR E 280 1.58 -7.00 -48.44
N ASN E 281 1.72 -7.74 -47.34
CA ASN E 281 2.19 -9.12 -47.41
C ASN E 281 1.27 -9.94 -48.32
N GLY E 282 1.80 -11.07 -48.79
CA GLY E 282 1.09 -11.88 -49.77
C GLY E 282 1.99 -12.52 -50.80
N LEU E 283 1.47 -12.75 -52.00
CA LEU E 283 2.17 -13.50 -53.03
C LEU E 283 2.44 -12.64 -54.26
N ILE E 284 3.45 -13.04 -55.03
CA ILE E 284 3.85 -12.31 -56.23
C ILE E 284 2.80 -12.53 -57.31
N THR E 285 2.23 -11.44 -57.82
CA THR E 285 1.20 -11.50 -58.83
C THR E 285 1.59 -10.87 -60.16
N THR E 286 2.78 -10.27 -60.25
CA THR E 286 3.19 -9.55 -61.45
C THR E 286 4.00 -10.49 -62.35
N GLY E 287 3.52 -10.71 -63.56
CA GLY E 287 4.18 -11.57 -64.50
C GLY E 287 4.44 -10.85 -65.82
N TYR E 288 5.37 -11.41 -66.59
CA TYR E 288 5.69 -10.91 -67.91
C TYR E 288 5.22 -11.90 -68.96
N ASN E 289 4.48 -11.40 -69.96
CA ASN E 289 3.94 -12.21 -71.05
C ASN E 289 4.71 -11.85 -72.31
N LEU E 290 5.74 -12.63 -72.62
CA LEU E 290 6.59 -12.37 -73.78
C LEU E 290 5.82 -12.53 -75.08
N GLU E 291 4.89 -13.49 -75.14
CA GLU E 291 4.11 -13.70 -76.36
C GLU E 291 3.48 -12.40 -76.84
N ASP E 292 2.78 -11.70 -75.95
CA ASP E 292 2.31 -10.35 -76.25
C ASP E 292 3.39 -9.30 -76.01
N ASP E 293 4.53 -9.69 -75.43
CA ASP E 293 5.61 -8.76 -75.09
C ASP E 293 5.06 -7.66 -74.17
N ARG E 294 4.56 -8.10 -73.01
CA ARG E 294 3.80 -7.22 -72.15
C ARG E 294 3.80 -7.78 -70.73
N CYS E 295 3.97 -6.90 -69.75
N CYS E 295 4.00 -6.89 -69.76
CA CYS E 295 4.03 -7.29 -68.34
CA CYS E 295 4.01 -7.28 -68.34
C CYS E 295 2.61 -7.35 -67.78
C CYS E 295 2.59 -7.36 -67.82
N GLU E 296 2.21 -8.54 -67.32
CA GLU E 296 0.85 -8.77 -66.81
C GLU E 296 0.84 -8.77 -65.29
N CYS E 297 -0.11 -8.05 -64.70
CA CYS E 297 -0.31 -8.05 -63.26
C CYS E 297 -1.73 -8.51 -62.96
N VAL E 298 -1.84 -9.61 -62.23
CA VAL E 298 -3.12 -10.13 -61.76
C VAL E 298 -3.36 -9.61 -60.35
N ALA E 299 -4.63 -9.54 -59.96
CA ALA E 299 -4.98 -9.04 -58.64
C ALA E 299 -4.46 -9.97 -57.56
N LEU E 300 -3.89 -9.38 -56.50
CA LEU E 300 -3.38 -10.18 -55.39
C LEU E 300 -4.53 -10.76 -54.57
N GLN E 301 -5.52 -9.94 -54.24
CA GLN E 301 -6.69 -10.37 -53.48
C GLN E 301 -7.86 -9.49 -53.90
N ASP E 302 -8.94 -9.56 -53.13
CA ASP E 302 -10.14 -8.80 -53.48
C ASP E 302 -9.96 -7.35 -53.05
N PHE E 303 -9.98 -6.44 -54.03
CA PHE E 303 -9.82 -5.02 -53.81
C PHE E 303 -11.18 -4.37 -54.02
N ARG E 304 -11.88 -4.07 -52.92
CA ARG E 304 -13.17 -3.42 -53.05
C ARG E 304 -13.00 -2.01 -53.61
N ALA E 305 -14.11 -1.43 -54.05
CA ALA E 305 -14.10 -0.06 -54.53
C ALA E 305 -13.79 0.87 -53.37
N GLY E 306 -12.70 1.63 -53.48
CA GLY E 306 -12.28 2.53 -52.43
C GLY E 306 -11.24 1.98 -51.49
N GLU E 307 -10.92 0.68 -51.56
CA GLU E 307 -9.83 0.13 -50.78
C GLU E 307 -8.50 0.37 -51.49
N GLN E 308 -7.46 0.59 -50.71
CA GLN E 308 -6.15 0.84 -51.29
C GLN E 308 -5.62 -0.44 -51.94
N ILE E 309 -5.14 -0.31 -53.17
CA ILE E 309 -4.56 -1.44 -53.89
C ILE E 309 -3.10 -1.61 -53.49
N TYR E 310 -2.81 -2.71 -52.83
CA TYR E 310 -1.45 -3.12 -52.53
C TYR E 310 -0.99 -4.20 -53.51
N ILE E 311 0.32 -4.44 -53.51
CA ILE E 311 0.91 -5.59 -54.20
C ILE E 311 1.98 -6.17 -53.29
N PHE E 312 2.52 -7.31 -53.68
CA PHE E 312 3.60 -7.94 -52.94
C PHE E 312 4.91 -7.66 -53.67
N TYR E 313 5.83 -6.98 -52.99
CA TYR E 313 7.08 -6.56 -53.59
C TYR E 313 8.10 -7.69 -53.70
N GLY E 314 7.96 -8.73 -52.89
CA GLY E 314 8.87 -9.85 -52.93
C GLY E 314 9.16 -10.40 -51.55
N THR E 315 9.83 -11.56 -51.49
CA THR E 315 10.14 -12.21 -50.22
C THR E 315 11.48 -11.67 -49.68
N ARG E 316 11.51 -10.37 -49.43
CA ARG E 316 12.69 -9.72 -48.92
C ARG E 316 12.54 -9.42 -47.43
N SER E 317 13.69 -9.32 -46.76
CA SER E 317 13.70 -9.00 -45.34
C SER E 317 13.49 -7.51 -45.15
N ASN E 318 12.96 -7.15 -43.97
CA ASN E 318 12.78 -5.74 -43.66
C ASN E 318 14.09 -4.97 -43.68
N ALA E 319 15.22 -5.65 -43.50
CA ALA E 319 16.51 -5.01 -43.73
C ALA E 319 16.65 -4.60 -45.18
N GLU E 320 16.49 -5.55 -46.11
CA GLU E 320 16.53 -5.21 -47.53
C GLU E 320 15.41 -4.24 -47.90
N PHE E 321 14.28 -4.29 -47.20
CA PHE E 321 13.23 -3.32 -47.44
C PHE E 321 13.67 -1.91 -47.04
N VAL E 322 14.24 -1.77 -45.85
CA VAL E 322 14.81 -0.48 -45.47
C VAL E 322 16.02 -0.13 -46.33
N ILE E 323 16.89 -1.10 -46.60
CA ILE E 323 18.15 -0.81 -47.27
C ILE E 323 17.94 -0.59 -48.76
N HIS E 324 17.18 -1.47 -49.41
CA HIS E 324 17.02 -1.40 -50.85
C HIS E 324 15.73 -0.71 -51.29
N SER E 325 14.66 -0.78 -50.47
CA SER E 325 13.39 -0.16 -50.82
C SER E 325 13.07 1.06 -49.99
N GLY E 326 13.53 1.12 -48.75
CA GLY E 326 13.39 2.30 -47.92
C GLY E 326 12.14 2.37 -47.05
N PHE E 327 11.76 1.24 -46.44
CA PHE E 327 10.68 1.25 -45.46
C PHE E 327 10.69 -0.08 -44.70
N PHE E 328 9.97 -0.09 -43.58
CA PHE E 328 9.81 -1.28 -42.75
C PHE E 328 8.33 -1.65 -42.70
N PHE E 329 8.01 -2.90 -43.05
CA PHE E 329 6.65 -3.40 -43.00
C PHE E 329 6.44 -4.09 -41.66
N ASP E 330 5.45 -3.64 -40.89
CA ASP E 330 5.13 -4.29 -39.64
C ASP E 330 4.58 -5.70 -39.89
N ASN E 331 4.94 -6.63 -39.00
CA ASN E 331 4.45 -8.00 -39.03
C ASN E 331 4.88 -8.71 -40.33
N ASN E 332 6.00 -8.31 -40.91
CA ASN E 332 6.55 -9.00 -42.06
C ASN E 332 6.97 -10.41 -41.67
N SER E 333 6.49 -11.39 -42.43
CA SER E 333 6.82 -12.79 -42.22
C SER E 333 8.12 -13.22 -42.87
N HIS E 334 8.82 -12.32 -43.58
CA HIS E 334 10.04 -12.68 -44.27
C HIS E 334 11.25 -11.90 -43.74
N ASP E 335 11.13 -11.30 -42.56
CA ASP E 335 12.27 -10.65 -41.94
C ASP E 335 13.28 -11.69 -41.43
N ARG E 336 14.56 -11.37 -41.58
CA ARG E 336 15.61 -12.26 -41.12
C ARG E 336 16.91 -11.48 -41.00
N VAL E 337 17.76 -11.92 -40.07
CA VAL E 337 19.09 -11.36 -39.91
C VAL E 337 20.11 -12.46 -40.19
N LYS E 338 21.20 -12.12 -40.85
CA LYS E 338 22.25 -13.08 -41.13
C LYS E 338 23.11 -13.31 -39.89
N ILE E 339 23.87 -14.39 -39.90
CA ILE E 339 24.84 -14.65 -38.84
C ILE E 339 25.96 -15.54 -39.36
N LYS E 340 27.20 -15.18 -39.04
CA LYS E 340 28.36 -15.92 -39.52
C LYS E 340 28.78 -17.00 -38.51
N LEU E 341 28.75 -18.25 -38.96
CA LEU E 341 29.28 -19.39 -38.21
C LEU E 341 30.27 -20.13 -39.11
N GLY E 342 31.14 -20.91 -38.50
CA GLY E 342 32.16 -21.58 -39.28
C GLY E 342 32.85 -22.71 -38.56
N VAL E 343 33.50 -23.57 -39.34
CA VAL E 343 34.24 -24.71 -38.82
C VAL E 343 35.64 -24.22 -38.43
N SER E 344 35.86 -24.28 -37.11
CA SER E 344 37.12 -23.87 -36.50
C SER E 344 38.31 -24.50 -37.19
N LYS E 345 39.26 -23.70 -37.64
CA LYS E 345 40.50 -24.25 -38.18
C LYS E 345 40.88 -25.35 -37.18
N SER E 346 40.55 -25.17 -35.91
CA SER E 346 40.88 -26.14 -34.82
C SER E 346 39.80 -27.19 -34.71
N ASP E 347 39.70 -28.09 -35.68
CA ASP E 347 38.74 -29.22 -35.61
C ASP E 347 39.48 -30.51 -35.95
N ARG E 348 39.59 -31.44 -35.01
CA ARG E 348 40.25 -32.75 -35.23
C ARG E 348 39.57 -33.42 -36.41
N LEU E 349 38.25 -33.39 -36.44
CA LEU E 349 37.48 -34.02 -37.50
C LEU E 349 37.19 -33.05 -38.64
N TYR E 350 38.11 -32.13 -38.90
CA TYR E 350 37.87 -31.09 -39.89
C TYR E 350 37.83 -31.68 -41.29
N ALA E 351 38.84 -32.47 -41.65
CA ALA E 351 38.93 -32.98 -43.03
C ALA E 351 37.82 -33.98 -43.33
N MET E 352 37.48 -34.83 -42.35
CA MET E 352 36.39 -35.79 -42.57
C MET E 352 35.03 -35.10 -42.59
N LYS E 353 34.85 -34.02 -41.84
CA LYS E 353 33.63 -33.26 -41.97
C LYS E 353 33.69 -32.28 -43.14
N ALA E 354 34.88 -31.95 -43.61
CA ALA E 354 35.00 -31.20 -44.86
C ALA E 354 34.62 -32.06 -46.05
N GLU E 355 34.57 -33.38 -45.86
CA GLU E 355 34.15 -34.29 -46.92
C GLU E 355 32.64 -34.24 -47.11
N VAL E 356 31.88 -34.33 -46.02
CA VAL E 356 30.43 -34.37 -46.12
C VAL E 356 29.90 -33.10 -46.76
N LEU E 357 30.44 -31.95 -46.33
CA LEU E 357 29.93 -30.68 -46.81
C LEU E 357 30.17 -30.50 -48.30
N ALA E 358 31.30 -30.99 -48.80
CA ALA E 358 31.56 -30.95 -50.23
C ALA E 358 30.69 -31.95 -50.97
N ARG E 359 30.37 -33.07 -50.32
CA ARG E 359 29.43 -34.03 -50.89
C ARG E 359 27.98 -33.66 -50.63
N ALA E 360 27.72 -32.83 -49.62
CA ALA E 360 26.36 -32.32 -49.36
C ALA E 360 26.16 -30.92 -49.90
N GLY E 361 27.09 -30.41 -50.71
CA GLY E 361 26.95 -29.13 -51.37
C GLY E 361 26.86 -27.91 -50.47
N ILE E 362 27.12 -28.09 -49.19
CA ILE E 362 27.06 -27.01 -48.20
C ILE E 362 28.49 -26.52 -47.95
N PRO E 363 28.74 -25.22 -47.97
CA PRO E 363 30.10 -24.73 -47.72
C PRO E 363 30.53 -24.96 -46.28
N THR E 364 31.85 -24.88 -46.05
CA THR E 364 32.37 -25.03 -44.70
C THR E 364 31.87 -23.92 -43.80
N SER E 365 31.71 -22.72 -44.35
CA SER E 365 31.18 -21.59 -43.61
C SER E 365 30.76 -20.52 -44.59
N SER E 366 29.75 -19.76 -44.19
CA SER E 366 29.24 -18.62 -44.94
C SER E 366 28.24 -17.91 -44.03
N VAL E 367 27.73 -16.79 -44.53
CA VAL E 367 26.78 -16.00 -43.75
C VAL E 367 25.37 -16.43 -44.16
N PHE E 368 24.66 -17.06 -43.23
CA PHE E 368 23.26 -17.45 -43.38
C PHE E 368 22.41 -16.70 -42.37
N ALA E 369 21.09 -16.83 -42.52
CA ALA E 369 20.15 -15.99 -41.81
C ALA E 369 19.14 -16.81 -41.01
N LEU E 370 18.76 -16.27 -39.85
CA LEU E 370 17.71 -16.83 -39.00
C LEU E 370 16.39 -16.12 -39.28
N HIS E 371 15.35 -16.90 -39.53
CA HIS E 371 14.06 -16.41 -40.02
C HIS E 371 13.08 -16.19 -38.88
N PHE E 372 12.21 -15.19 -39.07
CA PHE E 372 11.18 -14.90 -38.08
C PHE E 372 10.25 -16.10 -37.86
N THR E 373 9.60 -16.55 -38.93
CA THR E 373 8.59 -17.59 -38.87
C THR E 373 9.20 -19.00 -38.91
N GLU E 374 8.44 -19.97 -38.41
CA GLU E 374 8.89 -21.35 -38.36
C GLU E 374 9.12 -21.90 -39.77
N PRO E 375 10.27 -22.56 -40.02
CA PRO E 375 11.29 -22.70 -38.97
C PRO E 375 12.23 -21.50 -38.99
N PRO E 376 12.66 -21.05 -37.81
CA PRO E 376 13.60 -19.91 -37.77
C PRO E 376 14.91 -20.20 -38.46
N ILE E 377 15.45 -21.37 -38.23
CA ILE E 377 16.63 -21.83 -38.95
C ILE E 377 16.16 -22.52 -40.23
N SER E 378 17.09 -22.68 -41.15
CA SER E 378 16.85 -23.40 -42.39
C SER E 378 17.25 -24.87 -42.25
N ALA E 379 16.80 -25.69 -43.20
CA ALA E 379 17.15 -27.12 -43.18
C ALA E 379 18.62 -27.37 -43.46
N GLN E 380 19.33 -26.41 -44.05
CA GLN E 380 20.78 -26.51 -44.19
C GLN E 380 21.54 -25.98 -43.00
N LEU E 381 20.96 -25.04 -42.24
CA LEU E 381 21.61 -24.64 -40.99
C LEU E 381 21.58 -25.76 -39.97
N LEU E 382 20.47 -26.51 -39.92
CA LEU E 382 20.47 -27.75 -39.15
C LEU E 382 21.44 -28.76 -39.75
N ALA E 383 21.52 -28.80 -41.08
CA ALA E 383 22.53 -29.60 -41.75
C ALA E 383 23.93 -29.05 -41.55
N PHE E 384 24.05 -27.82 -41.06
CA PHE E 384 25.32 -27.21 -40.70
C PHE E 384 25.64 -27.42 -39.22
N LEU E 385 24.67 -27.17 -38.34
CA LEU E 385 24.89 -27.31 -36.90
C LEU E 385 25.09 -28.77 -36.51
N ARG E 386 24.38 -29.69 -37.16
CA ARG E 386 24.56 -31.11 -36.88
C ARG E 386 26.02 -31.51 -37.01
N VAL E 387 26.64 -31.16 -38.14
CA VAL E 387 28.04 -31.45 -38.36
C VAL E 387 28.96 -30.69 -37.42
N PHE E 388 28.45 -29.67 -36.73
CA PHE E 388 29.32 -28.86 -35.88
C PHE E 388 29.60 -29.51 -34.52
N CYS E 389 28.72 -30.40 -34.06
CA CYS E 389 28.89 -30.97 -32.73
C CYS E 389 28.96 -32.49 -32.71
N MET E 390 28.76 -33.16 -33.85
CA MET E 390 28.76 -34.61 -33.85
C MET E 390 30.17 -35.16 -33.74
N THR E 391 30.29 -36.37 -33.20
CA THR E 391 31.57 -37.04 -33.04
C THR E 391 31.98 -37.79 -34.31
N GLU E 392 33.08 -38.55 -34.20
CA GLU E 392 33.59 -39.33 -35.32
C GLU E 392 32.79 -40.60 -35.57
N GLU E 393 32.16 -41.16 -34.54
CA GLU E 393 31.42 -42.41 -34.72
C GLU E 393 30.28 -42.20 -35.72
N GLU E 394 29.59 -41.08 -35.63
CA GLU E 394 28.52 -40.75 -36.56
C GLU E 394 29.04 -40.37 -37.94
N LEU E 395 30.35 -40.14 -38.07
CA LEU E 395 30.98 -39.82 -39.34
C LEU E 395 31.37 -41.01 -40.19
N LYS E 396 31.50 -42.20 -39.61
CA LYS E 396 31.80 -43.37 -40.42
C LYS E 396 30.55 -44.07 -40.92
N GLU E 397 29.39 -43.75 -40.36
CA GLU E 397 28.12 -44.24 -40.88
C GLU E 397 27.61 -43.39 -42.05
N HIS E 398 28.06 -42.15 -42.15
CA HIS E 398 27.58 -41.24 -43.19
C HIS E 398 28.39 -41.34 -44.48
N LEU E 399 29.60 -41.89 -44.42
CA LEU E 399 30.49 -41.93 -45.58
C LEU E 399 30.56 -43.29 -46.24
N LEU E 400 30.50 -44.37 -45.46
CA LEU E 400 30.63 -45.73 -45.98
C LEU E 400 29.53 -46.61 -45.43
N GLY E 401 29.02 -47.50 -46.30
CA GLY E 401 27.96 -48.42 -45.94
C GLY E 401 26.76 -48.30 -46.85
N ASP E 402 25.90 -49.32 -46.85
CA ASP E 402 24.73 -49.34 -47.71
C ASP E 402 23.59 -48.46 -47.19
N SER E 403 23.69 -47.93 -45.98
CA SER E 403 22.71 -47.00 -45.45
C SER E 403 23.24 -45.57 -45.38
N ALA E 404 24.44 -45.32 -45.90
CA ALA E 404 25.04 -44.00 -45.84
C ALA E 404 24.44 -43.02 -46.84
N ILE E 405 23.79 -43.51 -47.90
CA ILE E 405 23.26 -42.63 -48.93
C ILE E 405 21.98 -41.94 -48.45
N ASP E 406 21.14 -42.64 -47.70
CA ASP E 406 19.89 -42.05 -47.22
C ASP E 406 20.10 -41.07 -46.08
N ARG E 407 21.25 -41.11 -45.40
CA ARG E 407 21.41 -40.29 -44.21
C ARG E 407 21.71 -38.83 -44.54
N ILE E 408 22.52 -38.58 -45.59
CA ILE E 408 22.76 -37.21 -45.99
C ILE E 408 21.47 -36.57 -46.50
N PHE E 409 20.59 -37.37 -47.12
CA PHE E 409 19.28 -36.85 -47.52
C PHE E 409 18.48 -36.41 -46.31
N THR E 410 18.40 -37.26 -45.30
CA THR E 410 17.72 -36.94 -44.05
C THR E 410 18.59 -36.11 -43.10
N LEU E 411 19.64 -35.47 -43.64
CA LEU E 411 20.46 -34.59 -42.81
C LEU E 411 19.74 -33.28 -42.51
N GLY E 412 18.92 -32.81 -43.45
CA GLY E 412 18.12 -31.62 -43.28
C GLY E 412 16.73 -31.86 -42.75
N ASN E 413 16.39 -33.12 -42.48
CA ASN E 413 15.07 -33.47 -41.97
C ASN E 413 15.02 -33.25 -40.47
N SER E 414 14.17 -32.32 -40.03
CA SER E 414 14.03 -32.06 -38.61
C SER E 414 13.36 -33.23 -37.89
N GLU E 415 12.50 -33.96 -38.59
CA GLU E 415 11.82 -35.12 -38.02
C GLU E 415 12.68 -36.37 -38.05
N PHE E 416 13.80 -36.34 -38.79
CA PHE E 416 14.83 -37.37 -38.77
C PHE E 416 16.04 -36.90 -37.97
N PRO E 417 16.08 -37.12 -36.66
CA PRO E 417 17.31 -36.80 -35.92
C PRO E 417 18.40 -37.79 -36.28
N VAL E 418 19.57 -37.27 -36.66
CA VAL E 418 20.70 -38.13 -36.97
C VAL E 418 21.21 -38.80 -35.70
N SER E 419 21.25 -38.06 -34.59
CA SER E 419 21.58 -38.59 -33.29
C SER E 419 21.03 -37.64 -32.23
N TRP E 420 20.53 -38.22 -31.14
CA TRP E 420 19.86 -37.41 -30.12
C TRP E 420 20.81 -36.45 -29.43
N ASP E 421 22.03 -36.90 -29.13
CA ASP E 421 22.95 -36.05 -28.37
C ASP E 421 23.41 -34.85 -29.21
N ASN E 422 23.65 -35.08 -30.51
CA ASN E 422 24.03 -33.98 -31.39
C ASN E 422 22.95 -32.89 -31.40
N GLU E 423 21.67 -33.29 -31.37
CA GLU E 423 20.59 -32.32 -31.36
C GLU E 423 20.67 -31.39 -30.16
N VAL E 424 20.78 -31.95 -28.96
CA VAL E 424 20.83 -31.14 -27.75
C VAL E 424 22.05 -30.23 -27.76
N LYS E 425 23.18 -30.73 -28.25
CA LYS E 425 24.38 -29.89 -28.33
C LYS E 425 24.18 -28.70 -29.26
N LEU E 426 23.67 -28.94 -30.47
CA LEU E 426 23.53 -27.85 -31.44
C LEU E 426 22.45 -26.87 -31.01
N TRP E 427 21.37 -27.37 -30.39
CA TRP E 427 20.30 -26.49 -29.95
C TRP E 427 20.70 -25.70 -28.70
N THR E 428 21.55 -26.28 -27.86
CA THR E 428 22.12 -25.52 -26.75
C THR E 428 22.99 -24.38 -27.26
N PHE E 429 23.83 -24.68 -28.25
CA PHE E 429 24.75 -23.67 -28.79
C PHE E 429 24.00 -22.40 -29.20
N LEU E 430 22.94 -22.54 -29.99
CA LEU E 430 22.25 -21.34 -30.47
C LEU E 430 21.58 -20.58 -29.34
N GLU E 431 20.96 -21.30 -28.39
CA GLU E 431 20.46 -20.64 -27.19
C GLU E 431 21.56 -19.86 -26.50
N ASP E 432 22.77 -20.44 -26.45
CA ASP E 432 23.94 -19.75 -25.92
C ASP E 432 24.44 -18.71 -26.91
N ARG E 433 24.56 -19.09 -28.19
CA ARG E 433 25.10 -18.20 -29.21
C ARG E 433 24.22 -16.97 -29.41
N ALA E 434 22.91 -17.16 -29.56
CA ALA E 434 22.02 -16.05 -29.81
C ALA E 434 21.97 -15.09 -28.63
N SER E 435 21.96 -15.62 -27.41
CA SER E 435 21.97 -14.77 -26.23
C SER E 435 23.23 -13.89 -26.20
N LEU E 436 24.36 -14.43 -26.61
CA LEU E 436 25.57 -13.62 -26.78
C LEU E 436 25.31 -12.47 -27.75
N LEU E 437 24.71 -12.77 -28.91
CA LEU E 437 24.45 -11.74 -29.89
C LEU E 437 23.46 -10.70 -29.37
N LEU E 438 22.53 -11.11 -28.51
CA LEU E 438 21.60 -10.14 -27.91
C LEU E 438 22.34 -9.13 -27.04
N LYS E 439 23.29 -9.60 -26.24
CA LYS E 439 24.08 -8.71 -25.39
C LYS E 439 24.88 -7.70 -26.23
N THR E 440 25.33 -8.13 -27.42
CA THR E 440 26.19 -7.27 -28.24
C THR E 440 25.52 -5.95 -28.57
N TYR E 441 24.18 -5.93 -28.61
CA TYR E 441 23.47 -4.70 -28.91
C TYR E 441 23.55 -3.78 -27.70
N LYS E 442 23.68 -2.48 -27.95
CA LYS E 442 23.85 -1.52 -26.86
C LYS E 442 22.56 -1.35 -26.05
N THR E 443 21.41 -1.65 -26.63
CA THR E 443 20.14 -1.49 -25.93
C THR E 443 19.40 -2.82 -25.90
N THR E 444 18.23 -2.81 -25.27
CA THR E 444 17.36 -3.97 -25.17
C THR E 444 16.05 -3.72 -25.90
N ILE E 445 15.26 -4.78 -26.05
CA ILE E 445 13.96 -4.69 -26.70
C ILE E 445 13.06 -3.72 -25.94
N GLU E 446 13.15 -3.74 -24.61
CA GLU E 446 12.35 -2.82 -23.81
C GLU E 446 12.83 -1.39 -24.01
N GLU E 447 14.14 -1.17 -24.11
CA GLU E 447 14.65 0.16 -24.40
C GLU E 447 14.25 0.62 -25.80
N ASP E 448 14.21 -0.32 -26.76
CA ASP E 448 13.87 0.04 -28.13
C ASP E 448 12.37 0.27 -28.32
N LYS E 449 11.53 -0.48 -27.62
CA LYS E 449 10.09 -0.23 -27.71
C LYS E 449 9.74 1.14 -27.15
N SER E 450 10.37 1.54 -26.04
CA SER E 450 10.00 2.79 -25.38
C SER E 450 10.34 4.01 -26.24
N VAL E 451 11.49 3.99 -26.91
CA VAL E 451 11.82 5.13 -27.77
C VAL E 451 10.83 5.20 -28.92
N LEU E 452 10.31 4.04 -29.35
CA LEU E 452 9.27 4.03 -30.38
C LEU E 452 7.90 4.34 -29.78
N LYS E 453 7.64 3.88 -28.55
CA LYS E 453 6.36 4.11 -27.91
C LYS E 453 6.20 5.54 -27.40
N ASN E 454 7.29 6.17 -26.96
CA ASN E 454 7.19 7.44 -26.26
C ASN E 454 7.69 8.64 -27.05
N HIS E 455 8.43 8.43 -28.13
CA HIS E 455 8.92 9.54 -28.93
C HIS E 455 8.05 9.72 -30.17
N ASP E 456 8.10 10.93 -30.73
CA ASP E 456 7.48 11.24 -32.01
C ASP E 456 8.63 11.44 -32.99
N LEU E 457 8.99 10.35 -33.67
CA LEU E 457 10.18 10.28 -34.49
C LEU E 457 9.84 10.50 -35.96
N SER E 458 10.85 10.91 -36.73
CA SER E 458 10.67 11.01 -38.16
C SER E 458 10.44 9.62 -38.75
N VAL E 459 9.88 9.60 -39.96
CA VAL E 459 9.65 8.32 -40.63
C VAL E 459 10.97 7.58 -40.84
N ARG E 460 12.04 8.32 -41.16
CA ARG E 460 13.32 7.68 -41.43
C ARG E 460 13.96 7.18 -40.14
N ALA E 461 13.90 7.98 -39.06
CA ALA E 461 14.44 7.55 -37.79
C ALA E 461 13.73 6.30 -37.28
N LYS E 462 12.41 6.27 -37.41
CA LYS E 462 11.63 5.11 -37.00
C LYS E 462 12.07 3.83 -37.72
N MET E 463 12.54 3.95 -38.96
CA MET E 463 12.93 2.78 -39.74
C MET E 463 14.03 1.98 -39.03
N ALA E 464 15.11 2.66 -38.64
CA ALA E 464 16.25 1.94 -38.06
C ALA E 464 15.90 1.33 -36.70
N ILE E 465 15.14 2.04 -35.88
CA ILE E 465 14.83 1.53 -34.54
C ILE E 465 13.91 0.33 -34.63
N LYS E 466 12.83 0.43 -35.41
CA LYS E 466 11.94 -0.71 -35.59
C LYS E 466 12.67 -1.88 -36.22
N LEU E 467 13.62 -1.61 -37.11
CA LEU E 467 14.43 -2.66 -37.70
C LEU E 467 15.35 -3.30 -36.65
N ARG E 468 16.14 -2.48 -35.95
CA ARG E 468 16.99 -3.02 -34.89
C ARG E 468 16.17 -3.69 -33.80
N LEU E 469 14.96 -3.20 -33.54
CA LEU E 469 14.03 -3.92 -32.68
C LEU E 469 13.64 -5.26 -33.30
N GLY E 470 13.19 -5.21 -34.56
CA GLY E 470 12.86 -6.45 -35.27
C GLY E 470 13.96 -7.47 -35.21
N GLU E 471 15.19 -7.05 -35.53
CA GLU E 471 16.35 -7.93 -35.46
C GLU E 471 16.44 -8.64 -34.11
N LYS E 472 16.32 -7.87 -33.01
CA LYS E 472 16.31 -8.48 -31.69
C LYS E 472 15.08 -9.35 -31.49
N GLU E 473 13.95 -8.95 -32.07
CA GLU E 473 12.72 -9.74 -31.94
C GLU E 473 12.86 -11.10 -32.62
N ILE E 474 13.63 -11.16 -33.71
CA ILE E 474 13.89 -12.43 -34.37
C ILE E 474 14.61 -13.39 -33.43
N LEU E 475 15.70 -12.91 -32.82
CA LEU E 475 16.51 -13.77 -31.97
C LEU E 475 15.75 -14.22 -30.72
N GLU E 476 15.01 -13.31 -30.09
CA GLU E 476 14.29 -13.66 -28.87
C GLU E 476 13.31 -14.81 -29.11
N LYS E 477 12.70 -14.86 -30.28
CA LYS E 477 11.89 -16.01 -30.65
C LYS E 477 12.74 -17.14 -31.21
N ALA E 478 13.92 -16.83 -31.77
CA ALA E 478 14.84 -17.87 -32.19
C ALA E 478 15.44 -18.60 -31.00
N VAL E 479 15.67 -17.89 -29.88
CA VAL E 479 16.13 -18.54 -28.67
C VAL E 479 15.02 -19.42 -28.10
N LYS E 480 13.80 -18.89 -28.06
CA LYS E 480 12.67 -19.65 -27.55
C LYS E 480 12.46 -20.93 -28.35
N SER E 481 12.71 -20.89 -29.66
CA SER E 481 12.69 -22.11 -30.45
C SER E 481 13.79 -23.06 -30.00
N ALA E 482 15.02 -22.55 -29.85
CA ALA E 482 16.11 -23.37 -29.31
C ALA E 482 15.76 -23.88 -27.91
N ALA E 483 15.17 -23.03 -27.07
CA ALA E 483 14.81 -23.44 -25.72
C ALA E 483 13.79 -24.56 -25.71
N VAL E 484 12.72 -24.43 -26.51
CA VAL E 484 11.70 -25.46 -26.51
C VAL E 484 12.23 -26.75 -27.11
N ASN E 485 13.06 -26.65 -28.17
CA ASN E 485 13.63 -27.86 -28.75
C ASN E 485 14.64 -28.50 -27.81
N ARG E 486 15.42 -27.70 -27.09
CA ARG E 486 16.33 -28.28 -26.10
C ARG E 486 15.57 -28.98 -24.98
N GLU E 487 14.60 -28.28 -24.39
CA GLU E 487 13.73 -28.89 -23.40
C GLU E 487 13.01 -30.11 -23.97
N TYR E 488 12.69 -30.06 -25.28
CA TYR E 488 11.97 -31.16 -25.92
C TYR E 488 12.76 -32.47 -25.85
N TYR E 489 13.99 -32.47 -26.39
CA TYR E 489 14.76 -33.72 -26.44
C TYR E 489 15.06 -34.25 -25.05
N ARG E 490 15.10 -33.37 -24.05
CA ARG E 490 15.29 -33.82 -22.68
C ARG E 490 14.13 -34.67 -22.19
N GLN E 491 12.92 -34.39 -22.67
CA GLN E 491 11.78 -35.22 -22.28
C GLN E 491 11.90 -36.63 -22.87
N GLN E 492 12.33 -36.73 -24.13
CA GLN E 492 12.44 -38.05 -24.74
C GLN E 492 13.75 -38.75 -24.39
N MET E 493 14.81 -38.00 -24.08
CA MET E 493 16.09 -38.64 -23.84
C MET E 493 16.10 -39.38 -22.52
N GLU E 494 15.32 -38.91 -21.55
CA GLU E 494 15.24 -39.58 -20.26
C GLU E 494 14.45 -40.88 -20.40
N GLU E 495 13.30 -40.81 -21.07
CA GLU E 495 12.45 -41.97 -21.28
C GLU E 495 13.10 -42.99 -22.21
N LYS E 496 14.09 -42.56 -23.00
CA LYS E 496 14.80 -43.43 -23.95
C LYS E 496 13.88 -43.96 -25.05
N ALA E 497 13.19 -43.04 -25.73
CA ALA E 497 12.29 -43.41 -26.81
C ALA E 497 13.11 -43.93 -27.99
N PRO E 498 12.47 -44.66 -28.91
CA PRO E 498 13.21 -45.19 -30.06
C PRO E 498 13.44 -44.19 -31.19
N GLN F 6 10.96 -20.69 -75.85
CA GLN F 6 10.71 -21.48 -74.65
C GLN F 6 10.33 -22.91 -75.04
N SER F 7 11.34 -23.78 -75.10
CA SER F 7 11.12 -25.17 -75.47
C SER F 7 10.83 -26.07 -74.28
N GLY F 8 11.07 -25.60 -73.06
CA GLY F 8 11.01 -26.46 -71.90
C GLY F 8 12.28 -27.24 -71.66
N ALA F 9 13.39 -26.83 -72.28
CA ALA F 9 14.65 -27.53 -72.18
C ALA F 9 15.76 -26.55 -72.49
N ILE F 10 16.96 -26.86 -72.01
CA ILE F 10 18.13 -26.01 -72.18
C ILE F 10 18.90 -26.48 -73.42
N TYR F 11 19.10 -25.56 -74.35
CA TYR F 11 19.80 -25.83 -75.61
C TYR F 11 21.11 -25.05 -75.61
N VAL F 12 22.21 -25.75 -75.30
CA VAL F 12 23.54 -25.16 -75.36
C VAL F 12 24.45 -26.09 -76.16
N GLY F 13 25.23 -25.49 -77.07
CA GLY F 13 26.13 -26.25 -77.92
C GLY F 13 25.42 -27.41 -78.58
N ASN F 14 26.12 -28.55 -78.65
CA ASN F 14 25.55 -29.79 -79.16
C ASN F 14 24.99 -30.64 -78.04
N PHE F 15 24.38 -30.01 -77.04
CA PHE F 15 23.94 -30.69 -75.82
C PHE F 15 22.54 -30.24 -75.44
N ARG F 16 21.77 -31.15 -74.84
CA ARG F 16 20.41 -30.89 -74.41
C ARG F 16 20.22 -31.31 -72.96
N VAL F 17 19.86 -30.35 -72.12
CA VAL F 17 19.67 -30.57 -70.69
C VAL F 17 18.18 -30.39 -70.39
N VAL F 18 17.63 -31.27 -69.55
CA VAL F 18 16.21 -31.24 -69.23
C VAL F 18 16.00 -32.05 -67.95
N ASN F 19 14.88 -31.80 -67.27
CA ASN F 19 14.49 -32.60 -66.11
C ASN F 19 14.44 -34.08 -66.44
N ARG F 20 14.92 -34.90 -65.51
CA ARG F 20 14.97 -36.34 -65.73
C ARG F 20 13.58 -36.95 -65.85
N HIS F 21 12.57 -36.36 -65.20
CA HIS F 21 11.25 -36.97 -65.14
C HIS F 21 10.36 -36.61 -66.33
N LEU F 22 10.80 -35.72 -67.22
CA LEU F 22 10.07 -35.43 -68.45
C LEU F 22 10.94 -35.64 -69.68
N ALA F 23 12.09 -36.28 -69.53
CA ALA F 23 13.03 -36.44 -70.63
C ALA F 23 12.47 -37.42 -71.66
N THR F 24 12.74 -37.13 -72.93
CA THR F 24 12.32 -38.00 -74.02
C THR F 24 13.28 -39.19 -74.18
N HIS F 25 12.77 -40.27 -74.77
CA HIS F 25 13.59 -41.44 -75.03
C HIS F 25 14.81 -41.10 -75.89
N ASN F 26 14.63 -40.20 -76.86
CA ASN F 26 15.76 -39.79 -77.69
C ASN F 26 16.86 -39.14 -76.88
N ASP F 27 16.50 -38.45 -75.79
CA ASP F 27 17.52 -37.90 -74.89
C ASP F 27 18.38 -39.00 -74.29
N TRP F 28 17.77 -40.08 -73.84
CA TRP F 28 18.54 -41.23 -73.35
C TRP F 28 19.38 -41.87 -74.45
N ALA F 29 19.00 -41.70 -75.72
CA ALA F 29 19.82 -42.21 -76.81
C ALA F 29 21.11 -41.40 -76.97
N ASN F 30 21.10 -40.15 -76.55
CA ASN F 30 22.28 -39.30 -76.66
C ASN F 30 22.78 -38.89 -75.28
N LEU F 31 22.85 -39.85 -74.36
CA LEU F 31 23.20 -39.53 -72.98
C LEU F 31 24.65 -39.07 -72.86
N VAL F 32 24.84 -37.99 -72.09
CA VAL F 32 26.16 -37.56 -71.66
C VAL F 32 26.33 -37.70 -70.15
N TRP F 33 25.32 -37.29 -69.39
CA TRP F 33 25.32 -37.44 -67.94
C TRP F 33 23.90 -37.30 -67.43
N GLU F 34 23.63 -37.96 -66.30
CA GLU F 34 22.31 -37.94 -65.68
C GLU F 34 22.49 -38.05 -64.18
N ASP F 35 21.40 -37.77 -63.45
CA ASP F 35 21.42 -37.93 -62.00
C ASP F 35 19.99 -38.07 -61.51
N SER F 36 19.66 -39.24 -60.94
CA SER F 36 18.36 -39.42 -60.32
C SER F 36 18.26 -38.65 -59.02
N SER F 37 19.38 -38.36 -58.37
CA SER F 37 19.39 -37.60 -57.13
C SER F 37 19.29 -36.10 -57.36
N ARG F 38 19.19 -35.66 -58.61
CA ARG F 38 19.04 -34.24 -58.90
C ARG F 38 17.92 -33.93 -59.89
N ASP F 39 17.27 -34.94 -60.46
CA ASP F 39 16.31 -34.75 -61.55
C ASP F 39 16.95 -33.95 -62.68
N LEU F 40 18.13 -34.40 -63.09
CA LEU F 40 18.94 -33.71 -64.08
C LEU F 40 19.44 -34.72 -65.09
N LEU F 41 19.20 -34.44 -66.38
CA LEU F 41 19.66 -35.27 -67.47
C LEU F 41 20.35 -34.40 -68.51
N VAL F 42 21.44 -34.92 -69.07
CA VAL F 42 22.21 -34.22 -70.10
C VAL F 42 22.22 -35.12 -71.33
N SER F 43 21.87 -34.55 -72.47
CA SER F 43 21.78 -35.30 -73.71
C SER F 43 22.53 -34.57 -74.82
N SER F 44 22.93 -35.33 -75.83
CA SER F 44 23.65 -34.79 -76.97
C SER F 44 22.68 -34.41 -78.08
N THR F 45 22.94 -33.26 -78.71
CA THR F 45 22.23 -32.85 -79.91
C THR F 45 23.22 -32.66 -81.05
N THR F 46 22.71 -32.62 -82.26
CA THR F 46 23.54 -32.30 -83.41
C THR F 46 23.59 -30.81 -83.68
N ALA F 47 22.53 -30.07 -83.33
CA ALA F 47 22.48 -28.64 -83.55
C ALA F 47 23.21 -27.90 -82.42
N GLN F 48 23.41 -26.60 -82.63
CA GLN F 48 24.12 -25.76 -81.67
C GLN F 48 23.10 -24.92 -80.91
N GLY F 49 22.86 -25.27 -79.64
CA GLY F 49 21.93 -24.53 -78.84
C GLY F 49 22.43 -23.12 -78.54
N CYS F 50 21.48 -22.19 -78.43
CA CYS F 50 21.78 -20.78 -78.24
C CYS F 50 21.56 -20.31 -76.81
N ASP F 51 21.59 -21.22 -75.83
CA ASP F 51 21.50 -20.84 -74.43
C ASP F 51 22.89 -20.65 -73.84
N THR F 52 23.06 -19.56 -73.09
CA THR F 52 24.32 -19.28 -72.40
C THR F 52 24.17 -19.69 -70.94
N ILE F 53 25.15 -20.43 -70.44
CA ILE F 53 25.14 -20.88 -69.05
C ILE F 53 25.64 -19.75 -68.16
N ALA F 54 24.84 -19.38 -67.16
CA ALA F 54 25.30 -18.42 -66.17
C ALA F 54 26.27 -19.07 -65.21
N ARG F 55 27.38 -18.39 -64.95
CA ARG F 55 28.32 -18.78 -63.90
C ARG F 55 28.27 -17.78 -62.76
N CYS F 56 27.06 -17.35 -62.41
CA CYS F 56 26.85 -16.32 -61.41
C CYS F 56 26.45 -16.93 -60.08
N ASN F 57 26.40 -16.07 -59.05
CA ASN F 57 25.81 -16.42 -57.77
C ASN F 57 24.51 -15.64 -57.54
N CYS F 58 23.82 -15.32 -58.63
CA CYS F 58 22.55 -14.63 -58.58
C CYS F 58 21.56 -15.37 -57.69
N GLN F 59 20.85 -14.62 -56.84
CA GLN F 59 19.86 -15.20 -55.95
C GLN F 59 18.50 -14.52 -56.12
N THR F 60 18.36 -13.68 -57.13
CA THR F 60 17.07 -13.16 -57.58
C THR F 60 16.98 -13.45 -59.06
N GLY F 61 15.97 -14.22 -59.47
CA GLY F 61 15.84 -14.62 -60.86
C GLY F 61 14.38 -14.68 -61.28
N VAL F 62 14.20 -14.94 -62.57
CA VAL F 62 12.88 -15.02 -63.18
C VAL F 62 12.73 -16.39 -63.82
N TYR F 63 11.58 -17.03 -63.61
CA TYR F 63 11.33 -18.36 -64.15
C TYR F 63 10.03 -18.34 -64.96
N TYR F 64 9.99 -19.17 -65.99
CA TYR F 64 8.79 -19.33 -66.80
C TYR F 64 7.84 -20.30 -66.12
N CYS F 65 6.59 -19.88 -65.93
CA CYS F 65 5.54 -20.73 -65.36
C CYS F 65 4.66 -21.25 -66.50
N ASN F 66 4.75 -22.56 -66.76
CA ASN F 66 3.96 -23.15 -67.83
C ASN F 66 2.47 -22.97 -67.60
N SER F 67 2.02 -23.09 -66.34
CA SER F 67 0.60 -22.99 -66.02
C SER F 67 0.08 -21.56 -66.13
N ARG F 68 0.94 -20.55 -65.99
CA ARG F 68 0.49 -19.17 -66.10
C ARG F 68 0.85 -18.51 -67.42
N ARG F 69 1.66 -19.16 -68.26
CA ARG F 69 2.09 -18.60 -69.54
C ARG F 69 2.78 -17.25 -69.35
N LYS F 70 3.46 -17.07 -68.23
CA LYS F 70 4.07 -15.81 -67.86
C LYS F 70 5.37 -16.08 -67.12
N HIS F 71 6.25 -15.09 -67.13
CA HIS F 71 7.50 -15.14 -66.37
C HIS F 71 7.31 -14.49 -65.01
N TYR F 72 7.91 -15.08 -63.98
CA TYR F 72 7.73 -14.63 -62.61
C TYR F 72 9.07 -14.52 -61.92
N PRO F 73 9.39 -13.38 -61.31
CA PRO F 73 10.63 -13.27 -60.55
C PRO F 73 10.56 -13.98 -59.21
N VAL F 74 11.66 -14.60 -58.82
CA VAL F 74 11.73 -15.37 -57.58
C VAL F 74 13.05 -15.07 -56.89
N SER F 75 13.01 -15.02 -55.56
CA SER F 75 14.20 -14.93 -54.71
C SER F 75 14.38 -16.29 -54.05
N PHE F 76 15.43 -16.99 -54.41
CA PHE F 76 15.63 -18.38 -54.00
C PHE F 76 16.92 -18.53 -53.19
N SER F 77 16.88 -19.48 -52.24
CA SER F 77 18.04 -19.80 -51.42
C SER F 77 19.01 -20.66 -52.23
N LYS F 78 20.16 -20.96 -51.62
CA LYS F 78 21.16 -21.78 -52.30
C LYS F 78 20.58 -23.16 -52.65
N PRO F 79 21.10 -23.82 -53.70
CA PRO F 79 20.61 -25.16 -54.05
C PRO F 79 20.91 -26.16 -52.94
N SER F 80 19.88 -26.52 -52.17
CA SER F 80 20.05 -27.28 -50.95
C SER F 80 19.42 -28.66 -51.05
N LEU F 81 20.02 -29.60 -50.33
CA LEU F 81 19.50 -30.96 -50.17
C LEU F 81 18.22 -30.90 -49.34
N ILE F 82 17.07 -31.04 -50.01
CA ILE F 82 15.77 -30.86 -49.39
C ILE F 82 14.89 -32.09 -49.64
N TYR F 83 14.05 -32.40 -48.64
CA TYR F 83 13.04 -33.44 -48.81
C TYR F 83 12.09 -33.06 -49.94
N VAL F 84 11.87 -34.00 -50.86
CA VAL F 84 10.91 -33.82 -51.94
C VAL F 84 9.78 -34.82 -51.76
N GLU F 85 8.55 -34.31 -51.69
CA GLU F 85 7.37 -35.16 -51.56
C GLU F 85 7.17 -36.02 -52.79
N ALA F 86 6.55 -37.18 -52.59
CA ALA F 86 6.23 -38.09 -53.66
C ALA F 86 5.22 -37.49 -54.62
N SER F 87 5.33 -37.85 -55.89
CA SER F 87 4.38 -37.42 -56.91
C SER F 87 4.02 -38.62 -57.77
N GLU F 88 3.28 -38.37 -58.85
CA GLU F 88 2.91 -39.45 -59.78
C GLU F 88 4.10 -40.00 -60.54
N TYR F 89 5.29 -39.41 -60.36
CA TYR F 89 6.52 -39.90 -60.97
C TYR F 89 7.52 -40.36 -59.93
N TYR F 90 7.99 -39.45 -59.01
CA TYR F 90 8.99 -39.88 -58.05
C TYR F 90 8.38 -40.12 -56.68
N PRO F 91 8.98 -41.03 -55.90
CA PRO F 91 8.65 -41.11 -54.47
C PRO F 91 9.39 -40.06 -53.66
N ALA F 92 9.53 -40.30 -52.36
CA ALA F 92 10.35 -39.46 -51.50
C ALA F 92 11.80 -39.93 -51.68
N ARG F 93 12.53 -39.24 -52.54
CA ARG F 93 13.87 -39.65 -52.94
C ARG F 93 14.85 -38.50 -52.72
N TYR F 94 16.10 -38.85 -52.40
CA TYR F 94 17.09 -37.83 -52.10
C TYR F 94 17.39 -37.00 -53.35
N GLN F 95 17.02 -35.72 -53.29
CA GLN F 95 17.18 -34.79 -54.41
C GLN F 95 18.01 -33.60 -53.93
N SER F 96 19.25 -33.51 -54.42
CA SER F 96 20.16 -32.46 -54.02
C SER F 96 20.08 -31.25 -54.95
N HIS F 97 20.83 -30.21 -54.57
CA HIS F 97 21.04 -29.03 -55.41
C HIS F 97 19.72 -28.38 -55.83
N LEU F 98 18.83 -28.22 -54.85
CA LEU F 98 17.47 -27.72 -55.07
C LEU F 98 17.34 -26.34 -54.46
N MET F 99 17.22 -25.32 -55.33
CA MET F 99 16.97 -23.96 -54.89
C MET F 99 15.51 -23.82 -54.50
N LEU F 100 15.25 -23.19 -53.35
CA LEU F 100 13.92 -23.12 -52.78
C LEU F 100 13.35 -21.73 -52.99
N ALA F 101 12.10 -21.66 -53.45
CA ALA F 101 11.44 -20.38 -53.68
C ALA F 101 9.93 -20.54 -53.57
N GLN F 102 9.26 -19.41 -53.37
CA GLN F 102 7.81 -19.34 -53.40
C GLN F 102 7.36 -19.04 -54.83
N GLY F 103 6.44 -19.85 -55.36
CA GLY F 103 5.95 -19.57 -56.70
C GLY F 103 4.92 -20.60 -57.13
N HIS F 104 4.51 -20.45 -58.39
CA HIS F 104 3.57 -21.36 -59.02
C HIS F 104 4.34 -22.50 -59.68
N SER F 105 4.09 -23.73 -59.24
CA SER F 105 4.77 -24.88 -59.80
C SER F 105 3.84 -26.09 -59.83
N GLU F 106 2.64 -25.90 -60.37
CA GLU F 106 1.67 -26.97 -60.54
C GLU F 106 2.20 -28.00 -61.54
N PRO F 107 1.64 -29.21 -61.56
CA PRO F 107 2.06 -30.19 -62.57
C PRO F 107 2.01 -29.63 -63.98
N GLY F 108 3.07 -29.88 -64.75
CA GLY F 108 3.25 -29.31 -66.05
C GLY F 108 4.19 -28.12 -66.10
N ASP F 109 4.42 -27.45 -64.95
CA ASP F 109 5.38 -26.36 -64.89
C ASP F 109 6.81 -26.85 -64.81
N ALA F 110 7.03 -28.13 -64.55
CA ALA F 110 8.35 -28.71 -64.67
C ALA F 110 8.87 -28.53 -66.08
N GLY F 111 10.02 -27.89 -66.22
CA GLY F 111 10.56 -27.49 -67.51
C GLY F 111 10.77 -26.00 -67.65
N GLY F 112 10.28 -25.19 -66.72
CA GLY F 112 10.52 -23.76 -66.74
C GLY F 112 12.00 -23.45 -66.59
N ILE F 113 12.53 -22.62 -67.48
CA ILE F 113 13.96 -22.36 -67.53
C ILE F 113 14.28 -21.19 -66.61
N LEU F 114 15.09 -21.45 -65.58
CA LEU F 114 15.51 -20.41 -64.66
C LEU F 114 16.82 -19.78 -65.14
N ARG F 115 16.88 -18.45 -65.14
CA ARG F 115 18.04 -17.72 -65.62
C ARG F 115 18.35 -16.57 -64.67
N CYS F 116 19.64 -16.24 -64.56
CA CYS F 116 20.11 -15.03 -63.91
C CYS F 116 20.61 -14.08 -64.99
N GLN F 117 20.84 -12.82 -64.59
CA GLN F 117 21.25 -11.80 -65.56
C GLN F 117 22.46 -12.24 -66.40
N HIS F 118 23.24 -13.20 -65.92
CA HIS F 118 24.40 -13.71 -66.63
C HIS F 118 24.10 -14.97 -67.43
N GLY F 119 22.84 -15.42 -67.48
CA GLY F 119 22.45 -16.57 -68.26
C GLY F 119 21.61 -17.57 -67.50
N VAL F 120 21.62 -18.83 -67.95
CA VAL F 120 20.75 -19.86 -67.38
C VAL F 120 21.30 -20.33 -66.04
N VAL F 121 20.41 -20.46 -65.05
CA VAL F 121 20.78 -20.94 -63.72
C VAL F 121 20.38 -22.38 -63.57
N GLY F 122 19.09 -22.65 -63.70
CA GLY F 122 18.57 -23.98 -63.51
C GLY F 122 17.26 -24.16 -64.25
N ILE F 123 16.51 -25.18 -63.83
CA ILE F 123 15.25 -25.51 -64.48
C ILE F 123 14.29 -26.04 -63.41
N VAL F 124 13.00 -25.67 -63.55
CA VAL F 124 12.00 -26.06 -62.57
C VAL F 124 11.90 -27.58 -62.52
N SER F 125 11.85 -28.13 -61.31
CA SER F 125 11.76 -29.58 -61.13
C SER F 125 10.62 -29.99 -60.20
N THR F 126 10.43 -29.29 -59.08
CA THR F 126 9.45 -29.68 -58.08
C THR F 126 8.51 -28.53 -57.78
N GLY F 127 7.38 -28.85 -57.15
CA GLY F 127 6.39 -27.85 -56.81
C GLY F 127 5.45 -28.32 -55.73
N GLY F 128 4.56 -27.41 -55.33
CA GLY F 128 3.54 -27.70 -54.34
C GLY F 128 3.51 -26.72 -53.18
N ASN F 129 2.31 -26.49 -52.65
CA ASN F 129 2.10 -25.61 -51.50
C ASN F 129 2.63 -24.20 -51.77
N GLY F 130 2.49 -23.75 -53.02
CA GLY F 130 2.99 -22.45 -53.39
C GLY F 130 4.49 -22.33 -53.45
N LEU F 131 5.21 -23.46 -53.47
CA LEU F 131 6.66 -23.46 -53.56
C LEU F 131 7.10 -24.03 -54.90
N VAL F 132 8.31 -23.65 -55.31
CA VAL F 132 8.90 -24.10 -56.57
C VAL F 132 10.35 -24.45 -56.36
N GLY F 133 10.76 -25.63 -56.84
CA GLY F 133 12.13 -26.09 -56.72
C GLY F 133 12.85 -26.01 -58.07
N PHE F 134 14.07 -25.49 -58.03
CA PHE F 134 14.90 -25.36 -59.22
C PHE F 134 16.17 -26.20 -59.03
N ALA F 135 16.45 -27.06 -60.00
CA ALA F 135 17.70 -27.82 -60.00
C ALA F 135 18.79 -27.00 -60.67
N ASP F 136 19.84 -26.66 -59.93
CA ASP F 136 20.93 -25.87 -60.47
C ASP F 136 21.74 -26.70 -61.47
N VAL F 137 22.39 -26.00 -62.41
CA VAL F 137 23.25 -26.66 -63.40
C VAL F 137 24.64 -26.02 -63.43
N ARG F 138 24.80 -24.86 -62.79
CA ARG F 138 26.07 -24.13 -62.86
C ARG F 138 27.26 -24.99 -62.46
N ASP F 139 27.06 -25.89 -61.49
CA ASP F 139 28.16 -26.75 -61.06
C ASP F 139 28.63 -27.66 -62.18
N LEU F 140 27.72 -27.88 -63.14
CA LEU F 140 28.04 -28.68 -64.34
C LEU F 140 28.91 -27.79 -65.22
N LEU F 141 30.16 -27.57 -64.82
CA LEU F 141 31.10 -26.76 -65.60
C LEU F 141 31.58 -27.57 -66.79
N TRP F 142 31.90 -28.86 -66.62
CA TRP F 142 32.29 -29.68 -67.78
C TRP F 142 31.27 -29.42 -68.89
N LEU F 143 29.99 -29.30 -68.52
CA LEU F 143 28.99 -28.91 -69.54
C LEU F 143 29.44 -27.55 -70.03
N ASP F 144 29.95 -27.46 -71.24
CA ASP F 144 30.50 -26.17 -71.71
C ASP F 144 30.84 -26.18 -73.20
N GLU F 145 30.68 -25.02 -73.83
CA GLU F 145 31.00 -24.77 -75.22
C GLU F 145 32.47 -25.04 -75.50
N GLU F 146 32.78 -25.31 -76.77
CA GLU F 146 34.15 -25.51 -77.20
C GLU F 146 34.74 -24.17 -77.61
N SER G 21 49.79 -5.70 -1.42
CA SER G 21 50.52 -6.95 -1.73
C SER G 21 49.67 -8.12 -1.27
N PRO G 22 49.58 -9.21 -2.07
CA PRO G 22 48.72 -10.31 -1.70
C PRO G 22 49.31 -10.75 -0.36
N LYS G 23 50.62 -10.77 -0.28
CA LYS G 23 51.28 -11.16 0.97
C LYS G 23 50.94 -10.15 2.05
N GLU G 24 50.76 -8.88 1.68
CA GLU G 24 50.57 -7.90 2.77
C GLU G 24 49.33 -8.35 3.52
N ILE G 25 48.31 -8.68 2.76
CA ILE G 25 47.07 -9.17 3.39
C ILE G 25 47.41 -10.49 4.07
N LEU G 26 48.21 -11.32 3.41
CA LEU G 26 48.44 -12.67 3.99
C LEU G 26 49.12 -12.54 5.34
N ASN G 27 50.05 -11.59 5.47
CA ASN G 27 50.68 -11.36 6.78
C ASN G 27 49.59 -10.88 7.73
N LEU G 28 48.70 -10.04 7.24
CA LEU G 28 47.58 -9.55 8.05
C LEU G 28 46.64 -10.71 8.42
N THR G 29 46.45 -11.67 7.51
CA THR G 29 45.60 -12.84 7.80
C THR G 29 46.34 -13.86 8.70
N SER G 30 47.60 -14.18 8.42
CA SER G 30 48.30 -15.17 9.23
C SER G 30 48.16 -14.88 10.72
N GLU G 31 48.13 -13.60 11.08
CA GLU G 31 47.92 -13.23 12.48
C GLU G 31 46.47 -13.45 12.90
N LEU G 32 45.51 -13.12 12.00
CA LEU G 32 44.11 -13.26 12.33
C LEU G 32 43.72 -14.72 12.54
N LEU G 33 44.32 -15.63 11.76
CA LEU G 33 44.08 -17.06 11.95
C LEU G 33 44.46 -17.49 13.37
N GLN G 34 45.70 -17.20 13.76
CA GLN G 34 46.19 -17.62 15.07
C GLN G 34 45.34 -17.05 16.21
N LYS G 35 45.13 -15.73 16.20
CA LYS G 35 44.44 -15.07 17.30
C LYS G 35 43.01 -15.60 17.47
N CYS G 36 42.27 -15.73 16.37
CA CYS G 36 40.91 -16.27 16.47
C CYS G 36 40.89 -17.76 16.73
N SER G 37 41.99 -18.46 16.52
CA SER G 37 42.09 -19.88 16.83
C SER G 37 42.31 -20.16 18.30
N SER G 38 42.39 -19.11 19.13
CA SER G 38 42.59 -19.15 20.57
C SER G 38 41.24 -19.30 21.29
N PRO G 39 41.24 -19.88 22.49
CA PRO G 39 40.00 -19.99 23.24
C PRO G 39 39.59 -18.65 23.83
N ALA G 40 38.36 -18.64 24.37
CA ALA G 40 37.80 -17.43 24.94
C ALA G 40 38.63 -16.96 26.12
N PRO G 41 39.01 -15.69 26.19
CA PRO G 41 39.86 -15.24 27.31
C PRO G 41 39.15 -15.31 28.65
N GLY G 42 37.82 -15.30 28.62
CA GLY G 42 37.00 -15.41 29.83
C GLY G 42 35.74 -14.59 29.68
N PRO G 43 35.03 -14.25 30.76
CA PRO G 43 33.91 -13.34 30.63
C PRO G 43 34.42 -11.97 31.08
N GLY G 44 33.92 -10.88 30.49
CA GLY G 44 34.45 -9.54 30.78
C GLY G 44 35.69 -9.38 29.96
N LYS G 45 36.62 -10.32 30.06
CA LYS G 45 37.80 -10.31 29.21
C LYS G 45 37.48 -10.63 27.75
N GLU G 46 36.34 -11.28 27.49
CA GLU G 46 35.94 -11.56 26.11
C GLU G 46 35.83 -10.28 25.29
N TRP G 47 35.15 -9.26 25.85
CA TRP G 47 35.01 -7.99 25.16
C TRP G 47 36.35 -7.41 24.77
N GLU G 48 37.39 -7.64 25.58
CA GLU G 48 38.74 -7.21 25.23
C GLU G 48 39.23 -7.91 23.96
N GLU G 49 39.07 -9.23 23.90
CA GLU G 49 39.55 -9.98 22.73
C GLU G 49 38.80 -9.59 21.46
N TYR G 50 37.52 -9.23 21.56
CA TYR G 50 36.75 -8.85 20.39
C TYR G 50 37.38 -7.65 19.67
N VAL G 51 37.55 -6.54 20.40
CA VAL G 51 38.03 -5.31 19.78
C VAL G 51 39.42 -5.51 19.18
N GLN G 52 40.20 -6.44 19.73
CA GLN G 52 41.45 -6.84 19.08
C GLN G 52 41.18 -7.34 17.67
N ILE G 53 40.14 -8.15 17.50
CA ILE G 53 39.84 -8.74 16.20
C ILE G 53 39.23 -7.71 15.24
N ARG G 54 38.37 -6.83 15.74
CA ARG G 54 37.74 -5.84 14.87
C ARG G 54 38.79 -4.92 14.25
N THR G 55 39.69 -4.38 15.07
CA THR G 55 40.70 -3.46 14.56
C THR G 55 41.56 -4.13 13.50
N LEU G 56 41.91 -5.41 13.72
CA LEU G 56 42.69 -6.13 12.72
C LEU G 56 41.90 -6.28 11.43
N VAL G 57 40.61 -6.62 11.52
CA VAL G 57 39.78 -6.70 10.33
C VAL G 57 39.65 -5.33 9.69
N GLU G 58 39.36 -4.31 10.50
CA GLU G 58 39.30 -2.95 9.98
C GLU G 58 40.65 -2.52 9.43
N LYS G 59 41.74 -3.01 10.01
CA LYS G 59 43.07 -2.77 9.43
C LYS G 59 43.15 -3.33 8.02
N ILE G 60 42.76 -4.59 7.85
CA ILE G 60 42.75 -5.19 6.51
C ILE G 60 41.73 -4.49 5.63
N ARG G 61 40.49 -4.35 6.13
CA ARG G 61 39.39 -3.83 5.32
C ARG G 61 39.70 -2.46 4.74
N LYS G 62 40.33 -1.59 5.54
CA LYS G 62 40.73 -0.28 5.03
C LYS G 62 41.88 -0.36 4.02
N LYS G 63 42.47 -1.54 3.82
CA LYS G 63 43.50 -1.73 2.80
C LYS G 63 42.97 -2.41 1.56
N GLN G 64 41.65 -2.63 1.46
CA GLN G 64 41.07 -3.34 0.34
C GLN G 64 39.94 -2.51 -0.27
N LYS G 65 39.61 -2.82 -1.53
CA LYS G 65 38.68 -2.03 -2.34
C LYS G 65 37.21 -2.31 -2.04
N GLY G 66 36.90 -2.91 -0.90
CA GLY G 66 35.51 -3.21 -0.56
C GLY G 66 34.98 -4.40 -1.32
N LEU G 67 33.77 -4.30 -1.86
CA LEU G 67 33.18 -5.41 -2.61
C LEU G 67 33.94 -5.59 -3.91
N SER G 68 34.47 -6.80 -4.12
CA SER G 68 35.29 -7.08 -5.31
C SER G 68 34.52 -6.81 -6.60
N VAL G 69 33.26 -7.21 -6.64
CA VAL G 69 32.41 -7.02 -7.81
C VAL G 69 31.33 -6.03 -7.42
N THR G 70 31.21 -4.94 -8.18
CA THR G 70 30.27 -3.88 -7.92
C THR G 70 29.27 -3.75 -9.05
N PHE G 71 28.04 -3.36 -8.71
CA PHE G 71 27.03 -3.19 -9.74
C PHE G 71 27.27 -1.88 -10.47
N ASP G 72 27.16 -1.90 -11.80
CA ASP G 72 27.37 -0.67 -12.56
C ASP G 72 26.25 0.31 -12.25
N GLY G 73 25.01 -0.13 -12.39
CA GLY G 73 23.85 0.64 -12.02
C GLY G 73 23.54 0.47 -10.55
N LYS G 74 22.32 0.82 -10.17
CA LYS G 74 21.83 0.58 -8.82
C LYS G 74 21.09 -0.74 -8.75
N ARG G 75 20.85 -1.21 -7.52
CA ARG G 75 20.30 -2.54 -7.28
C ARG G 75 18.96 -2.76 -7.99
N GLU G 76 18.00 -1.88 -7.74
CA GLU G 76 16.63 -2.13 -8.17
C GLU G 76 16.49 -2.31 -9.68
N ASP G 77 17.40 -1.71 -10.46
CA ASP G 77 17.32 -1.81 -11.92
C ASP G 77 17.45 -3.24 -12.43
N TYR G 78 17.81 -4.20 -11.58
CA TYR G 78 18.06 -5.57 -12.01
C TYR G 78 16.92 -6.52 -11.64
N PHE G 79 15.79 -6.02 -11.17
CA PHE G 79 14.68 -6.89 -10.81
C PHE G 79 13.95 -7.44 -12.05
N PRO G 80 13.66 -6.62 -13.08
CA PRO G 80 13.05 -7.20 -14.29
C PRO G 80 13.85 -8.31 -14.95
N ASP G 81 15.18 -8.19 -15.00
CA ASP G 81 15.99 -9.26 -15.57
C ASP G 81 15.82 -10.56 -14.80
N LEU G 82 15.63 -10.47 -13.48
CA LEU G 82 15.38 -11.67 -12.70
C LEU G 82 14.09 -12.34 -13.13
N MET G 83 13.04 -11.54 -13.36
CA MET G 83 11.72 -12.09 -13.67
C MET G 83 11.73 -12.84 -14.99
N LYS G 84 12.41 -12.28 -16.00
CA LYS G 84 12.50 -12.95 -17.30
C LYS G 84 13.28 -14.26 -17.19
N TRP G 85 14.49 -14.19 -16.62
CA TRP G 85 15.28 -15.38 -16.38
C TRP G 85 14.52 -16.41 -15.57
N ALA G 86 13.77 -15.96 -14.55
CA ALA G 86 12.90 -16.86 -13.81
C ALA G 86 11.78 -17.39 -14.70
N SER G 87 11.13 -16.49 -15.46
CA SER G 87 10.06 -16.91 -16.36
C SER G 87 10.55 -17.85 -17.45
N GLU G 88 11.81 -17.70 -17.86
CA GLU G 88 12.37 -18.62 -18.86
C GLU G 88 12.50 -20.04 -18.33
N ASN G 89 12.48 -20.22 -17.01
CA ASN G 89 12.70 -21.53 -16.42
C ASN G 89 11.51 -22.03 -15.61
N GLY G 90 10.41 -21.27 -15.56
CA GLY G 90 9.17 -21.76 -15.01
C GLY G 90 8.90 -21.33 -13.58
N ALA G 91 9.28 -20.13 -13.19
CA ALA G 91 9.04 -19.63 -11.85
C ALA G 91 7.81 -18.75 -11.82
N SER G 92 7.04 -18.84 -10.73
CA SER G 92 5.92 -17.95 -10.53
C SER G 92 6.39 -16.50 -10.52
N VAL G 93 5.92 -15.72 -11.50
CA VAL G 93 6.26 -14.31 -11.62
C VAL G 93 4.98 -13.48 -11.68
N GLU G 94 3.84 -14.09 -11.39
CA GLU G 94 2.55 -13.42 -11.47
C GLU G 94 1.90 -13.38 -10.10
N GLY G 95 1.26 -12.26 -9.79
CA GLY G 95 0.60 -12.07 -8.51
C GLY G 95 1.35 -11.17 -7.55
N PHE G 96 2.52 -10.67 -7.94
CA PHE G 96 3.37 -9.91 -7.01
C PHE G 96 4.38 -9.11 -7.81
N GLU G 97 5.09 -8.22 -7.10
CA GLU G 97 6.20 -7.48 -7.69
C GLU G 97 7.19 -7.14 -6.58
N MET G 98 8.36 -6.65 -7.00
CA MET G 98 9.46 -6.32 -6.08
C MET G 98 9.27 -4.89 -5.59
N VAL G 99 9.03 -4.72 -4.29
CA VAL G 99 8.78 -3.41 -3.73
C VAL G 99 9.65 -3.19 -2.51
N ASN G 100 10.21 -1.97 -2.41
CA ASN G 100 11.08 -1.56 -1.30
C ASN G 100 10.21 -0.98 -0.18
N PHE G 101 9.93 -1.77 0.84
CA PHE G 101 9.16 -1.30 1.99
C PHE G 101 10.05 -0.50 2.93
N LYS G 102 9.44 0.48 3.60
CA LYS G 102 10.18 1.28 4.56
C LYS G 102 10.60 0.45 5.77
N GLU G 103 9.64 -0.28 6.34
CA GLU G 103 9.87 -0.94 7.63
C GLU G 103 10.69 -2.21 7.51
N GLU G 104 10.61 -2.92 6.38
CA GLU G 104 11.32 -4.18 6.22
C GLU G 104 12.23 -4.25 5.01
N GLY G 105 12.34 -3.18 4.22
CA GLY G 105 13.20 -3.25 3.05
C GLY G 105 12.46 -3.82 1.86
N PHE G 106 13.19 -4.48 0.97
CA PHE G 106 12.59 -5.09 -0.20
C PHE G 106 11.61 -6.19 0.22
N GLY G 107 10.51 -6.30 -0.52
CA GLY G 107 9.56 -7.35 -0.26
C GLY G 107 8.69 -7.61 -1.46
N LEU G 108 7.72 -8.49 -1.26
CA LEU G 108 6.74 -8.81 -2.30
C LEU G 108 5.40 -8.21 -1.92
N ARG G 109 4.72 -7.60 -2.88
CA ARG G 109 3.42 -7.00 -2.67
C ARG G 109 2.41 -7.66 -3.59
N ALA G 110 1.29 -8.10 -3.01
CA ALA G 110 0.25 -8.74 -3.79
C ALA G 110 -0.33 -7.75 -4.80
N THR G 111 -0.28 -8.10 -6.07
CA THR G 111 -0.91 -7.30 -7.12
C THR G 111 -2.35 -7.75 -7.38
N ARG G 112 -2.81 -8.77 -6.67
CA ARG G 112 -4.19 -9.23 -6.75
C ARG G 112 -4.59 -9.73 -5.37
N ASP G 113 -5.82 -10.23 -5.26
CA ASP G 113 -6.29 -10.81 -4.01
C ASP G 113 -5.82 -12.25 -3.89
N ILE G 114 -5.11 -12.56 -2.80
CA ILE G 114 -4.63 -13.91 -2.53
C ILE G 114 -5.34 -14.40 -1.28
N LYS G 115 -6.10 -15.48 -1.42
CA LYS G 115 -6.78 -16.08 -0.28
C LYS G 115 -5.78 -16.87 0.56
N ALA G 116 -6.17 -17.13 1.82
CA ALA G 116 -5.38 -17.99 2.68
C ALA G 116 -5.14 -19.35 2.02
N GLU G 117 -3.93 -19.87 2.21
CA GLU G 117 -3.52 -21.19 1.73
C GLU G 117 -3.37 -21.22 0.20
N GLU G 118 -3.75 -20.14 -0.47
CA GLU G 118 -3.59 -20.08 -1.93
C GLU G 118 -2.11 -20.11 -2.30
N LEU G 119 -1.71 -21.15 -3.01
CA LEU G 119 -0.31 -21.30 -3.42
C LEU G 119 0.02 -20.24 -4.47
N PHE G 120 1.05 -19.43 -4.19
CA PHE G 120 1.41 -18.31 -5.06
C PHE G 120 2.87 -18.30 -5.48
N LEU G 121 3.67 -19.27 -5.05
CA LEU G 121 5.08 -19.35 -5.40
C LEU G 121 5.45 -20.76 -5.80
N TRP G 122 6.18 -20.89 -6.91
CA TRP G 122 6.79 -22.13 -7.33
C TRP G 122 8.12 -21.77 -7.98
N VAL G 123 9.18 -22.45 -7.57
CA VAL G 123 10.53 -22.11 -8.01
C VAL G 123 11.24 -23.41 -8.36
N PRO G 124 11.59 -23.63 -9.62
CA PRO G 124 12.29 -24.86 -9.97
C PRO G 124 13.66 -24.93 -9.34
N ARG G 125 14.12 -26.16 -9.11
CA ARG G 125 15.44 -26.38 -8.54
C ARG G 125 16.54 -25.86 -9.44
N LYS G 126 16.29 -25.77 -10.75
CA LYS G 126 17.29 -25.28 -11.70
C LYS G 126 17.72 -23.85 -11.37
N LEU G 127 16.86 -23.08 -10.73
CA LEU G 127 17.15 -21.70 -10.39
C LEU G 127 17.87 -21.54 -9.05
N LEU G 128 17.85 -22.56 -8.21
CA LEU G 128 18.38 -22.41 -6.86
C LEU G 128 19.90 -22.45 -6.85
N MET G 129 20.49 -21.73 -5.90
CA MET G 129 21.91 -21.84 -5.59
C MET G 129 22.06 -22.74 -4.38
N THR G 130 22.52 -23.97 -4.61
CA THR G 130 22.62 -24.98 -3.57
C THR G 130 24.04 -25.55 -3.56
N VAL G 131 24.34 -26.33 -2.52
CA VAL G 131 25.64 -26.98 -2.43
C VAL G 131 25.87 -27.92 -3.61
N GLU G 132 24.83 -28.67 -4.01
CA GLU G 132 24.95 -29.52 -5.18
C GLU G 132 25.36 -28.74 -6.41
N SER G 133 24.92 -27.49 -6.54
CA SER G 133 25.37 -26.64 -7.64
C SER G 133 26.82 -26.23 -7.44
N ALA G 134 27.23 -25.97 -6.20
CA ALA G 134 28.61 -25.62 -5.92
C ALA G 134 29.56 -26.76 -6.27
N LYS G 135 29.24 -27.98 -5.83
CA LYS G 135 30.10 -29.12 -6.11
C LYS G 135 30.22 -29.39 -7.61
N ASN G 136 29.24 -28.96 -8.40
CA ASN G 136 29.29 -29.11 -9.85
C ASN G 136 29.84 -27.87 -10.55
N SER G 137 30.09 -26.79 -9.82
CA SER G 137 30.56 -25.54 -10.41
C SER G 137 32.10 -25.55 -10.43
N VAL G 138 32.70 -24.37 -10.59
CA VAL G 138 34.16 -24.27 -10.59
C VAL G 138 34.73 -24.55 -9.21
N LEU G 139 33.94 -24.36 -8.15
CA LEU G 139 34.38 -24.64 -6.79
C LEU G 139 34.47 -26.13 -6.50
N GLY G 140 33.90 -26.98 -7.36
CA GLY G 140 33.88 -28.41 -7.17
C GLY G 140 35.21 -29.03 -6.79
N PRO G 141 36.26 -28.78 -7.58
CA PRO G 141 37.59 -29.27 -7.19
C PRO G 141 38.06 -28.76 -5.85
N LEU G 142 37.90 -27.46 -5.58
CA LEU G 142 38.26 -26.93 -4.27
C LEU G 142 37.33 -27.50 -3.20
N TYR G 143 36.05 -27.68 -3.52
CA TYR G 143 35.15 -28.35 -2.60
C TYR G 143 35.57 -29.79 -2.37
N SER G 144 35.93 -30.51 -3.45
CA SER G 144 36.33 -31.90 -3.33
C SER G 144 37.58 -32.08 -2.48
N GLN G 145 38.42 -31.04 -2.38
CA GLN G 145 39.70 -31.14 -1.68
C GLN G 145 39.68 -30.49 -0.30
N ASP G 146 38.89 -29.44 -0.11
CA ASP G 146 38.90 -28.70 1.16
C ASP G 146 38.02 -29.42 2.18
N ARG G 147 38.56 -29.56 3.39
CA ARG G 147 37.84 -30.30 4.44
C ARG G 147 36.74 -29.46 5.07
N ILE G 148 36.94 -28.14 5.16
CA ILE G 148 35.98 -27.27 5.81
C ILE G 148 34.73 -27.08 4.94
N LEU G 149 34.92 -26.79 3.66
CA LEU G 149 33.76 -26.66 2.76
C LEU G 149 32.94 -27.94 2.71
N GLN G 150 33.61 -29.10 2.71
CA GLN G 150 32.89 -30.36 2.70
C GLN G 150 32.00 -30.51 3.92
N ALA G 151 32.43 -29.94 5.06
CA ALA G 151 31.70 -30.11 6.32
C ALA G 151 30.58 -29.09 6.47
N MET G 152 30.89 -27.81 6.27
CA MET G 152 29.93 -26.73 6.47
C MET G 152 29.51 -26.20 5.11
N GLY G 153 28.31 -26.59 4.67
CA GLY G 153 27.78 -26.09 3.41
C GLY G 153 27.45 -24.62 3.47
N ASN G 154 27.07 -24.14 4.66
CA ASN G 154 26.71 -22.74 4.85
C ASN G 154 27.82 -21.82 4.36
N ILE G 155 29.08 -22.22 4.54
CA ILE G 155 30.21 -21.50 3.95
C ILE G 155 30.28 -21.73 2.45
N ALA G 156 30.15 -22.99 2.02
CA ALA G 156 30.32 -23.33 0.61
C ALA G 156 29.38 -22.54 -0.30
N LEU G 157 28.16 -22.26 0.17
CA LEU G 157 27.25 -21.45 -0.63
C LEU G 157 27.72 -20.01 -0.71
N ALA G 158 28.30 -19.50 0.38
CA ALA G 158 28.86 -18.15 0.36
C ALA G 158 29.96 -18.03 -0.69
N PHE G 159 30.84 -19.03 -0.77
CA PHE G 159 31.89 -19.02 -1.79
C PHE G 159 31.32 -19.28 -3.18
N HIS G 160 30.33 -20.17 -3.28
CA HIS G 160 29.64 -20.39 -4.54
C HIS G 160 29.03 -19.11 -5.09
N LEU G 161 28.48 -18.27 -4.21
CA LEU G 161 27.86 -17.04 -4.66
C LEU G 161 28.90 -16.11 -5.30
N LEU G 162 30.08 -15.99 -4.68
CA LEU G 162 31.12 -15.09 -5.19
C LEU G 162 31.78 -15.63 -6.44
N CYS G 163 31.98 -16.95 -6.50
CA CYS G 163 32.50 -17.57 -7.72
C CYS G 163 31.67 -17.14 -8.93
N GLU G 164 30.34 -17.18 -8.80
CA GLU G 164 29.47 -16.73 -9.86
C GLU G 164 29.25 -15.22 -9.87
N ARG G 165 29.51 -14.54 -8.76
CA ARG G 165 29.43 -13.08 -8.77
C ARG G 165 30.52 -12.47 -9.63
N ALA G 166 31.73 -13.03 -9.58
CA ALA G 166 32.84 -12.57 -10.39
C ALA G 166 32.85 -13.22 -11.77
N SER G 167 31.76 -13.89 -12.15
CA SER G 167 31.62 -14.50 -13.45
C SER G 167 30.54 -13.77 -14.26
N PRO G 168 30.91 -13.00 -15.28
CA PRO G 168 29.89 -12.30 -16.07
C PRO G 168 28.95 -13.24 -16.80
N ASN G 169 29.40 -14.45 -17.11
CA ASN G 169 28.58 -15.45 -17.81
C ASN G 169 27.96 -16.46 -16.85
N SER G 170 27.45 -16.02 -15.70
CA SER G 170 26.85 -16.94 -14.75
C SER G 170 25.36 -17.10 -15.01
N PHE G 171 24.85 -18.32 -14.76
CA PHE G 171 23.42 -18.58 -14.91
C PHE G 171 22.60 -17.71 -13.97
N TRP G 172 23.04 -17.60 -12.71
CA TRP G 172 22.28 -16.92 -11.67
C TRP G 172 22.57 -15.44 -11.56
N GLN G 173 23.22 -14.85 -12.57
CA GLN G 173 23.51 -13.42 -12.50
C GLN G 173 22.27 -12.57 -12.24
N PRO G 174 21.10 -12.81 -12.85
CA PRO G 174 19.92 -12.02 -12.47
C PRO G 174 19.58 -12.13 -11.00
N TYR G 175 19.87 -13.26 -10.35
CA TYR G 175 19.67 -13.36 -8.91
C TYR G 175 20.73 -12.58 -8.15
N ILE G 176 22.00 -12.80 -8.49
CA ILE G 176 23.09 -12.13 -7.76
C ILE G 176 22.99 -10.62 -7.90
N GLN G 177 22.65 -10.13 -9.10
CA GLN G 177 22.57 -8.70 -9.35
C GLN G 177 21.46 -8.01 -8.57
N THR G 178 20.46 -8.77 -8.10
CA THR G 178 19.41 -8.22 -7.25
C THR G 178 19.79 -8.21 -5.78
N LEU G 179 20.85 -8.93 -5.39
CA LEU G 179 21.18 -9.06 -3.99
C LEU G 179 21.72 -7.75 -3.43
N PRO G 180 21.52 -7.49 -2.14
CA PRO G 180 21.93 -6.20 -1.56
C PRO G 180 23.44 -6.05 -1.55
N SER G 181 23.87 -4.85 -1.18
CA SER G 181 25.29 -4.52 -1.02
C SER G 181 25.74 -4.67 0.42
N GLU G 182 24.91 -4.29 1.38
CA GLU G 182 25.20 -4.46 2.80
C GLU G 182 23.99 -5.05 3.50
N TYR G 183 24.22 -5.56 4.71
CA TYR G 183 23.16 -6.12 5.55
C TYR G 183 23.29 -5.51 6.94
N ASP G 184 22.26 -5.75 7.76
CA ASP G 184 22.22 -5.28 9.14
C ASP G 184 22.67 -6.35 10.13
N THR G 185 23.50 -7.30 9.68
CA THR G 185 24.03 -8.32 10.58
C THR G 185 25.09 -7.71 11.50
N PRO G 186 25.23 -8.23 12.72
CA PRO G 186 26.26 -7.72 13.64
C PRO G 186 27.66 -7.74 13.05
N LEU G 187 27.84 -8.46 11.94
CA LEU G 187 29.08 -8.36 11.18
C LEU G 187 29.26 -6.98 10.59
N TYR G 188 28.18 -6.21 10.50
CA TYR G 188 28.20 -4.86 9.95
C TYR G 188 28.08 -3.79 11.03
N PHE G 189 28.07 -4.17 12.31
CA PHE G 189 27.84 -3.21 13.37
C PHE G 189 29.14 -2.51 13.72
N GLU G 190 29.05 -1.23 14.05
CA GLU G 190 30.20 -0.49 14.54
C GLU G 190 30.46 -0.82 16.00
N GLU G 191 31.64 -0.40 16.47
CA GLU G 191 31.99 -0.64 17.87
C GLU G 191 31.01 0.06 18.81
N ASP G 192 30.66 1.32 18.50
CA ASP G 192 29.65 2.01 19.29
C ASP G 192 28.28 1.33 19.18
N GLU G 193 28.01 0.65 18.08
CA GLU G 193 26.72 -0.01 17.93
C GLU G 193 26.65 -1.30 18.74
N VAL G 194 27.70 -2.12 18.72
CA VAL G 194 27.74 -3.28 19.59
C VAL G 194 27.94 -2.85 21.04
N ARG G 195 28.40 -1.62 21.26
CA ARG G 195 28.64 -1.13 22.62
C ARG G 195 27.36 -1.09 23.43
N TYR G 196 26.19 -1.05 22.78
CA TYR G 196 24.93 -1.01 23.51
C TYR G 196 24.60 -2.37 24.11
N LEU G 197 25.21 -3.45 23.60
CA LEU G 197 24.87 -4.80 24.00
C LEU G 197 25.77 -5.35 25.11
N GLN G 198 26.54 -4.48 25.77
CA GLN G 198 27.41 -4.95 26.84
C GLN G 198 26.59 -5.53 27.99
N SER G 199 27.14 -6.55 28.63
CA SER G 199 26.57 -7.27 29.79
C SER G 199 25.36 -8.10 29.43
N THR G 200 25.01 -8.23 28.15
CA THR G 200 23.85 -9.01 27.75
C THR G 200 24.26 -10.46 27.43
N GLN G 201 23.25 -11.30 27.25
CA GLN G 201 23.50 -12.70 26.94
C GLN G 201 23.74 -12.92 25.44
N ALA G 202 22.96 -12.24 24.59
CA ALA G 202 23.16 -12.33 23.14
C ALA G 202 24.60 -11.99 22.75
N ILE G 203 25.20 -10.99 23.41
CA ILE G 203 26.54 -10.54 23.03
C ILE G 203 27.56 -11.66 23.11
N HIS G 204 27.35 -12.65 23.97
CA HIS G 204 28.27 -13.78 24.00
C HIS G 204 28.29 -14.56 22.70
N ASP G 205 27.22 -14.46 21.90
CA ASP G 205 27.15 -15.15 20.61
C ASP G 205 27.51 -14.29 19.41
N VAL G 206 27.28 -12.97 19.43
CA VAL G 206 27.73 -12.14 18.31
C VAL G 206 29.25 -12.21 18.18
N PHE G 207 29.96 -12.27 19.30
CA PHE G 207 31.41 -12.43 19.25
C PHE G 207 31.79 -13.71 18.53
N SER G 208 31.11 -14.81 18.84
CA SER G 208 31.34 -16.07 18.14
C SER G 208 31.13 -15.91 16.63
N GLN G 209 30.15 -15.08 16.24
CA GLN G 209 29.95 -14.82 14.82
C GLN G 209 31.19 -14.14 14.22
N TYR G 210 31.61 -13.01 14.81
CA TYR G 210 32.78 -12.31 14.29
C TYR G 210 34.03 -13.17 14.35
N LYS G 211 34.20 -13.91 15.45
CA LYS G 211 35.40 -14.74 15.62
C LYS G 211 35.47 -15.83 14.56
N ASN G 212 34.39 -16.61 14.43
CA ASN G 212 34.35 -17.66 13.43
C ASN G 212 34.44 -17.11 12.01
N THR G 213 33.68 -16.04 11.73
CA THR G 213 33.73 -15.41 10.40
C THR G 213 35.14 -15.00 10.03
N ALA G 214 35.77 -14.19 10.89
CA ALA G 214 37.17 -13.82 10.68
C ALA G 214 38.04 -15.06 10.46
N ARG G 215 37.96 -16.04 11.38
CA ARG G 215 38.77 -17.24 11.26
C ARG G 215 38.55 -17.91 9.91
N GLN G 216 37.30 -18.03 9.48
CA GLN G 216 37.01 -18.65 8.19
C GLN G 216 37.67 -17.87 7.05
N TYR G 217 37.56 -16.54 7.09
CA TYR G 217 38.21 -15.71 6.09
C TYR G 217 39.72 -15.94 6.07
N ALA G 218 40.32 -16.06 7.25
CA ALA G 218 41.76 -16.28 7.33
C ALA G 218 42.16 -17.64 6.74
N TYR G 219 41.43 -18.70 7.11
CA TYR G 219 41.73 -20.03 6.56
C TYR G 219 41.60 -20.04 5.05
N PHE G 220 40.49 -19.50 4.53
CA PHE G 220 40.20 -19.69 3.12
C PHE G 220 41.02 -18.78 2.20
N TYR G 221 41.32 -17.56 2.64
CA TYR G 221 42.17 -16.70 1.81
C TYR G 221 43.53 -17.33 1.59
N LYS G 222 44.03 -18.09 2.57
CA LYS G 222 45.30 -18.77 2.40
C LYS G 222 45.21 -19.86 1.33
N VAL G 223 44.25 -20.76 1.46
CA VAL G 223 44.21 -21.92 0.55
C VAL G 223 44.00 -21.47 -0.88
N ILE G 224 43.19 -20.42 -1.08
CA ILE G 224 42.99 -19.90 -2.43
C ILE G 224 44.33 -19.50 -3.05
N GLN G 225 45.21 -18.91 -2.24
CA GLN G 225 46.54 -18.55 -2.74
C GLN G 225 47.44 -19.79 -2.90
N THR G 226 47.22 -20.82 -2.09
CA THR G 226 48.09 -21.99 -2.08
C THR G 226 47.51 -23.22 -2.77
N HIS G 227 46.19 -23.38 -2.79
CA HIS G 227 45.65 -24.64 -3.33
C HIS G 227 45.69 -24.56 -4.85
N PRO G 228 46.22 -25.57 -5.54
CA PRO G 228 46.28 -25.52 -7.02
C PRO G 228 44.92 -25.50 -7.68
N HIS G 229 43.99 -26.33 -7.23
CA HIS G 229 42.65 -26.39 -7.81
C HIS G 229 41.88 -25.08 -7.70
N ALA G 230 42.35 -24.13 -6.89
CA ALA G 230 41.77 -22.80 -6.79
C ALA G 230 42.39 -21.80 -7.76
N ASN G 231 43.34 -22.23 -8.59
CA ASN G 231 44.01 -21.31 -9.50
C ASN G 231 43.04 -20.71 -10.52
N LYS G 232 42.04 -21.46 -10.96
CA LYS G 232 41.15 -20.99 -12.02
C LYS G 232 39.98 -20.15 -11.53
N LEU G 233 39.67 -20.15 -10.24
CA LEU G 233 38.56 -19.33 -9.77
C LEU G 233 38.98 -17.85 -9.77
N PRO G 234 38.03 -16.95 -10.03
CA PRO G 234 38.36 -15.52 -10.07
C PRO G 234 38.59 -14.88 -8.72
N LEU G 235 38.44 -15.62 -7.61
CA LEU G 235 38.67 -15.05 -6.29
C LEU G 235 40.15 -14.84 -5.99
N LYS G 236 41.06 -15.53 -6.68
CA LYS G 236 42.48 -15.29 -6.48
C LYS G 236 42.89 -13.87 -6.84
N ASP G 237 42.12 -13.19 -7.68
CA ASP G 237 42.42 -11.79 -8.00
C ASP G 237 41.92 -10.85 -6.93
N SER G 238 40.83 -11.20 -6.24
CA SER G 238 40.27 -10.33 -5.20
C SER G 238 39.39 -11.18 -4.30
N PHE G 239 39.71 -11.20 -3.00
CA PHE G 239 38.91 -11.91 -2.00
C PHE G 239 39.02 -11.09 -0.72
N THR G 240 38.26 -10.00 -0.67
CA THR G 240 38.28 -9.06 0.44
C THR G 240 37.43 -9.59 1.60
N TYR G 241 37.55 -8.90 2.73
CA TYR G 241 36.70 -9.23 3.87
C TYR G 241 35.24 -8.92 3.56
N GLU G 242 34.99 -7.73 2.98
CA GLU G 242 33.64 -7.36 2.59
C GLU G 242 33.04 -8.36 1.59
N ASP G 243 33.88 -8.99 0.77
CA ASP G 243 33.43 -10.13 -0.04
C ASP G 243 32.87 -11.23 0.86
N TYR G 244 33.71 -11.77 1.73
CA TYR G 244 33.29 -12.89 2.56
C TYR G 244 32.19 -12.48 3.54
N ARG G 245 32.30 -11.28 4.12
CA ARG G 245 31.30 -10.83 5.08
C ARG G 245 29.92 -10.74 4.43
N TRP G 246 29.86 -10.13 3.25
CA TRP G 246 28.59 -10.05 2.52
C TRP G 246 28.09 -11.44 2.12
N ALA G 247 29.01 -12.33 1.74
CA ALA G 247 28.67 -13.67 1.27
C ALA G 247 27.85 -14.43 2.30
N VAL G 248 28.45 -14.72 3.45
CA VAL G 248 27.73 -15.47 4.48
C VAL G 248 26.53 -14.67 4.96
N SER G 249 26.65 -13.35 5.04
CA SER G 249 25.52 -12.52 5.45
C SER G 249 24.34 -12.68 4.50
N SER G 250 24.61 -12.76 3.20
CA SER G 250 23.58 -13.16 2.26
C SER G 250 23.04 -14.54 2.60
N VAL G 251 23.94 -15.48 2.90
CA VAL G 251 23.53 -16.85 3.16
C VAL G 251 22.80 -16.95 4.49
N MET G 252 23.42 -16.48 5.58
CA MET G 252 22.86 -16.75 6.91
C MET G 252 21.50 -16.09 7.09
N THR G 253 21.17 -15.08 6.29
CA THR G 253 19.93 -14.33 6.47
C THR G 253 18.81 -14.80 5.56
N ARG G 254 19.11 -15.52 4.48
CA ARG G 254 18.08 -15.88 3.51
C ARG G 254 18.20 -17.32 3.05
N GLN G 255 18.91 -18.16 3.79
CA GLN G 255 19.11 -19.55 3.43
C GLN G 255 17.88 -20.38 3.75
N ASN G 256 17.65 -21.41 2.92
CA ASN G 256 16.58 -22.37 3.17
C ASN G 256 17.11 -23.78 2.93
N GLN G 257 16.75 -24.68 3.84
CA GLN G 257 17.11 -26.08 3.70
C GLN G 257 16.17 -26.74 2.70
N ILE G 258 16.74 -27.46 1.74
CA ILE G 258 15.96 -28.23 0.77
C ILE G 258 16.60 -29.59 0.57
N PRO G 259 15.83 -30.58 0.16
CA PRO G 259 16.42 -31.86 -0.22
C PRO G 259 17.22 -31.75 -1.51
N THR G 260 18.16 -32.67 -1.67
CA THR G 260 18.94 -32.78 -2.90
C THR G 260 18.12 -33.48 -3.99
N GLU G 261 18.68 -33.49 -5.20
CA GLU G 261 18.01 -34.18 -6.31
C GLU G 261 17.76 -35.64 -5.99
N ASP G 262 18.74 -36.31 -5.40
CA ASP G 262 18.58 -37.70 -4.99
C ASP G 262 17.67 -37.86 -3.78
N GLY G 263 17.40 -36.78 -3.05
CA GLY G 263 16.63 -36.89 -1.83
C GLY G 263 17.31 -37.63 -0.71
N SER G 264 18.55 -38.09 -0.92
CA SER G 264 19.23 -38.89 0.10
C SER G 264 19.57 -38.07 1.33
N ARG G 265 19.89 -36.79 1.15
CA ARG G 265 20.18 -35.88 2.23
C ARG G 265 19.43 -34.56 1.96
N VAL G 266 19.67 -33.58 2.82
CA VAL G 266 19.18 -32.24 2.59
C VAL G 266 20.38 -31.35 2.26
N THR G 267 20.09 -30.14 1.81
CA THR G 267 21.15 -29.22 1.44
C THR G 267 20.65 -27.79 1.59
N LEU G 268 21.56 -26.89 1.91
CA LEU G 268 21.18 -25.49 1.98
C LEU G 268 21.05 -24.96 0.57
N ALA G 269 20.26 -23.90 0.43
CA ALA G 269 19.99 -23.36 -0.89
C ALA G 269 19.53 -21.93 -0.76
N LEU G 270 20.00 -21.08 -1.68
CA LEU G 270 19.46 -19.74 -1.82
C LEU G 270 18.35 -19.82 -2.87
N ILE G 271 17.11 -19.68 -2.43
CA ILE G 271 15.96 -19.79 -3.31
C ILE G 271 15.58 -18.40 -3.78
N PRO G 272 15.90 -18.02 -5.02
CA PRO G 272 15.60 -16.67 -5.49
C PRO G 272 14.10 -16.41 -5.41
N LEU G 273 13.75 -15.13 -5.48
CA LEU G 273 12.35 -14.71 -5.53
C LEU G 273 11.61 -15.03 -4.23
N TRP G 274 11.69 -16.27 -3.76
CA TRP G 274 11.06 -16.62 -2.49
C TRP G 274 11.70 -15.87 -1.32
N ASP G 275 13.00 -15.61 -1.40
CA ASP G 275 13.74 -14.95 -0.34
C ASP G 275 13.49 -13.45 -0.26
N MET G 276 12.54 -12.93 -1.04
CA MET G 276 12.18 -11.52 -0.97
C MET G 276 11.10 -11.24 0.06
N CYS G 277 10.32 -12.27 0.42
CA CYS G 277 9.26 -12.12 1.42
C CYS G 277 9.84 -11.92 2.80
N ASN G 278 9.39 -10.86 3.50
CA ASN G 278 9.81 -10.60 4.85
C ASN G 278 8.91 -11.35 5.83
N HIS G 279 9.12 -11.11 7.13
CA HIS G 279 8.59 -11.98 8.18
C HIS G 279 7.44 -11.34 8.93
N THR G 280 6.41 -12.14 9.20
CA THR G 280 5.38 -11.85 10.20
C THR G 280 5.01 -13.18 10.85
N ASN G 281 4.59 -13.11 12.11
CA ASN G 281 4.32 -14.33 12.88
C ASN G 281 3.27 -15.22 12.19
N GLY G 282 3.28 -16.49 12.57
CA GLY G 282 2.45 -17.49 11.94
C GLY G 282 3.17 -18.82 11.81
N LEU G 283 2.83 -19.62 10.80
CA LEU G 283 3.40 -20.94 10.62
C LEU G 283 4.12 -21.02 9.28
N ILE G 284 5.06 -21.96 9.19
CA ILE G 284 5.88 -22.12 7.99
C ILE G 284 4.99 -22.70 6.88
N THR G 285 4.93 -22.00 5.75
CA THR G 285 4.08 -22.39 4.62
C THR G 285 4.87 -22.77 3.38
N THR G 286 6.20 -22.65 3.40
CA THR G 286 7.01 -22.92 2.22
C THR G 286 7.50 -24.37 2.23
N GLY G 287 7.13 -25.12 1.20
CA GLY G 287 7.53 -26.50 1.08
C GLY G 287 8.20 -26.75 -0.26
N TYR G 288 8.94 -27.85 -0.32
CA TYR G 288 9.60 -28.26 -1.55
C TYR G 288 8.89 -29.50 -2.07
N ASN G 289 8.56 -29.49 -3.36
CA ASN G 289 7.86 -30.60 -4.01
C ASN G 289 8.84 -31.31 -4.94
N LEU G 290 9.46 -32.39 -4.43
CA LEU G 290 10.42 -33.13 -5.23
C LEU G 290 9.76 -33.77 -6.44
N GLU G 291 8.51 -34.24 -6.28
CA GLU G 291 7.77 -34.79 -7.41
C GLU G 291 7.75 -33.82 -8.58
N ASP G 292 7.39 -32.55 -8.31
CA ASP G 292 7.53 -31.50 -9.31
C ASP G 292 8.94 -30.94 -9.38
N ASP G 293 9.80 -31.31 -8.43
CA ASP G 293 11.19 -30.85 -8.36
C ASP G 293 11.26 -29.32 -8.30
N ARG G 294 10.63 -28.75 -7.27
CA ARG G 294 10.53 -27.31 -7.13
C ARG G 294 10.17 -26.97 -5.70
N CYS G 295 10.22 -25.67 -5.38
CA CYS G 295 9.90 -25.17 -4.06
C CYS G 295 8.64 -24.32 -4.13
N GLU G 296 7.66 -24.63 -3.29
CA GLU G 296 6.35 -24.01 -3.35
C GLU G 296 5.96 -23.43 -1.99
N CYS G 297 5.43 -22.21 -2.01
CA CYS G 297 4.95 -21.54 -0.81
C CYS G 297 3.47 -21.23 -0.98
N VAL G 298 2.65 -21.70 -0.04
CA VAL G 298 1.22 -21.40 -0.02
C VAL G 298 1.01 -20.16 0.83
N ALA G 299 -0.08 -19.45 0.58
CA ALA G 299 -0.32 -18.20 1.28
C ALA G 299 -0.54 -18.45 2.77
N LEU G 300 0.11 -17.62 3.60
CA LEU G 300 -0.06 -17.75 5.04
C LEU G 300 -1.42 -17.21 5.47
N GLN G 301 -1.82 -16.07 4.92
CA GLN G 301 -3.10 -15.44 5.26
C GLN G 301 -3.62 -14.71 4.03
N ASP G 302 -4.69 -13.94 4.22
CA ASP G 302 -5.30 -13.20 3.12
C ASP G 302 -4.55 -11.91 2.89
N PHE G 303 -3.96 -11.77 1.70
CA PHE G 303 -3.21 -10.58 1.30
C PHE G 303 -4.03 -9.84 0.25
N ARG G 304 -4.67 -8.75 0.66
CA ARG G 304 -5.41 -7.92 -0.27
C ARG G 304 -4.46 -7.32 -1.31
N ALA G 305 -5.05 -6.74 -2.34
CA ALA G 305 -4.25 -6.06 -3.37
C ALA G 305 -3.54 -4.87 -2.74
N GLY G 306 -2.21 -4.87 -2.81
CA GLY G 306 -1.39 -3.83 -2.23
C GLY G 306 -0.84 -4.16 -0.86
N GLU G 307 -1.30 -5.23 -0.21
CA GLU G 307 -0.72 -5.66 1.05
C GLU G 307 0.51 -6.51 0.83
N GLN G 308 1.45 -6.42 1.77
CA GLN G 308 2.70 -7.16 1.66
C GLN G 308 2.47 -8.66 1.81
N ILE G 309 3.13 -9.43 0.95
CA ILE G 309 3.11 -10.87 1.05
C ILE G 309 4.17 -11.25 2.08
N TYR G 310 3.73 -11.80 3.21
CA TYR G 310 4.63 -12.31 4.23
C TYR G 310 4.81 -13.81 4.12
N ILE G 311 5.86 -14.30 4.79
CA ILE G 311 6.09 -15.71 5.04
C ILE G 311 6.59 -15.83 6.47
N PHE G 312 6.69 -17.06 6.96
CA PHE G 312 7.21 -17.32 8.29
C PHE G 312 8.64 -17.83 8.17
N TYR G 313 9.57 -17.09 8.76
CA TYR G 313 10.99 -17.44 8.65
C TYR G 313 11.39 -18.58 9.58
N GLY G 314 10.64 -18.80 10.66
CA GLY G 314 10.93 -19.89 11.57
C GLY G 314 10.69 -19.55 13.02
N THR G 315 10.73 -20.57 13.88
CA THR G 315 10.52 -20.40 15.31
C THR G 315 11.84 -20.06 16.01
N ARG G 316 12.39 -18.92 15.62
CA ARG G 316 13.68 -18.48 16.12
C ARG G 316 13.51 -17.37 17.15
N SER G 317 14.48 -17.28 18.04
CA SER G 317 14.48 -16.23 19.05
C SER G 317 14.94 -14.94 18.40
N ASN G 318 14.50 -13.83 18.98
CA ASN G 318 14.87 -12.52 18.47
C ASN G 318 16.38 -12.31 18.52
N ALA G 319 17.08 -13.05 19.39
CA ALA G 319 18.54 -13.10 19.32
C ALA G 319 18.99 -13.72 18.01
N GLU G 320 18.46 -14.91 17.67
CA GLU G 320 18.81 -15.55 16.41
C GLU G 320 18.47 -14.67 15.21
N PHE G 321 17.42 -13.86 15.31
CA PHE G 321 17.08 -12.95 14.23
C PHE G 321 18.14 -11.86 14.06
N VAL G 322 18.59 -11.27 15.16
CA VAL G 322 19.65 -10.27 15.08
C VAL G 322 20.94 -10.91 14.57
N ILE G 323 21.29 -12.09 15.11
CA ILE G 323 22.61 -12.66 14.83
C ILE G 323 22.64 -13.29 13.44
N HIS G 324 21.62 -14.09 13.10
CA HIS G 324 21.62 -14.81 11.83
C HIS G 324 20.77 -14.17 10.75
N SER G 325 19.74 -13.41 11.09
CA SER G 325 18.86 -12.81 10.08
C SER G 325 19.05 -11.32 9.90
N GLY G 326 19.41 -10.59 10.95
CA GLY G 326 19.75 -9.19 10.79
C GLY G 326 18.57 -8.25 10.91
N PHE G 327 17.68 -8.55 11.85
CA PHE G 327 16.57 -7.67 12.18
C PHE G 327 15.97 -8.14 13.49
N PHE G 328 15.14 -7.28 14.07
CA PHE G 328 14.35 -7.56 15.26
C PHE G 328 12.87 -7.47 14.91
N PHE G 329 12.15 -8.56 15.15
CA PHE G 329 10.72 -8.64 14.90
C PHE G 329 9.96 -8.29 16.17
N ASP G 330 9.15 -7.25 16.10
CA ASP G 330 8.27 -6.90 17.20
C ASP G 330 7.17 -7.95 17.35
N ASN G 331 6.77 -8.19 18.61
CA ASN G 331 5.69 -9.11 18.94
C ASN G 331 6.01 -10.55 18.55
N ASN G 332 7.30 -10.91 18.53
CA ASN G 332 7.67 -12.31 18.32
C ASN G 332 7.17 -13.14 19.49
N SER G 333 6.41 -14.19 19.18
CA SER G 333 5.89 -15.11 20.19
C SER G 333 6.87 -16.21 20.54
N HIS G 334 8.04 -16.25 19.90
CA HIS G 334 9.03 -17.29 20.12
C HIS G 334 10.34 -16.73 20.70
N ASP G 335 10.29 -15.54 21.28
CA ASP G 335 11.46 -14.97 21.93
C ASP G 335 11.82 -15.75 23.19
N ARG G 336 13.13 -15.93 23.40
CA ARG G 336 13.62 -16.65 24.56
C ARG G 336 15.09 -16.34 24.76
N VAL G 337 15.53 -16.39 26.01
CA VAL G 337 16.93 -16.20 26.39
C VAL G 337 17.44 -17.48 27.04
N LYS G 338 18.71 -17.79 26.81
CA LYS G 338 19.32 -18.94 27.41
C LYS G 338 19.63 -18.69 28.89
N ILE G 339 19.86 -19.79 29.61
CA ILE G 339 20.33 -19.74 30.99
C ILE G 339 21.09 -21.02 31.27
N LYS G 340 22.26 -20.88 31.88
CA LYS G 340 23.10 -22.04 32.20
C LYS G 340 22.74 -22.55 33.59
N LEU G 341 22.25 -23.78 33.66
CA LEU G 341 22.01 -24.46 34.92
C LEU G 341 22.67 -25.82 34.88
N GLY G 342 22.96 -26.35 36.06
CA GLY G 342 23.65 -27.62 36.15
C GLY G 342 23.62 -28.17 37.55
N VAL G 343 23.88 -29.47 37.65
CA VAL G 343 23.93 -30.16 38.93
C VAL G 343 25.33 -29.98 39.50
N SER G 344 25.41 -29.38 40.69
CA SER G 344 26.68 -29.18 41.43
C SER G 344 27.14 -30.47 42.09
N LYS G 345 28.40 -30.88 41.86
CA LYS G 345 28.96 -32.15 42.41
C LYS G 345 29.02 -32.08 43.92
N SER G 346 28.85 -30.91 44.53
CA SER G 346 28.77 -30.76 46.00
C SER G 346 27.33 -31.00 46.34
N ASP G 347 26.77 -32.11 45.86
CA ASP G 347 25.30 -32.28 45.95
C ASP G 347 25.08 -33.52 46.80
N ARG G 348 24.63 -33.37 48.04
CA ARG G 348 24.52 -34.55 48.88
C ARG G 348 23.80 -35.68 48.15
N LEU G 349 22.87 -35.32 47.26
CA LEU G 349 22.05 -36.26 46.51
C LEU G 349 22.52 -36.43 45.07
N TYR G 350 23.84 -36.38 44.85
CA TYR G 350 24.37 -36.47 43.49
C TYR G 350 24.15 -37.86 42.90
N ALA G 351 24.54 -38.90 43.62
CA ALA G 351 24.51 -40.25 43.05
C ALA G 351 23.09 -40.74 42.83
N MET G 352 22.18 -40.42 43.76
CA MET G 352 20.80 -40.87 43.60
C MET G 352 20.07 -40.11 42.49
N LYS G 353 20.45 -38.85 42.25
CA LYS G 353 19.90 -38.09 41.14
C LYS G 353 20.60 -38.39 39.82
N ALA G 354 21.80 -38.97 39.86
CA ALA G 354 22.50 -39.36 38.64
C ALA G 354 21.81 -40.49 37.89
N GLU G 355 20.89 -41.21 38.55
CA GLU G 355 20.15 -42.26 37.86
C GLU G 355 19.09 -41.67 36.94
N VAL G 356 18.33 -40.69 37.44
CA VAL G 356 17.22 -40.11 36.68
C VAL G 356 17.71 -39.51 35.38
N LEU G 357 18.89 -38.89 35.40
CA LEU G 357 19.36 -38.13 34.24
C LEU G 357 19.48 -39.02 33.00
N ALA G 358 19.92 -40.27 33.17
CA ALA G 358 19.94 -41.19 32.05
C ALA G 358 18.54 -41.71 31.72
N ARG G 359 17.68 -41.83 32.73
CA ARG G 359 16.30 -42.26 32.50
C ARG G 359 15.39 -41.10 32.10
N ALA G 360 15.70 -39.87 32.48
CA ALA G 360 14.92 -38.71 32.08
C ALA G 360 15.56 -37.90 30.95
N GLY G 361 16.61 -38.41 30.34
CA GLY G 361 17.21 -37.73 29.20
C GLY G 361 17.77 -36.35 29.50
N ILE G 362 17.92 -36.01 30.77
CA ILE G 362 18.39 -34.69 31.19
C ILE G 362 19.89 -34.76 31.43
N PRO G 363 20.69 -33.88 30.84
CA PRO G 363 22.13 -33.88 31.11
C PRO G 363 22.41 -33.30 32.49
N THR G 364 23.65 -33.54 32.96
CA THR G 364 24.06 -32.95 34.22
C THR G 364 24.03 -31.43 34.14
N SER G 365 24.25 -30.88 32.96
CA SER G 365 24.17 -29.44 32.72
C SER G 365 24.03 -29.23 31.21
N SER G 366 23.35 -28.14 30.85
CA SER G 366 23.15 -27.76 29.45
C SER G 366 22.52 -26.38 29.44
N VAL G 367 22.28 -25.88 28.23
CA VAL G 367 21.72 -24.55 28.02
C VAL G 367 20.20 -24.67 27.97
N PHE G 368 19.51 -24.01 28.88
CA PHE G 368 18.07 -23.98 28.91
C PHE G 368 17.57 -22.58 28.59
N ALA G 369 16.27 -22.47 28.29
CA ALA G 369 15.71 -21.23 27.78
C ALA G 369 14.48 -20.81 28.58
N LEU G 370 14.35 -19.50 28.80
CA LEU G 370 13.13 -18.92 29.34
C LEU G 370 12.35 -18.30 28.19
N HIS G 371 11.09 -18.69 28.04
CA HIS G 371 10.29 -18.34 26.88
C HIS G 371 9.43 -17.12 27.21
N PHE G 372 9.21 -16.27 26.21
CA PHE G 372 8.37 -15.09 26.42
C PHE G 372 6.95 -15.49 26.77
N THR G 373 6.30 -16.25 25.89
CA THR G 373 4.88 -16.53 26.04
C THR G 373 4.63 -17.63 27.06
N GLU G 374 3.44 -17.61 27.64
CA GLU G 374 3.08 -18.58 28.67
C GLU G 374 3.03 -19.99 28.08
N PRO G 375 3.63 -20.98 28.74
CA PRO G 375 4.38 -20.69 29.97
C PRO G 375 5.82 -20.30 29.69
N PRO G 376 6.35 -19.35 30.48
CA PRO G 376 7.76 -18.97 30.29
C PRO G 376 8.71 -20.13 30.49
N ILE G 377 8.38 -21.04 31.41
CA ILE G 377 9.17 -22.24 31.60
C ILE G 377 8.80 -23.28 30.56
N SER G 378 9.70 -24.22 30.31
CA SER G 378 9.42 -25.35 29.45
C SER G 378 9.02 -26.54 30.31
N ALA G 379 8.41 -27.54 29.67
CA ALA G 379 8.10 -28.76 30.38
C ALA G 379 9.35 -29.58 30.71
N GLN G 380 10.46 -29.33 30.00
CA GLN G 380 11.71 -30.03 30.27
C GLN G 380 12.61 -29.31 31.27
N LEU G 381 12.60 -27.98 31.28
CA LEU G 381 13.33 -27.24 32.31
C LEU G 381 12.67 -27.39 33.67
N LEU G 382 11.34 -27.50 33.69
CA LEU G 382 10.64 -27.83 34.92
C LEU G 382 11.09 -29.19 35.45
N ALA G 383 11.41 -30.12 34.55
CA ALA G 383 11.97 -31.40 34.94
C ALA G 383 13.39 -31.29 35.51
N PHE G 384 14.04 -30.13 35.35
CA PHE G 384 15.34 -29.90 35.98
C PHE G 384 15.17 -29.20 37.33
N LEU G 385 14.30 -28.19 37.38
CA LEU G 385 14.09 -27.47 38.62
C LEU G 385 13.40 -28.35 39.66
N ARG G 386 12.44 -29.18 39.22
CA ARG G 386 11.77 -30.10 40.13
C ARG G 386 12.77 -31.00 40.85
N VAL G 387 13.60 -31.72 40.09
CA VAL G 387 14.63 -32.59 40.67
C VAL G 387 15.73 -31.81 41.38
N PHE G 388 15.78 -30.49 41.22
CA PHE G 388 16.82 -29.67 41.83
C PHE G 388 16.56 -29.43 43.31
N CYS G 389 15.31 -29.61 43.75
CA CYS G 389 14.90 -29.29 45.09
C CYS G 389 14.36 -30.49 45.86
N MET G 390 14.39 -31.69 45.27
CA MET G 390 13.76 -32.85 45.89
C MET G 390 14.55 -33.34 47.10
N THR G 391 13.84 -34.01 48.00
CA THR G 391 14.45 -34.66 49.16
C THR G 391 14.93 -36.05 48.77
N GLU G 392 15.36 -36.84 49.76
CA GLU G 392 15.78 -38.20 49.48
C GLU G 392 14.60 -39.14 49.27
N GLU G 393 13.49 -38.89 49.96
CA GLU G 393 12.33 -39.77 49.86
C GLU G 393 11.71 -39.70 48.47
N GLU G 394 11.56 -38.50 47.92
CA GLU G 394 10.94 -38.33 46.61
C GLU G 394 11.85 -38.77 45.46
N LEU G 395 13.11 -39.06 45.74
CA LEU G 395 14.00 -39.56 44.71
C LEU G 395 13.87 -41.05 44.50
N LYS G 396 13.38 -41.78 45.50
CA LYS G 396 13.06 -43.19 45.38
C LYS G 396 11.62 -43.44 44.98
N GLU G 397 10.80 -42.39 44.96
CA GLU G 397 9.41 -42.52 44.51
C GLU G 397 9.32 -42.65 43.00
N HIS G 398 10.32 -42.14 42.28
CA HIS G 398 10.39 -42.25 40.83
C HIS G 398 11.18 -43.47 40.39
N LEU G 399 11.96 -44.07 41.29
CA LEU G 399 12.88 -45.16 40.94
C LEU G 399 12.38 -46.54 41.34
N LEU G 400 11.57 -46.66 42.40
CA LEU G 400 11.16 -47.98 42.87
C LEU G 400 9.65 -48.06 42.94
N GLY G 401 9.11 -49.20 42.48
CA GLY G 401 7.69 -49.45 42.49
C GLY G 401 7.13 -49.67 41.09
N ASP G 402 5.96 -50.27 41.00
CA ASP G 402 5.34 -50.49 39.68
C ASP G 402 4.72 -49.21 39.13
N SER G 403 4.64 -48.16 39.94
CA SER G 403 4.18 -46.85 39.50
C SER G 403 5.33 -45.86 39.37
N ALA G 404 6.57 -46.33 39.53
CA ALA G 404 7.73 -45.46 39.44
C ALA G 404 8.07 -45.10 38.01
N ILE G 405 7.64 -45.91 37.04
CA ILE G 405 7.95 -45.64 35.64
C ILE G 405 7.08 -44.51 35.09
N ASP G 406 5.84 -44.42 35.55
CA ASP G 406 4.93 -43.38 35.07
C ASP G 406 5.29 -41.99 35.59
N ARG G 407 6.08 -41.90 36.67
CA ARG G 407 6.30 -40.59 37.29
C ARG G 407 7.36 -39.77 36.55
N ILE G 408 8.43 -40.38 36.06
CA ILE G 408 9.39 -39.63 35.25
C ILE G 408 8.73 -39.19 33.96
N PHE G 409 7.77 -39.97 33.47
CA PHE G 409 7.00 -39.56 32.30
C PHE G 409 6.25 -38.27 32.58
N THR G 410 5.52 -38.23 33.69
CA THR G 410 4.77 -37.06 34.15
C THR G 410 5.64 -36.07 34.92
N LEU G 411 6.95 -36.09 34.69
CA LEU G 411 7.86 -35.15 35.36
C LEU G 411 7.69 -33.73 34.82
N GLY G 412 7.35 -33.58 33.55
CA GLY G 412 7.14 -32.26 32.98
C GLY G 412 5.74 -31.74 33.04
N ASN G 413 4.79 -32.50 33.59
CA ASN G 413 3.40 -32.07 33.66
C ASN G 413 3.21 -31.17 34.88
N SER G 414 2.81 -29.92 34.65
CA SER G 414 2.60 -28.98 35.75
C SER G 414 1.40 -29.38 36.60
N GLU G 415 0.42 -30.07 36.01
CA GLU G 415 -0.74 -30.52 36.76
C GLU G 415 -0.46 -31.78 37.58
N PHE G 416 0.69 -32.43 37.35
CA PHE G 416 1.17 -33.47 38.25
C PHE G 416 2.32 -32.92 39.09
N PRO G 417 2.05 -32.23 40.20
CA PRO G 417 3.13 -31.81 41.10
C PRO G 417 3.63 -33.00 41.92
N VAL G 418 4.94 -33.17 41.96
CA VAL G 418 5.49 -34.25 42.78
C VAL G 418 5.25 -33.96 44.26
N SER G 419 5.43 -32.71 44.68
CA SER G 419 5.10 -32.27 46.02
C SER G 419 5.02 -30.75 46.04
N TRP G 420 4.08 -30.21 46.82
CA TRP G 420 3.87 -28.76 46.84
C TRP G 420 5.10 -28.04 47.38
N ASP G 421 5.75 -28.59 48.40
CA ASP G 421 6.90 -27.91 48.98
C ASP G 421 8.03 -27.84 47.96
N ASN G 422 8.18 -28.91 47.18
CA ASN G 422 9.15 -28.89 46.10
C ASN G 422 8.83 -27.77 45.11
N GLU G 423 7.55 -27.58 44.82
CA GLU G 423 7.12 -26.56 43.87
C GLU G 423 7.53 -25.17 44.35
N VAL G 424 7.13 -24.79 45.56
CA VAL G 424 7.46 -23.46 46.08
C VAL G 424 8.97 -23.30 46.19
N LYS G 425 9.67 -24.39 46.53
CA LYS G 425 11.13 -24.34 46.62
C LYS G 425 11.75 -23.95 45.28
N LEU G 426 11.33 -24.60 44.20
CA LEU G 426 11.92 -24.33 42.89
C LEU G 426 11.54 -22.95 42.37
N TRP G 427 10.33 -22.48 42.69
CA TRP G 427 9.88 -21.18 42.19
C TRP G 427 10.59 -20.03 42.91
N THR G 428 11.00 -20.23 44.16
CA THR G 428 11.82 -19.24 44.84
C THR G 428 13.15 -19.05 44.13
N PHE G 429 13.79 -20.15 43.72
CA PHE G 429 15.05 -20.06 42.98
C PHE G 429 14.96 -19.10 41.81
N LEU G 430 13.89 -19.20 41.01
CA LEU G 430 13.78 -18.33 39.84
C LEU G 430 13.64 -16.88 40.26
N GLU G 431 12.89 -16.60 41.34
CA GLU G 431 12.90 -15.25 41.90
C GLU G 431 14.32 -14.81 42.26
N ASP G 432 15.11 -15.74 42.83
CA ASP G 432 16.47 -15.40 43.24
C ASP G 432 17.40 -15.31 42.03
N ARG G 433 17.39 -16.34 41.17
CA ARG G 433 18.32 -16.38 40.04
C ARG G 433 18.02 -15.28 39.03
N ALA G 434 16.76 -15.13 38.63
CA ALA G 434 16.42 -14.14 37.62
C ALA G 434 16.71 -12.72 38.09
N SER G 435 16.42 -12.42 39.35
CA SER G 435 16.70 -11.09 39.90
C SER G 435 18.20 -10.79 39.82
N LEU G 436 19.04 -11.81 40.09
CA LEU G 436 20.48 -11.65 39.87
C LEU G 436 20.76 -11.29 38.42
N LEU G 437 20.17 -12.04 37.47
CA LEU G 437 20.42 -11.78 36.06
C LEU G 437 19.94 -10.40 35.65
N LEU G 438 18.84 -9.91 36.24
CA LEU G 438 18.40 -8.56 35.96
C LEU G 438 19.44 -7.54 36.42
N LYS G 439 20.00 -7.77 37.62
CA LYS G 439 21.06 -6.89 38.12
C LYS G 439 22.30 -6.96 37.23
N THR G 440 22.60 -8.13 36.67
CA THR G 440 23.83 -8.29 35.89
C THR G 440 23.87 -7.37 34.68
N TYR G 441 22.72 -6.99 34.15
CA TYR G 441 22.69 -6.10 33.00
C TYR G 441 23.10 -4.70 33.44
N LYS G 442 23.82 -4.00 32.56
CA LYS G 442 24.35 -2.69 32.93
C LYS G 442 23.26 -1.63 33.07
N THR G 443 22.11 -1.81 32.43
CA THR G 443 21.04 -0.83 32.48
C THR G 443 19.75 -1.50 32.93
N THR G 444 18.69 -0.68 33.02
CA THR G 444 17.34 -1.09 33.39
C THR G 444 16.39 -0.85 32.23
N ILE G 445 15.17 -1.38 32.36
CA ILE G 445 14.14 -1.20 31.34
C ILE G 445 13.78 0.26 31.18
N GLU G 446 13.74 1.01 32.29
CA GLU G 446 13.32 2.41 32.22
C GLU G 446 14.32 3.25 31.42
N GLU G 447 15.62 3.01 31.62
CA GLU G 447 16.61 3.74 30.83
C GLU G 447 16.51 3.35 29.37
N ASP G 448 16.13 2.10 29.08
CA ASP G 448 15.99 1.65 27.70
C ASP G 448 14.74 2.25 27.05
N LYS G 449 13.70 2.51 27.85
CA LYS G 449 12.48 3.12 27.32
C LYS G 449 12.77 4.48 26.69
N SER G 450 13.55 5.32 27.40
CA SER G 450 13.80 6.67 26.92
C SER G 450 14.64 6.68 25.65
N VAL G 451 15.67 5.82 25.58
CA VAL G 451 16.56 5.83 24.43
C VAL G 451 15.83 5.43 23.16
N LEU G 452 14.83 4.55 23.26
CA LEU G 452 14.07 4.18 22.06
C LEU G 452 12.99 5.21 21.72
N LYS G 453 12.34 5.78 22.74
CA LYS G 453 11.27 6.74 22.49
C LYS G 453 11.79 8.13 22.12
N ASN G 454 12.94 8.53 22.65
CA ASN G 454 13.38 9.91 22.54
C ASN G 454 14.54 10.14 21.60
N HIS G 455 15.26 9.10 21.19
CA HIS G 455 16.35 9.25 20.24
C HIS G 455 15.90 8.84 18.84
N ASP G 456 16.61 9.34 17.84
CA ASP G 456 16.43 8.93 16.45
C ASP G 456 17.67 8.12 16.11
N LEU G 457 17.57 6.80 16.23
CA LEU G 457 18.70 5.92 16.15
C LEU G 457 18.82 5.35 14.74
N SER G 458 20.02 4.90 14.41
CA SER G 458 20.24 4.22 13.13
C SER G 458 19.43 2.93 13.10
N VAL G 459 19.24 2.40 11.89
CA VAL G 459 18.49 1.15 11.74
C VAL G 459 19.15 0.03 12.54
N ARG G 460 20.49 -0.02 12.54
CA ARG G 460 21.19 -1.06 13.27
C ARG G 460 21.23 -0.80 14.77
N ALA G 461 21.43 0.45 15.17
CA ALA G 461 21.49 0.76 16.60
C ALA G 461 20.18 0.46 17.30
N LYS G 462 19.06 0.88 16.71
CA LYS G 462 17.75 0.61 17.34
C LYS G 462 17.51 -0.89 17.48
N MET G 463 17.96 -1.69 16.51
CA MET G 463 17.77 -3.13 16.57
C MET G 463 18.46 -3.74 17.78
N ALA G 464 19.73 -3.39 18.00
CA ALA G 464 20.50 -4.01 19.08
C ALA G 464 19.95 -3.66 20.46
N ILE G 465 19.52 -2.41 20.67
CA ILE G 465 19.04 -2.01 21.99
C ILE G 465 17.71 -2.69 22.30
N LYS G 466 16.79 -2.77 21.33
CA LYS G 466 15.56 -3.50 21.56
C LYS G 466 15.85 -4.94 21.96
N LEU G 467 16.93 -5.53 21.43
CA LEU G 467 17.33 -6.87 21.83
C LEU G 467 17.72 -6.91 23.30
N ARG G 468 18.64 -6.04 23.71
CA ARG G 468 18.99 -5.97 25.12
C ARG G 468 17.78 -5.63 25.97
N LEU G 469 16.85 -4.84 25.43
CA LEU G 469 15.56 -4.65 26.09
C LEU G 469 14.75 -5.95 26.09
N GLY G 470 14.60 -6.57 24.91
CA GLY G 470 13.84 -7.81 24.80
C GLY G 470 14.27 -8.86 25.81
N GLU G 471 15.58 -9.13 25.89
CA GLU G 471 16.10 -10.07 26.87
C GLU G 471 15.61 -9.74 28.28
N LYS G 472 15.75 -8.47 28.68
CA LYS G 472 15.28 -8.05 29.99
C LYS G 472 13.77 -8.17 30.11
N GLU G 473 13.03 -7.94 29.03
CA GLU G 473 11.59 -8.07 29.08
C GLU G 473 11.16 -9.51 29.33
N ILE G 474 11.90 -10.48 28.80
CA ILE G 474 11.59 -11.89 29.03
C ILE G 474 11.75 -12.24 30.51
N LEU G 475 12.88 -11.86 31.09
CA LEU G 475 13.14 -12.21 32.49
C LEU G 475 12.12 -11.55 33.42
N GLU G 476 11.78 -10.28 33.16
CA GLU G 476 10.81 -9.59 33.99
C GLU G 476 9.47 -10.31 34.01
N LYS G 477 9.10 -10.96 32.90
CA LYS G 477 7.90 -11.79 32.89
C LYS G 477 8.13 -13.15 33.52
N ALA G 478 9.38 -13.64 33.51
CA ALA G 478 9.67 -14.89 34.19
C ALA G 478 9.57 -14.75 35.71
N VAL G 479 9.93 -13.59 36.26
CA VAL G 479 9.81 -13.38 37.70
C VAL G 479 8.35 -13.28 38.10
N LYS G 480 7.58 -12.43 37.40
CA LYS G 480 6.17 -12.26 37.73
C LYS G 480 5.41 -13.57 37.56
N SER G 481 5.77 -14.37 36.55
CA SER G 481 5.21 -15.71 36.42
C SER G 481 5.62 -16.57 37.61
N ALA G 482 6.90 -16.54 37.96
CA ALA G 482 7.35 -17.24 39.17
C ALA G 482 6.59 -16.76 40.40
N ALA G 483 6.34 -15.45 40.49
CA ALA G 483 5.61 -14.92 41.63
C ALA G 483 4.19 -15.47 41.71
N VAL G 484 3.47 -15.47 40.59
CA VAL G 484 2.10 -15.96 40.60
C VAL G 484 2.06 -17.47 40.84
N ASN G 485 3.01 -18.21 40.27
CA ASN G 485 3.06 -19.65 40.53
C ASN G 485 3.49 -19.94 41.96
N ARG G 486 4.41 -19.15 42.50
CA ARG G 486 4.81 -19.32 43.89
C ARG G 486 3.67 -18.97 44.85
N GLU G 487 3.06 -17.81 44.69
CA GLU G 487 1.95 -17.42 45.56
C GLU G 487 0.82 -18.43 45.53
N TYR G 488 0.54 -19.03 44.37
CA TYR G 488 -0.54 -20.02 44.30
C TYR G 488 -0.22 -21.22 45.17
N TYR G 489 0.94 -21.85 44.92
CA TYR G 489 1.29 -23.07 45.65
C TYR G 489 1.56 -22.81 47.14
N ARG G 490 2.04 -21.62 47.50
CA ARG G 490 2.20 -21.33 48.93
C ARG G 490 0.85 -21.16 49.62
N GLN G 491 -0.13 -20.60 48.90
CA GLN G 491 -1.50 -20.52 49.41
C GLN G 491 -2.13 -21.91 49.52
N GLN G 492 -1.61 -22.87 48.76
CA GLN G 492 -2.13 -24.24 48.76
C GLN G 492 -1.80 -24.97 50.05
N MET G 493 -0.77 -24.51 50.78
CA MET G 493 -0.32 -25.22 51.97
C MET G 493 -1.34 -25.14 53.10
N GLU G 494 -2.17 -24.08 53.13
CA GLU G 494 -3.11 -23.90 54.22
C GLU G 494 -4.26 -24.90 54.14
N GLU G 495 -4.89 -25.02 52.97
CA GLU G 495 -6.07 -25.87 52.86
C GLU G 495 -5.75 -27.35 52.98
N LYS G 496 -4.52 -27.76 52.65
CA LYS G 496 -4.09 -29.16 52.73
C LYS G 496 -4.98 -30.06 51.88
N ALA G 497 -5.22 -29.65 50.64
CA ALA G 497 -6.06 -30.40 49.73
C ALA G 497 -5.34 -31.68 49.30
N PRO G 498 -6.07 -32.66 48.77
CA PRO G 498 -5.41 -33.88 48.30
C PRO G 498 -4.85 -33.72 46.90
N GLN H 6 10.55 -42.70 -1.30
CA GLN H 6 9.65 -42.50 -0.17
C GLN H 6 8.96 -43.81 0.23
N SER H 7 9.61 -44.55 1.14
CA SER H 7 9.07 -45.80 1.63
C SER H 7 8.27 -45.64 2.92
N GLY H 8 8.45 -44.51 3.61
CA GLY H 8 7.93 -44.38 4.95
C GLY H 8 8.83 -45.04 5.96
N ALA H 9 10.06 -45.34 5.58
CA ALA H 9 11.01 -46.07 6.40
C ALA H 9 12.42 -45.76 5.92
N ILE H 10 13.39 -45.96 6.81
CA ILE H 10 14.79 -45.70 6.52
C ILE H 10 15.45 -46.99 6.06
N TYR H 11 16.06 -46.96 4.88
CA TYR H 11 16.71 -48.13 4.28
C TYR H 11 18.21 -47.88 4.24
N VAL H 12 18.93 -48.46 5.19
CA VAL H 12 20.39 -48.39 5.24
C VAL H 12 20.93 -49.79 5.40
N GLY H 13 22.00 -50.09 4.66
CA GLY H 13 22.59 -51.42 4.70
C GLY H 13 21.56 -52.51 4.50
N ASN H 14 21.69 -53.59 5.28
CA ASN H 14 20.74 -54.70 5.25
C ASN H 14 19.69 -54.58 6.35
N PHE H 15 19.24 -53.36 6.63
CA PHE H 15 18.33 -53.07 7.74
C PHE H 15 17.20 -52.17 7.26
N ARG H 16 16.03 -52.35 7.87
CA ARG H 16 14.84 -51.56 7.54
C ARG H 16 14.26 -51.05 8.85
N VAL H 17 14.22 -49.72 8.99
CA VAL H 17 13.77 -49.06 10.22
C VAL H 17 12.47 -48.31 9.93
N VAL H 18 11.50 -48.43 10.85
CA VAL H 18 10.20 -47.79 10.68
C VAL H 18 9.53 -47.75 12.06
N ASN H 19 8.53 -46.89 12.20
CA ASN H 19 7.74 -46.83 13.42
C ASN H 19 7.18 -48.20 13.78
N ARG H 20 7.23 -48.54 15.06
CA ARG H 20 6.79 -49.85 15.51
C ARG H 20 5.29 -50.07 15.30
N HIS H 21 4.50 -49.00 15.33
CA HIS H 21 3.05 -49.11 15.23
C HIS H 21 2.57 -49.16 13.79
N LEU H 22 3.46 -49.02 12.82
CA LEU H 22 3.12 -49.16 11.40
C LEU H 22 3.92 -50.28 10.73
N ALA H 23 4.61 -51.11 11.51
CA ALA H 23 5.44 -52.15 10.95
C ALA H 23 4.60 -53.28 10.37
N THR H 24 5.05 -53.83 9.25
CA THR H 24 4.40 -54.98 8.63
C THR H 24 4.83 -56.26 9.34
N HIS H 25 4.00 -57.30 9.20
CA HIS H 25 4.33 -58.61 9.77
C HIS H 25 5.69 -59.10 9.28
N ASN H 26 6.03 -58.82 8.02
CA ASN H 26 7.36 -59.20 7.53
C ASN H 26 8.46 -58.53 8.31
N ASP H 27 8.25 -57.30 8.78
CA ASP H 27 9.22 -56.67 9.68
C ASP H 27 9.34 -57.46 10.96
N TRP H 28 8.20 -57.84 11.56
CA TRP H 28 8.22 -58.71 12.72
C TRP H 28 8.73 -60.10 12.38
N ALA H 29 8.57 -60.52 11.11
CA ALA H 29 9.14 -61.79 10.68
C ALA H 29 10.65 -61.68 10.49
N ASN H 30 11.16 -60.50 10.18
CA ASN H 30 12.59 -60.26 10.03
C ASN H 30 13.08 -59.27 11.08
N LEU H 31 12.62 -59.45 12.31
CA LEU H 31 12.94 -58.54 13.40
C LEU H 31 14.41 -58.65 13.82
N VAL H 32 15.05 -57.51 14.02
CA VAL H 32 16.36 -57.46 14.64
C VAL H 32 16.31 -56.78 16.01
N TRP H 33 15.56 -55.69 16.16
CA TRP H 33 15.42 -55.03 17.46
C TRP H 33 14.19 -54.14 17.44
N GLU H 34 13.62 -53.90 18.62
CA GLU H 34 12.42 -53.09 18.78
C GLU H 34 12.48 -52.29 20.07
N ASP H 35 11.58 -51.31 20.17
CA ASP H 35 11.43 -50.49 21.38
C ASP H 35 10.06 -49.81 21.34
N SER H 36 9.20 -50.16 22.31
CA SER H 36 7.92 -49.47 22.43
C SER H 36 8.07 -48.06 23.00
N SER H 37 9.12 -47.82 23.79
CA SER H 37 9.35 -46.51 24.39
C SER H 37 9.95 -45.50 23.43
N ARG H 38 10.20 -45.88 22.18
CA ARG H 38 10.74 -44.97 21.18
C ARG H 38 9.95 -44.96 19.89
N ASP H 39 8.94 -45.82 19.74
CA ASP H 39 8.22 -46.00 18.48
C ASP H 39 9.19 -46.27 17.34
N LEU H 40 10.11 -47.21 17.58
CA LEU H 40 11.15 -47.53 16.62
C LEU H 40 11.29 -49.04 16.53
N LEU H 41 11.15 -49.58 15.34
CA LEU H 41 11.41 -50.98 15.08
C LEU H 41 12.27 -51.08 13.85
N VAL H 42 13.28 -51.94 13.90
CA VAL H 42 14.24 -52.13 12.82
C VAL H 42 14.18 -53.58 12.39
N SER H 43 14.14 -53.82 11.09
CA SER H 43 13.98 -55.16 10.54
C SER H 43 15.08 -55.45 9.53
N SER H 44 15.26 -56.73 9.24
CA SER H 44 16.29 -57.18 8.32
C SER H 44 15.77 -57.18 6.89
N THR H 45 16.59 -56.70 5.96
CA THR H 45 16.32 -56.73 4.54
C THR H 45 17.45 -57.49 3.85
N THR H 46 17.19 -57.96 2.63
CA THR H 46 18.21 -58.61 1.82
C THR H 46 19.01 -57.62 0.98
N ALA H 47 18.39 -56.52 0.57
CA ALA H 47 19.06 -55.52 -0.23
C ALA H 47 19.86 -54.55 0.65
N GLN H 48 20.66 -53.72 0.00
CA GLN H 48 21.52 -52.74 0.66
C GLN H 48 20.86 -51.37 0.49
N GLY H 49 20.28 -50.85 1.57
CA GLY H 49 19.60 -49.58 1.50
C GLY H 49 20.54 -48.43 1.19
N CYS H 50 20.01 -47.42 0.49
CA CYS H 50 20.78 -46.29 0.02
C CYS H 50 20.58 -45.04 0.86
N ASP H 51 20.10 -45.19 2.11
CA ASP H 51 20.02 -44.08 3.04
C ASP H 51 21.27 -44.06 3.91
N THR H 52 21.85 -42.88 4.09
CA THR H 52 23.02 -42.69 4.94
C THR H 52 22.59 -42.13 6.29
N ILE H 53 23.10 -42.73 7.37
CA ILE H 53 22.78 -42.25 8.70
C ILE H 53 23.65 -41.04 9.01
N ALA H 54 23.00 -39.94 9.39
CA ALA H 54 23.76 -38.79 9.86
C ALA H 54 24.30 -39.07 11.23
N ARG H 55 25.57 -38.75 11.44
CA ARG H 55 26.19 -38.78 12.76
C ARG H 55 26.42 -37.37 13.26
N CYS H 56 25.46 -36.50 13.00
CA CYS H 56 25.55 -35.09 13.34
C CYS H 56 24.72 -34.80 14.58
N ASN H 57 24.86 -33.57 15.08
CA ASN H 57 23.98 -33.02 16.09
C ASN H 57 23.14 -31.88 15.51
N CYS H 58 22.83 -31.98 14.22
CA CYS H 58 22.01 -30.99 13.54
C CYS H 58 20.68 -30.81 14.27
N GLN H 59 20.26 -29.56 14.39
CA GLN H 59 19.02 -29.24 15.09
C GLN H 59 18.05 -28.46 14.22
N THR H 60 18.35 -28.29 12.94
CA THR H 60 17.42 -27.77 11.95
C THR H 60 17.43 -28.74 10.78
N GLY H 61 16.25 -29.29 10.45
CA GLY H 61 16.14 -30.30 9.41
C GLY H 61 14.86 -30.15 8.62
N VAL H 62 14.73 -30.98 7.59
CA VAL H 62 13.58 -30.96 6.69
C VAL H 62 12.92 -32.33 6.73
N TYR H 63 11.59 -32.36 6.88
CA TYR H 63 10.85 -33.60 6.96
C TYR H 63 9.72 -33.62 5.95
N TYR H 64 9.42 -34.81 5.44
CA TYR H 64 8.30 -34.99 4.52
C TYR H 64 6.99 -35.14 5.30
N CYS H 65 5.99 -34.34 4.92
CA CYS H 65 4.64 -34.45 5.48
C CYS H 65 3.76 -35.16 4.46
N ASN H 66 3.32 -36.37 4.78
CA ASN H 66 2.50 -37.15 3.85
C ASN H 66 1.21 -36.45 3.51
N SER H 67 0.59 -35.78 4.49
CA SER H 67 -0.67 -35.09 4.23
C SER H 67 -0.50 -33.86 3.35
N ARG H 68 0.70 -33.28 3.32
CA ARG H 68 0.97 -32.13 2.48
C ARG H 68 1.73 -32.51 1.21
N ARG H 69 2.21 -33.76 1.14
CA ARG H 69 2.96 -34.28 -0.02
C ARG H 69 4.19 -33.41 -0.30
N LYS H 70 4.74 -32.80 0.74
CA LYS H 70 5.83 -31.84 0.59
C LYS H 70 6.77 -31.93 1.79
N HIS H 71 7.99 -31.44 1.59
CA HIS H 71 9.00 -31.38 2.64
C HIS H 71 8.97 -30.04 3.36
N TYR H 72 9.19 -30.08 4.67
CA TYR H 72 9.08 -28.87 5.51
C TYR H 72 10.30 -28.75 6.42
N PRO H 73 10.97 -27.60 6.44
CA PRO H 73 12.05 -27.39 7.39
C PRO H 73 11.50 -27.12 8.79
N VAL H 74 12.18 -27.67 9.79
CA VAL H 74 11.74 -27.57 11.18
C VAL H 74 12.93 -27.31 12.09
N SER H 75 12.67 -26.54 13.16
CA SER H 75 13.63 -26.34 14.24
C SER H 75 13.11 -27.15 15.42
N PHE H 76 13.85 -28.19 15.79
CA PHE H 76 13.40 -29.16 16.78
C PHE H 76 14.30 -29.17 18.00
N SER H 77 13.70 -29.48 19.15
CA SER H 77 14.41 -29.54 20.42
C SER H 77 15.20 -30.85 20.54
N LYS H 78 15.95 -30.97 21.64
CA LYS H 78 16.75 -32.14 21.90
C LYS H 78 15.87 -33.39 21.99
N PRO H 79 16.42 -34.58 21.66
CA PRO H 79 15.63 -35.82 21.78
C PRO H 79 15.30 -36.08 23.24
N SER H 80 14.08 -35.73 23.64
CA SER H 80 13.68 -35.72 25.03
C SER H 80 12.53 -36.67 25.30
N LEU H 81 12.47 -37.16 26.53
CA LEU H 81 11.30 -37.90 27.03
C LEU H 81 10.13 -36.93 27.10
N ILE H 82 9.15 -37.10 26.22
CA ILE H 82 8.06 -36.16 26.06
C ILE H 82 6.74 -36.85 26.37
N TYR H 83 5.83 -36.13 27.02
CA TYR H 83 4.50 -36.67 27.25
C TYR H 83 3.81 -36.84 25.91
N VAL H 84 3.30 -38.04 25.64
CA VAL H 84 2.51 -38.35 24.45
C VAL H 84 1.13 -38.79 24.91
N GLU H 85 0.10 -38.07 24.44
CA GLU H 85 -1.25 -38.47 24.76
C GLU H 85 -1.58 -39.81 24.13
N ALA H 86 -2.49 -40.55 24.75
CA ALA H 86 -2.90 -41.83 24.22
C ALA H 86 -3.59 -41.64 22.87
N SER H 87 -3.38 -42.59 21.97
CA SER H 87 -4.04 -42.59 20.67
C SER H 87 -4.51 -44.01 20.38
N GLU H 88 -5.00 -44.23 19.16
CA GLU H 88 -5.43 -45.56 18.76
C GLU H 88 -4.28 -46.56 18.63
N TYR H 89 -3.04 -46.13 18.86
CA TYR H 89 -1.89 -47.02 18.81
C TYR H 89 -1.27 -47.18 20.20
N TYR H 90 -0.71 -46.12 20.77
CA TYR H 90 -0.08 -46.22 22.09
C TYR H 90 -0.92 -45.50 23.15
N PRO H 91 -0.83 -45.93 24.41
CA PRO H 91 -1.38 -45.12 25.50
C PRO H 91 -0.44 -43.99 25.87
N ALA H 92 -0.63 -43.40 27.05
CA ALA H 92 0.27 -42.38 27.57
C ALA H 92 1.42 -43.08 28.29
N ARG H 93 2.51 -43.33 27.56
CA ARG H 93 3.68 -44.01 28.11
C ARG H 93 4.92 -43.20 27.78
N TYR H 94 5.94 -43.32 28.62
CA TYR H 94 7.15 -42.52 28.46
C TYR H 94 7.83 -42.84 27.13
N GLN H 95 7.95 -41.83 26.29
CA GLN H 95 8.56 -41.96 24.97
C GLN H 95 9.79 -41.07 24.92
N SER H 96 10.97 -41.69 24.91
CA SER H 96 12.23 -40.95 24.89
C SER H 96 12.68 -40.72 23.46
N HIS H 97 13.79 -39.99 23.33
CA HIS H 97 14.46 -39.78 22.05
C HIS H 97 13.50 -39.17 21.02
N LEU H 98 12.68 -38.22 21.48
CA LEU H 98 11.65 -37.59 20.67
C LEU H 98 12.01 -36.14 20.45
N MET H 99 12.45 -35.79 19.24
CA MET H 99 12.69 -34.41 18.89
C MET H 99 11.37 -33.75 18.52
N LEU H 100 11.09 -32.60 19.14
CA LEU H 100 9.82 -31.93 19.00
C LEU H 100 9.99 -30.66 18.16
N ALA H 101 9.06 -30.45 17.24
CA ALA H 101 9.13 -29.28 16.37
C ALA H 101 7.72 -28.86 15.98
N GLN H 102 7.62 -27.62 15.48
CA GLN H 102 6.36 -27.08 15.00
C GLN H 102 6.16 -27.40 13.53
N GLY H 103 4.99 -27.96 13.21
CA GLY H 103 4.63 -28.26 11.84
C GLY H 103 3.27 -28.91 11.77
N HIS H 104 2.90 -29.32 10.57
CA HIS H 104 1.66 -30.05 10.35
C HIS H 104 1.96 -31.54 10.55
N SER H 105 1.27 -32.15 11.52
CA SER H 105 1.48 -33.56 11.83
C SER H 105 0.12 -34.16 12.16
N GLU H 106 -0.36 -35.03 11.28
CA GLU H 106 -1.66 -35.66 11.39
CA GLU H 106 -1.67 -35.65 11.34
C GLU H 106 -1.51 -37.14 11.09
N PRO H 107 -2.51 -37.96 11.46
CA PRO H 107 -2.44 -39.39 11.12
C PRO H 107 -2.19 -39.60 9.64
N GLY H 108 -1.27 -40.52 9.35
CA GLY H 108 -0.79 -40.77 8.01
C GLY H 108 0.53 -40.12 7.67
N ASP H 109 0.89 -39.04 8.38
CA ASP H 109 2.20 -38.43 8.22
C ASP H 109 3.28 -39.16 9.00
N ALA H 110 2.90 -40.07 9.90
CA ALA H 110 3.87 -40.94 10.54
C ALA H 110 4.63 -41.74 9.49
N GLY H 111 5.95 -41.59 9.48
CA GLY H 111 6.79 -42.18 8.46
C GLY H 111 7.62 -41.18 7.69
N GLY H 112 7.36 -39.88 7.83
CA GLY H 112 8.17 -38.87 7.18
C GLY H 112 9.59 -38.88 7.70
N ILE H 113 10.56 -38.92 6.80
CA ILE H 113 11.95 -39.08 7.18
C ILE H 113 12.57 -37.70 7.39
N LEU H 114 13.01 -37.42 8.61
CA LEU H 114 13.68 -36.16 8.92
C LEU H 114 15.19 -36.34 8.74
N ARG H 115 15.82 -35.36 8.12
CA ARG H 115 17.23 -35.47 7.75
C ARG H 115 17.99 -34.20 8.11
N CYS H 116 19.27 -34.36 8.43
CA CYS H 116 20.21 -33.27 8.66
C CYS H 116 21.22 -32.27 8.11
N GLN H 117 21.82 -32.63 6.97
CA GLN H 117 22.85 -31.81 6.35
C GLN H 117 23.79 -32.98 6.14
N HIS H 118 24.01 -33.79 7.17
CA HIS H 118 24.88 -34.95 7.14
C HIS H 118 24.13 -36.26 6.93
N GLY H 119 22.81 -36.21 6.71
CA GLY H 119 22.03 -37.40 6.44
C GLY H 119 20.74 -37.49 7.24
N VAL H 120 20.24 -38.71 7.47
CA VAL H 120 18.93 -38.90 8.10
C VAL H 120 19.01 -38.64 9.60
N VAL H 121 18.01 -37.94 10.13
CA VAL H 121 17.92 -37.61 11.55
C VAL H 121 16.94 -38.54 12.27
N GLY H 122 15.71 -38.55 11.82
CA GLY H 122 14.68 -39.33 12.46
C GLY H 122 13.51 -39.61 11.55
N ILE H 123 12.39 -39.96 12.16
CA ILE H 123 11.17 -40.30 11.44
C ILE H 123 9.99 -39.83 12.29
N VAL H 124 8.96 -39.31 11.61
CA VAL H 124 7.80 -38.79 12.32
C VAL H 124 7.14 -39.92 13.10
N SER H 125 6.80 -39.64 14.35
CA SER H 125 6.18 -40.61 15.24
C SER H 125 4.90 -40.10 15.89
N THR H 126 4.88 -38.86 16.35
CA THR H 126 3.76 -38.29 17.07
C THR H 126 3.28 -37.03 16.38
N GLY H 127 2.09 -36.58 16.75
CA GLY H 127 1.54 -35.36 16.20
C GLY H 127 0.48 -34.78 17.11
N GLY H 128 0.02 -33.60 16.74
CA GLY H 128 -1.03 -32.93 17.50
C GLY H 128 -0.63 -31.55 17.96
N ASN H 129 -1.63 -30.67 18.11
CA ASN H 129 -1.42 -29.31 18.61
C ASN H 129 -0.46 -28.50 17.75
N GLY H 130 -0.47 -28.74 16.44
CA GLY H 130 0.45 -28.03 15.56
C GLY H 130 1.90 -28.38 15.76
N LEU H 131 2.20 -29.46 16.47
CA LEU H 131 3.55 -29.91 16.72
C LEU H 131 3.80 -31.24 16.01
N VAL H 132 5.07 -31.55 15.80
CA VAL H 132 5.49 -32.79 15.16
C VAL H 132 6.64 -33.37 15.96
N GLY H 133 6.53 -34.66 16.29
CA GLY H 133 7.55 -35.34 17.06
C GLY H 133 8.36 -36.26 16.16
N PHE H 134 9.67 -36.25 16.33
CA PHE H 134 10.58 -37.07 15.56
C PHE H 134 11.33 -38.03 16.49
N ALA H 135 11.28 -39.32 16.16
CA ALA H 135 12.05 -40.32 16.90
C ALA H 135 13.48 -40.37 16.33
N ASP H 136 14.46 -40.13 17.19
CA ASP H 136 15.85 -40.08 16.74
C ASP H 136 16.34 -41.47 16.33
N VAL H 137 17.30 -41.49 15.40
CA VAL H 137 17.97 -42.72 15.01
C VAL H 137 19.48 -42.59 15.07
N ARG H 138 20.02 -41.36 15.14
CA ARG H 138 21.46 -41.15 15.11
C ARG H 138 22.17 -41.92 16.22
N ASP H 139 21.56 -42.00 17.41
CA ASP H 139 22.18 -42.72 18.52
C ASP H 139 22.34 -44.20 18.21
N LEU H 140 21.48 -44.71 17.34
CA LEU H 140 21.52 -46.13 16.93
C LEU H 140 22.69 -46.29 15.98
N LEU H 141 23.91 -46.10 16.47
CA LEU H 141 25.15 -46.19 15.65
C LEU H 141 25.39 -47.65 15.22
N TRP H 142 24.69 -48.61 15.82
CA TRP H 142 24.83 -50.05 15.46
C TRP H 142 24.06 -50.30 14.15
N LEU H 143 23.27 -49.33 13.68
CA LEU H 143 22.55 -49.44 12.39
C LEU H 143 23.45 -48.83 11.31
N ASP H 144 24.64 -49.37 11.10
CA ASP H 144 25.61 -48.86 10.08
C ASP H 144 26.13 -50.04 9.26
N GLU H 145 27.23 -49.88 8.51
CA GLU H 145 27.78 -50.94 7.69
C GLU H 145 28.58 -51.91 8.55
N GLU H 146 28.69 -53.13 8.06
CA GLU H 146 29.45 -54.16 8.76
C GLU H 146 30.90 -54.18 8.31
N SAH I . -17.06 5.58 -4.52
CA SAH I . -17.12 6.99 -4.06
CB SAH I . -18.21 7.80 -4.83
CG SAH I . -17.72 9.13 -5.40
SD SAH I . -17.83 10.52 -4.26
C SAH I . -17.41 6.95 -2.57
O SAH I . -17.33 5.84 -2.01
OXT SAH I . -17.68 8.03 -2.02
C5' SAH I . -16.21 11.32 -4.32
C4' SAH I . -15.04 10.35 -4.22
O4' SAH I . -14.83 9.54 -5.46
C3' SAH I . -13.65 11.00 -4.24
O3' SAH I . -13.39 11.68 -3.03
C2' SAH I . -12.72 9.78 -4.44
O2' SAH I . -12.49 9.06 -3.26
C1' SAH I . -13.54 8.95 -5.43
N9 SAH I . -12.98 8.92 -6.76
C8 SAH I . -13.55 9.51 -7.87
N7 SAH I . -12.79 9.28 -8.95
C5 SAH I . -11.70 8.52 -8.48
C6 SAH I . -10.58 7.98 -9.13
N6 SAH I . -10.35 8.12 -10.42
N1 SAH I . -9.68 7.27 -8.37
C2 SAH I . -9.92 7.12 -7.09
N3 SAH I . -10.95 7.58 -6.38
C4 SAH I . -11.82 8.29 -7.14
H3 SAH I . -16.81 5.56 -5.39
HN1 SAH I . -17.87 5.19 -4.44
HN2 SAH I . -16.44 5.11 -4.02
HA SAH I . -16.24 7.39 -4.19
HB1 SAH I . -18.95 7.98 -4.25
HB2 SAH I . -18.55 7.25 -5.56
HG1 SAH I . -18.27 9.35 -6.19
HG2 SAH I . -16.80 9.02 -5.68
H5'1 SAH I . -16.16 11.95 -3.60
H5'2 SAH I . -16.13 11.79 -5.14
H4' SAH I . -15.13 9.85 -3.39
H3' SAH I . -13.57 11.62 -4.99
HO3' SAH I . -12.92 11.17 -2.54
H2' SAH I . -11.85 10.04 -4.83
HO2' SAH I . -11.70 8.72 -3.29
H1' SAH I . -13.59 8.02 -5.09
H8 SAH I . -14.33 9.99 -7.92
HN61 SAH I . -9.63 7.76 -10.76
HN62 SAH I . -10.92 8.59 -10.91
H2 SAH I . -9.27 6.62 -6.61
ZN ZN J . -21.13 34.79 -7.51
ZN ZN K . -29.92 11.20 59.68
ZN ZN L . 24.23 -15.01 -64.42
ZN ZN M . 24.38 -33.59 9.92
#